data_6LMH
# 
_entry.id   6LMH 
# 
_audit_conform.dict_name       mmcif_pdbx.dic 
_audit_conform.dict_version    5.387 
_audit_conform.dict_location   http://mmcif.pdb.org/dictionaries/ascii/mmcif_pdbx.dic 
# 
loop_
_database_2.database_id 
_database_2.database_code 
_database_2.pdbx_database_accession 
_database_2.pdbx_DOI 
PDB   6LMH         pdb_00006lmh 10.2210/pdb6lmh/pdb 
WWPDB D_1300015060 ?            ?                   
# 
loop_
_pdbx_audit_revision_history.ordinal 
_pdbx_audit_revision_history.data_content_type 
_pdbx_audit_revision_history.major_revision 
_pdbx_audit_revision_history.minor_revision 
_pdbx_audit_revision_history.revision_date 
1 'Structure model' 1 0 2020-05-13 
2 'Structure model' 1 1 2020-06-03 
3 'Structure model' 1 2 2024-03-27 
# 
_pdbx_audit_revision_details.ordinal             1 
_pdbx_audit_revision_details.revision_ordinal    1 
_pdbx_audit_revision_details.data_content_type   'Structure model' 
_pdbx_audit_revision_details.provider            repository 
_pdbx_audit_revision_details.type                'Initial release' 
_pdbx_audit_revision_details.description         ? 
_pdbx_audit_revision_details.details             ? 
# 
loop_
_pdbx_audit_revision_group.ordinal 
_pdbx_audit_revision_group.revision_ordinal 
_pdbx_audit_revision_group.data_content_type 
_pdbx_audit_revision_group.group 
1 2 'Structure model' 'Database references' 
2 3 'Structure model' 'Data collection'     
3 3 'Structure model' 'Database references' 
# 
loop_
_pdbx_audit_revision_category.ordinal 
_pdbx_audit_revision_category.revision_ordinal 
_pdbx_audit_revision_category.data_content_type 
_pdbx_audit_revision_category.category 
1 2 'Structure model' citation        
2 2 'Structure model' citation_author 
3 3 'Structure model' chem_comp_atom  
4 3 'Structure model' chem_comp_bond  
5 3 'Structure model' database_2      
# 
loop_
_pdbx_audit_revision_item.ordinal 
_pdbx_audit_revision_item.revision_ordinal 
_pdbx_audit_revision_item.data_content_type 
_pdbx_audit_revision_item.item 
1 2 'Structure model' '_citation.journal_volume'            
2 2 'Structure model' '_citation.page_first'                
3 2 'Structure model' '_citation.page_last'                 
4 2 'Structure model' '_citation_author.identifier_ORCID'   
5 3 'Structure model' '_database_2.pdbx_DOI'                
6 3 'Structure model' '_database_2.pdbx_database_accession' 
# 
_pdbx_database_status.status_code                     REL 
_pdbx_database_status.status_code_sf                  REL 
_pdbx_database_status.status_code_mr                  ? 
_pdbx_database_status.entry_id                        6LMH 
_pdbx_database_status.recvd_initial_deposition_date   2019-12-25 
_pdbx_database_status.SG_entry                        N 
_pdbx_database_status.deposit_site                    PDBJ 
_pdbx_database_status.process_site                    PDBJ 
_pdbx_database_status.status_code_cs                  ? 
_pdbx_database_status.status_code_nmr_data            ? 
_pdbx_database_status.methods_development_category    ? 
_pdbx_database_status.pdb_format_compatible           Y 
# 
loop_
_audit_author.name 
_audit_author.pdbx_ordinal 
_audit_author.identifier_ORCID 
'Wang, H.' 1 ? 
'Qi, J.'   2 ? 
'Chai, Y.' 3 ? 
'Gao, F.'  4 ? 
# 
_citation.abstract                  ? 
_citation.abstract_id_CAS           ? 
_citation.book_id_ISBN              ? 
_citation.book_publisher            ? 
_citation.book_publisher_city       ? 
_citation.book_title                ? 
_citation.coordinate_linkage        ? 
_citation.country                   US 
_citation.database_id_Medline       ? 
_citation.details                   ? 
_citation.id                        primary 
_citation.journal_abbrev            Proc.Natl.Acad.Sci.USA 
_citation.journal_id_ASTM           PNASA6 
_citation.journal_id_CSD            0040 
_citation.journal_id_ISSN           1091-6490 
_citation.journal_full              ? 
_citation.journal_issue             ? 
_citation.journal_volume            117 
_citation.language                  ? 
_citation.page_first                11000 
_citation.page_last                 11009 
_citation.title                     
'The structural basis of African swine fever virus pA104R binding to DNA and its inhibition by stilbene derivatives.' 
_citation.year                      2020 
_citation.database_id_CSD           ? 
_citation.pdbx_database_id_DOI      10.1073/pnas.1922523117 
_citation.pdbx_database_id_PubMed   32358196 
_citation.unpublished_flag          ? 
# 
loop_
_citation_author.citation_id 
_citation_author.name 
_citation_author.ordinal 
_citation_author.identifier_ORCID 
primary 'Liu, R.'   1  ? 
primary 'Sun, Y.'   2  ? 
primary 'Chai, Y.'  3  ? 
primary 'Li, S.'    4  ? 
primary 'Li, S.'    5  ? 
primary 'Wang, L.'  6  ? 
primary 'Su, J.'    7  ? 
primary 'Yu, S.'    8  ? 
primary 'Yan, J.'   9  ? 
primary 'Gao, F.'   10 ? 
primary 'Zhang, G.' 11 ? 
primary 'Qiu, H.J.' 12 ? 
primary 'Gao, G.F.' 13 ? 
primary 'Qi, J.'    14 ? 
primary 'Wang, H.'  15 ? 
# 
_entity.id                         1 
_entity.type                       polymer 
_entity.src_method                 man 
_entity.pdbx_description           pA104R 
_entity.formula_weight             12459.636 
_entity.pdbx_number_of_molecules   2 
_entity.pdbx_ec                    ? 
_entity.pdbx_mutation              ? 
_entity.pdbx_fragment              ? 
_entity.details                    ? 
# 
_entity_name_com.entity_id   1 
_entity_name_com.name        'pA104R, A104R CDS protein,BA71V-A104R,Histone-like protein,PA104R' 
# 
_entity_poly.entity_id                      1 
_entity_poly.type                           'polypeptide(L)' 
_entity_poly.nstd_linkage                   no 
_entity_poly.nstd_monomer                   no 
_entity_poly.pdbx_seq_one_letter_code       
;HHHHHHMSTKKKPTITKQELYSLVAADTQLNKALIERIFTSQQKIIQNALKHNQEVIIPPGIKFTVVTVKAKPARQGHNP
ATGEPIQIKAKPEHKAVKIRALKPVHDMLN
;
_entity_poly.pdbx_seq_one_letter_code_can   
;HHHHHHMSTKKKPTITKQELYSLVAADTQLNKALIERIFTSQQKIIQNALKHNQEVIIPPGIKFTVVTVKAKPARQGHNP
ATGEPIQIKAKPEHKAVKIRALKPVHDMLN
;
_entity_poly.pdbx_strand_id                 A,B 
_entity_poly.pdbx_target_identifier         ? 
# 
loop_
_entity_poly_seq.entity_id 
_entity_poly_seq.num 
_entity_poly_seq.mon_id 
_entity_poly_seq.hetero 
1 1   HIS n 
1 2   HIS n 
1 3   HIS n 
1 4   HIS n 
1 5   HIS n 
1 6   HIS n 
1 7   MET n 
1 8   SER n 
1 9   THR n 
1 10  LYS n 
1 11  LYS n 
1 12  LYS n 
1 13  PRO n 
1 14  THR n 
1 15  ILE n 
1 16  THR n 
1 17  LYS n 
1 18  GLN n 
1 19  GLU n 
1 20  LEU n 
1 21  TYR n 
1 22  SER n 
1 23  LEU n 
1 24  VAL n 
1 25  ALA n 
1 26  ALA n 
1 27  ASP n 
1 28  THR n 
1 29  GLN n 
1 30  LEU n 
1 31  ASN n 
1 32  LYS n 
1 33  ALA n 
1 34  LEU n 
1 35  ILE n 
1 36  GLU n 
1 37  ARG n 
1 38  ILE n 
1 39  PHE n 
1 40  THR n 
1 41  SER n 
1 42  GLN n 
1 43  GLN n 
1 44  LYS n 
1 45  ILE n 
1 46  ILE n 
1 47  GLN n 
1 48  ASN n 
1 49  ALA n 
1 50  LEU n 
1 51  LYS n 
1 52  HIS n 
1 53  ASN n 
1 54  GLN n 
1 55  GLU n 
1 56  VAL n 
1 57  ILE n 
1 58  ILE n 
1 59  PRO n 
1 60  PRO n 
1 61  GLY n 
1 62  ILE n 
1 63  LYS n 
1 64  PHE n 
1 65  THR n 
1 66  VAL n 
1 67  VAL n 
1 68  THR n 
1 69  VAL n 
1 70  LYS n 
1 71  ALA n 
1 72  LYS n 
1 73  PRO n 
1 74  ALA n 
1 75  ARG n 
1 76  GLN n 
1 77  GLY n 
1 78  HIS n 
1 79  ASN n 
1 80  PRO n 
1 81  ALA n 
1 82  THR n 
1 83  GLY n 
1 84  GLU n 
1 85  PRO n 
1 86  ILE n 
1 87  GLN n 
1 88  ILE n 
1 89  LYS n 
1 90  ALA n 
1 91  LYS n 
1 92  PRO n 
1 93  GLU n 
1 94  HIS n 
1 95  LYS n 
1 96  ALA n 
1 97  VAL n 
1 98  LYS n 
1 99  ILE n 
1 100 ARG n 
1 101 ALA n 
1 102 LEU n 
1 103 LYS n 
1 104 PRO n 
1 105 VAL n 
1 106 HIS n 
1 107 ASP n 
1 108 MET n 
1 109 LEU n 
1 110 ASN n 
# 
_entity_src_gen.entity_id                          1 
_entity_src_gen.pdbx_src_id                        1 
_entity_src_gen.pdbx_alt_source_flag               sample 
_entity_src_gen.pdbx_seq_type                      'Biological sequence' 
_entity_src_gen.pdbx_beg_seq_num                   1 
_entity_src_gen.pdbx_end_seq_num                   110 
_entity_src_gen.gene_src_common_name               ASFV 
_entity_src_gen.gene_src_genus                     ? 
_entity_src_gen.pdbx_gene_src_gene                 'A104R, A104R CDS, BA71V-A104R, AFSV47Ss_0056, ASFV-Georgia_4-058' 
_entity_src_gen.gene_src_species                   ? 
_entity_src_gen.gene_src_strain                    ? 
_entity_src_gen.gene_src_tissue                    ? 
_entity_src_gen.gene_src_tissue_fraction           ? 
_entity_src_gen.gene_src_details                   ? 
_entity_src_gen.pdbx_gene_src_fragment             ? 
_entity_src_gen.pdbx_gene_src_scientific_name      'African swine fever virus' 
_entity_src_gen.pdbx_gene_src_ncbi_taxonomy_id     10497 
_entity_src_gen.pdbx_gene_src_variant              ? 
_entity_src_gen.pdbx_gene_src_cell_line            ? 
_entity_src_gen.pdbx_gene_src_atcc                 ? 
_entity_src_gen.pdbx_gene_src_organ                ? 
_entity_src_gen.pdbx_gene_src_organelle            ? 
_entity_src_gen.pdbx_gene_src_cell                 ? 
_entity_src_gen.pdbx_gene_src_cellular_location    ? 
_entity_src_gen.host_org_common_name               ? 
_entity_src_gen.pdbx_host_org_scientific_name      'Escherichia coli' 
_entity_src_gen.pdbx_host_org_ncbi_taxonomy_id     562 
_entity_src_gen.host_org_genus                     ? 
_entity_src_gen.pdbx_host_org_gene                 ? 
_entity_src_gen.pdbx_host_org_organ                ? 
_entity_src_gen.host_org_species                   ? 
_entity_src_gen.pdbx_host_org_tissue               ? 
_entity_src_gen.pdbx_host_org_tissue_fraction      ? 
_entity_src_gen.pdbx_host_org_strain               ? 
_entity_src_gen.pdbx_host_org_variant              ? 
_entity_src_gen.pdbx_host_org_cell_line            ? 
_entity_src_gen.pdbx_host_org_atcc                 ? 
_entity_src_gen.pdbx_host_org_culture_collection   ? 
_entity_src_gen.pdbx_host_org_cell                 ? 
_entity_src_gen.pdbx_host_org_organelle            ? 
_entity_src_gen.pdbx_host_org_cellular_location    ? 
_entity_src_gen.pdbx_host_org_vector_type          ? 
_entity_src_gen.pdbx_host_org_vector               ? 
_entity_src_gen.host_org_details                   ? 
_entity_src_gen.expression_system_id               ? 
_entity_src_gen.plasmid_name                       ? 
_entity_src_gen.plasmid_details                    ? 
_entity_src_gen.pdbx_description                   ? 
# 
loop_
_chem_comp.id 
_chem_comp.type 
_chem_comp.mon_nstd_flag 
_chem_comp.name 
_chem_comp.pdbx_synonyms 
_chem_comp.formula 
_chem_comp.formula_weight 
ALA 'L-peptide linking' y ALANINE         ? 'C3 H7 N O2'     89.093  
ARG 'L-peptide linking' y ARGININE        ? 'C6 H15 N4 O2 1' 175.209 
ASN 'L-peptide linking' y ASPARAGINE      ? 'C4 H8 N2 O3'    132.118 
ASP 'L-peptide linking' y 'ASPARTIC ACID' ? 'C4 H7 N O4'     133.103 
GLN 'L-peptide linking' y GLUTAMINE       ? 'C5 H10 N2 O3'   146.144 
GLU 'L-peptide linking' y 'GLUTAMIC ACID' ? 'C5 H9 N O4'     147.129 
GLY 'peptide linking'   y GLYCINE         ? 'C2 H5 N O2'     75.067  
HIS 'L-peptide linking' y HISTIDINE       ? 'C6 H10 N3 O2 1' 156.162 
ILE 'L-peptide linking' y ISOLEUCINE      ? 'C6 H13 N O2'    131.173 
LEU 'L-peptide linking' y LEUCINE         ? 'C6 H13 N O2'    131.173 
LYS 'L-peptide linking' y LYSINE          ? 'C6 H15 N2 O2 1' 147.195 
MET 'L-peptide linking' y METHIONINE      ? 'C5 H11 N O2 S'  149.211 
PHE 'L-peptide linking' y PHENYLALANINE   ? 'C9 H11 N O2'    165.189 
PRO 'L-peptide linking' y PROLINE         ? 'C5 H9 N O2'     115.130 
SER 'L-peptide linking' y SERINE          ? 'C3 H7 N O3'     105.093 
THR 'L-peptide linking' y THREONINE       ? 'C4 H9 N O3'     119.119 
TYR 'L-peptide linking' y TYROSINE        ? 'C9 H11 N O3'    181.189 
VAL 'L-peptide linking' y VALINE          ? 'C5 H11 N O2'    117.146 
# 
loop_
_pdbx_poly_seq_scheme.asym_id 
_pdbx_poly_seq_scheme.entity_id 
_pdbx_poly_seq_scheme.seq_id 
_pdbx_poly_seq_scheme.mon_id 
_pdbx_poly_seq_scheme.ndb_seq_num 
_pdbx_poly_seq_scheme.pdb_seq_num 
_pdbx_poly_seq_scheme.auth_seq_num 
_pdbx_poly_seq_scheme.pdb_mon_id 
_pdbx_poly_seq_scheme.auth_mon_id 
_pdbx_poly_seq_scheme.pdb_strand_id 
_pdbx_poly_seq_scheme.pdb_ins_code 
_pdbx_poly_seq_scheme.hetero 
A 1 1   HIS 1   1   ?   ?   ?   A . n 
A 1 2   HIS 2   2   ?   ?   ?   A . n 
A 1 3   HIS 3   3   ?   ?   ?   A . n 
A 1 4   HIS 4   4   ?   ?   ?   A . n 
A 1 5   HIS 5   5   ?   ?   ?   A . n 
A 1 6   HIS 6   6   ?   ?   ?   A . n 
A 1 7   MET 7   7   ?   ?   ?   A . n 
A 1 8   SER 8   8   ?   ?   ?   A . n 
A 1 9   THR 9   9   ?   ?   ?   A . n 
A 1 10  LYS 10  10  ?   ?   ?   A . n 
A 1 11  LYS 11  11  ?   ?   ?   A . n 
A 1 12  LYS 12  12  12  LYS LYS A . n 
A 1 13  PRO 13  13  13  PRO PRO A . n 
A 1 14  THR 14  14  14  THR THR A . n 
A 1 15  ILE 15  15  15  ILE ILE A . n 
A 1 16  THR 16  16  16  THR THR A . n 
A 1 17  LYS 17  17  17  LYS LYS A . n 
A 1 18  GLN 18  18  18  GLN GLN A . n 
A 1 19  GLU 19  19  19  GLU GLU A . n 
A 1 20  LEU 20  20  20  LEU LEU A . n 
A 1 21  TYR 21  21  21  TYR TYR A . n 
A 1 22  SER 22  22  22  SER SER A . n 
A 1 23  LEU 23  23  23  LEU LEU A . n 
A 1 24  VAL 24  24  24  VAL VAL A . n 
A 1 25  ALA 25  25  25  ALA ALA A . n 
A 1 26  ALA 26  26  26  ALA ALA A . n 
A 1 27  ASP 27  27  27  ASP ASP A . n 
A 1 28  THR 28  28  28  THR THR A . n 
A 1 29  GLN 29  29  29  GLN GLN A . n 
A 1 30  LEU 30  30  30  LEU LEU A . n 
A 1 31  ASN 31  31  31  ASN ASN A . n 
A 1 32  LYS 32  32  32  LYS LYS A . n 
A 1 33  ALA 33  33  33  ALA ALA A . n 
A 1 34  LEU 34  34  34  LEU LEU A . n 
A 1 35  ILE 35  35  35  ILE ILE A . n 
A 1 36  GLU 36  36  36  GLU GLU A . n 
A 1 37  ARG 37  37  37  ARG ARG A . n 
A 1 38  ILE 38  38  38  ILE ILE A . n 
A 1 39  PHE 39  39  39  PHE PHE A . n 
A 1 40  THR 40  40  40  THR THR A . n 
A 1 41  SER 41  41  41  SER SER A . n 
A 1 42  GLN 42  42  42  GLN GLN A . n 
A 1 43  GLN 43  43  43  GLN GLN A . n 
A 1 44  LYS 44  44  44  LYS LYS A . n 
A 1 45  ILE 45  45  45  ILE ILE A . n 
A 1 46  ILE 46  46  46  ILE ILE A . n 
A 1 47  GLN 47  47  47  GLN GLN A . n 
A 1 48  ASN 48  48  48  ASN ASN A . n 
A 1 49  ALA 49  49  49  ALA ALA A . n 
A 1 50  LEU 50  50  50  LEU LEU A . n 
A 1 51  LYS 51  51  51  LYS LYS A . n 
A 1 52  HIS 52  52  52  HIS HIS A . n 
A 1 53  ASN 53  53  53  ASN ASN A . n 
A 1 54  GLN 54  54  54  GLN GLN A . n 
A 1 55  GLU 55  55  55  GLU GLU A . n 
A 1 56  VAL 56  56  56  VAL VAL A . n 
A 1 57  ILE 57  57  57  ILE ILE A . n 
A 1 58  ILE 58  58  58  ILE ILE A . n 
A 1 59  PRO 59  59  59  PRO PRO A . n 
A 1 60  PRO 60  60  60  PRO PRO A . n 
A 1 61  GLY 61  61  61  GLY GLY A . n 
A 1 62  ILE 62  62  62  ILE ILE A . n 
A 1 63  LYS 63  63  63  LYS LYS A . n 
A 1 64  PHE 64  64  64  PHE PHE A . n 
A 1 65  THR 65  65  65  THR THR A . n 
A 1 66  VAL 66  66  66  VAL VAL A . n 
A 1 67  VAL 67  67  67  VAL VAL A . n 
A 1 68  THR 68  68  68  THR THR A . n 
A 1 69  VAL 69  69  69  VAL VAL A . n 
A 1 70  LYS 70  70  70  LYS LYS A . n 
A 1 71  ALA 71  71  71  ALA ALA A . n 
A 1 72  LYS 72  72  72  LYS LYS A . n 
A 1 73  PRO 73  73  73  PRO PRO A . n 
A 1 74  ALA 74  74  74  ALA ALA A . n 
A 1 75  ARG 75  75  75  ARG ARG A . n 
A 1 76  GLN 76  76  76  GLN GLN A . n 
A 1 77  GLY 77  77  77  GLY GLY A . n 
A 1 78  HIS 78  78  78  HIS HIS A . n 
A 1 79  ASN 79  79  79  ASN ASN A . n 
A 1 80  PRO 80  80  80  PRO PRO A . n 
A 1 81  ALA 81  81  81  ALA ALA A . n 
A 1 82  THR 82  82  82  THR THR A . n 
A 1 83  GLY 83  83  83  GLY GLY A . n 
A 1 84  GLU 84  84  84  GLU GLU A . n 
A 1 85  PRO 85  85  85  PRO PRO A . n 
A 1 86  ILE 86  86  86  ILE ILE A . n 
A 1 87  GLN 87  87  87  GLN GLN A . n 
A 1 88  ILE 88  88  88  ILE ILE A . n 
A 1 89  LYS 89  89  89  LYS LYS A . n 
A 1 90  ALA 90  90  90  ALA ALA A . n 
A 1 91  LYS 91  91  91  LYS LYS A . n 
A 1 92  PRO 92  92  92  PRO PRO A . n 
A 1 93  GLU 93  93  93  GLU GLU A . n 
A 1 94  HIS 94  94  94  HIS HIS A . n 
A 1 95  LYS 95  95  95  LYS LYS A . n 
A 1 96  ALA 96  96  96  ALA ALA A . n 
A 1 97  VAL 97  97  97  VAL VAL A . n 
A 1 98  LYS 98  98  98  LYS LYS A . n 
A 1 99  ILE 99  99  99  ILE ILE A . n 
A 1 100 ARG 100 100 100 ARG ARG A . n 
A 1 101 ALA 101 101 101 ALA ALA A . n 
A 1 102 LEU 102 102 102 LEU LEU A . n 
A 1 103 LYS 103 103 103 LYS LYS A . n 
A 1 104 PRO 104 104 104 PRO PRO A . n 
A 1 105 VAL 105 105 105 VAL VAL A . n 
A 1 106 HIS 106 106 106 HIS HIS A . n 
A 1 107 ASP 107 107 107 ASP ASP A . n 
A 1 108 MET 108 108 108 MET MET A . n 
A 1 109 LEU 109 109 109 LEU LEU A . n 
A 1 110 ASN 110 110 110 ASN ASN A . n 
B 1 1   HIS 1   1   ?   ?   ?   B . n 
B 1 2   HIS 2   2   ?   ?   ?   B . n 
B 1 3   HIS 3   3   ?   ?   ?   B . n 
B 1 4   HIS 4   4   ?   ?   ?   B . n 
B 1 5   HIS 5   5   ?   ?   ?   B . n 
B 1 6   HIS 6   6   ?   ?   ?   B . n 
B 1 7   MET 7   7   ?   ?   ?   B . n 
B 1 8   SER 8   8   ?   ?   ?   B . n 
B 1 9   THR 9   9   ?   ?   ?   B . n 
B 1 10  LYS 10  10  ?   ?   ?   B . n 
B 1 11  LYS 11  11  ?   ?   ?   B . n 
B 1 12  LYS 12  12  12  LYS LYS B . n 
B 1 13  PRO 13  13  13  PRO PRO B . n 
B 1 14  THR 14  14  14  THR THR B . n 
B 1 15  ILE 15  15  15  ILE ILE B . n 
B 1 16  THR 16  16  16  THR THR B . n 
B 1 17  LYS 17  17  17  LYS LYS B . n 
B 1 18  GLN 18  18  18  GLN GLN B . n 
B 1 19  GLU 19  19  19  GLU GLU B . n 
B 1 20  LEU 20  20  20  LEU LEU B . n 
B 1 21  TYR 21  21  21  TYR TYR B . n 
B 1 22  SER 22  22  22  SER SER B . n 
B 1 23  LEU 23  23  23  LEU LEU B . n 
B 1 24  VAL 24  24  24  VAL VAL B . n 
B 1 25  ALA 25  25  25  ALA ALA B . n 
B 1 26  ALA 26  26  26  ALA ALA B . n 
B 1 27  ASP 27  27  27  ASP ASP B . n 
B 1 28  THR 28  28  28  THR THR B . n 
B 1 29  GLN 29  29  29  GLN GLN B . n 
B 1 30  LEU 30  30  30  LEU LEU B . n 
B 1 31  ASN 31  31  31  ASN ASN B . n 
B 1 32  LYS 32  32  32  LYS LYS B . n 
B 1 33  ALA 33  33  33  ALA ALA B . n 
B 1 34  LEU 34  34  34  LEU LEU B . n 
B 1 35  ILE 35  35  35  ILE ILE B . n 
B 1 36  GLU 36  36  36  GLU GLU B . n 
B 1 37  ARG 37  37  37  ARG ARG B . n 
B 1 38  ILE 38  38  38  ILE ILE B . n 
B 1 39  PHE 39  39  39  PHE PHE B . n 
B 1 40  THR 40  40  40  THR THR B . n 
B 1 41  SER 41  41  41  SER SER B . n 
B 1 42  GLN 42  42  42  GLN GLN B . n 
B 1 43  GLN 43  43  43  GLN GLN B . n 
B 1 44  LYS 44  44  44  LYS LYS B . n 
B 1 45  ILE 45  45  45  ILE ILE B . n 
B 1 46  ILE 46  46  46  ILE ILE B . n 
B 1 47  GLN 47  47  47  GLN GLN B . n 
B 1 48  ASN 48  48  48  ASN ASN B . n 
B 1 49  ALA 49  49  49  ALA ALA B . n 
B 1 50  LEU 50  50  50  LEU LEU B . n 
B 1 51  LYS 51  51  51  LYS LYS B . n 
B 1 52  HIS 52  52  52  HIS HIS B . n 
B 1 53  ASN 53  53  53  ASN ASN B . n 
B 1 54  GLN 54  54  54  GLN GLN B . n 
B 1 55  GLU 55  55  55  GLU GLU B . n 
B 1 56  VAL 56  56  56  VAL VAL B . n 
B 1 57  ILE 57  57  57  ILE ILE B . n 
B 1 58  ILE 58  58  58  ILE ILE B . n 
B 1 59  PRO 59  59  59  PRO PRO B . n 
B 1 60  PRO 60  60  60  PRO PRO B . n 
B 1 61  GLY 61  61  61  GLY GLY B . n 
B 1 62  ILE 62  62  62  ILE ILE B . n 
B 1 63  LYS 63  63  63  LYS LYS B . n 
B 1 64  PHE 64  64  64  PHE PHE B . n 
B 1 65  THR 65  65  65  THR THR B . n 
B 1 66  VAL 66  66  66  VAL VAL B . n 
B 1 67  VAL 67  67  67  VAL VAL B . n 
B 1 68  THR 68  68  68  THR THR B . n 
B 1 69  VAL 69  69  69  VAL VAL B . n 
B 1 70  LYS 70  70  70  LYS LYS B . n 
B 1 71  ALA 71  71  71  ALA ALA B . n 
B 1 72  LYS 72  72  72  LYS LYS B . n 
B 1 73  PRO 73  73  73  PRO PRO B . n 
B 1 74  ALA 74  74  74  ALA ALA B . n 
B 1 75  ARG 75  75  75  ARG ARG B . n 
B 1 76  GLN 76  76  76  GLN GLN B . n 
B 1 77  GLY 77  77  77  GLY GLY B . n 
B 1 78  HIS 78  78  78  HIS HIS B . n 
B 1 79  ASN 79  79  79  ASN ASN B . n 
B 1 80  PRO 80  80  80  PRO PRO B . n 
B 1 81  ALA 81  81  81  ALA ALA B . n 
B 1 82  THR 82  82  82  THR THR B . n 
B 1 83  GLY 83  83  83  GLY GLY B . n 
B 1 84  GLU 84  84  84  GLU GLU B . n 
B 1 85  PRO 85  85  85  PRO PRO B . n 
B 1 86  ILE 86  86  86  ILE ILE B . n 
B 1 87  GLN 87  87  87  GLN GLN B . n 
B 1 88  ILE 88  88  88  ILE ILE B . n 
B 1 89  LYS 89  89  89  LYS LYS B . n 
B 1 90  ALA 90  90  90  ALA ALA B . n 
B 1 91  LYS 91  91  91  LYS LYS B . n 
B 1 92  PRO 92  92  92  PRO PRO B . n 
B 1 93  GLU 93  93  93  GLU GLU B . n 
B 1 94  HIS 94  94  94  HIS HIS B . n 
B 1 95  LYS 95  95  95  LYS LYS B . n 
B 1 96  ALA 96  96  96  ALA ALA B . n 
B 1 97  VAL 97  97  97  VAL VAL B . n 
B 1 98  LYS 98  98  98  LYS LYS B . n 
B 1 99  ILE 99  99  99  ILE ILE B . n 
B 1 100 ARG 100 100 100 ARG ARG B . n 
B 1 101 ALA 101 101 101 ALA ALA B . n 
B 1 102 LEU 102 102 102 LEU LEU B . n 
B 1 103 LYS 103 103 103 LYS LYS B . n 
B 1 104 PRO 104 104 104 PRO PRO B . n 
B 1 105 VAL 105 105 105 VAL VAL B . n 
B 1 106 HIS 106 106 106 HIS HIS B . n 
B 1 107 ASP 107 107 107 ASP ASP B . n 
B 1 108 MET 108 108 108 MET MET B . n 
B 1 109 LEU 109 109 109 LEU LEU B . n 
B 1 110 ASN 110 110 110 ASN ASN B . n 
# 
loop_
_software.citation_id 
_software.classification 
_software.compiler_name 
_software.compiler_version 
_software.contact_author 
_software.contact_author_email 
_software.date 
_software.description 
_software.dependencies 
_software.hardware 
_software.language 
_software.location 
_software.mods 
_software.name 
_software.os 
_software.os_version 
_software.type 
_software.version 
_software.pdbx_ordinal 
? refinement       ? ? ? ? ? ? ? ? ? ? ? PHENIX   ? ? ? '(1.15.2_3472: ???)' 1 
? 'data reduction' ? ? ? ? ? ? ? ? ? ? ? HKL-2000 ? ? ? .                    2 
? 'data scaling'   ? ? ? ? ? ? ? ? ? ? ? HKL-2000 ? ? ? .                    3 
? phasing          ? ? ? ? ? ? ? ? ? ? ? PHASES   ? ? ? .                    4 
# 
_cell.angle_alpha                  90.00 
_cell.angle_alpha_esd              ? 
_cell.angle_beta                   90.00 
_cell.angle_beta_esd               ? 
_cell.angle_gamma                  120.00 
_cell.angle_gamma_esd              ? 
_cell.entry_id                     6LMH 
_cell.details                      ? 
_cell.formula_units_Z              ? 
_cell.length_a                     58.618 
_cell.length_a_esd                 ? 
_cell.length_b                     58.618 
_cell.length_b_esd                 ? 
_cell.length_c                     150.596 
_cell.length_c_esd                 ? 
_cell.volume                       ? 
_cell.volume_esd                   ? 
_cell.Z_PDB                        12 
_cell.reciprocal_angle_alpha       ? 
_cell.reciprocal_angle_beta        ? 
_cell.reciprocal_angle_gamma       ? 
_cell.reciprocal_angle_alpha_esd   ? 
_cell.reciprocal_angle_beta_esd    ? 
_cell.reciprocal_angle_gamma_esd   ? 
_cell.reciprocal_length_a          ? 
_cell.reciprocal_length_b          ? 
_cell.reciprocal_length_c          ? 
_cell.reciprocal_length_a_esd      ? 
_cell.reciprocal_length_b_esd      ? 
_cell.reciprocal_length_c_esd      ? 
_cell.pdbx_unique_axis             ? 
# 
_symmetry.entry_id                         6LMH 
_symmetry.cell_setting                     ? 
_symmetry.Int_Tables_number                154 
_symmetry.space_group_name_Hall            ? 
_symmetry.space_group_name_H-M             'P 32 2 1' 
_symmetry.pdbx_full_space_group_name_H-M   ? 
# 
_exptl.absorpt_coefficient_mu     ? 
_exptl.absorpt_correction_T_max   ? 
_exptl.absorpt_correction_T_min   ? 
_exptl.absorpt_correction_type    ? 
_exptl.absorpt_process_details    ? 
_exptl.entry_id                   6LMH 
_exptl.crystals_number            1 
_exptl.details                    ? 
_exptl.method                     'X-RAY DIFFRACTION' 
_exptl.method_details             ? 
# 
_exptl_crystal.colour                      ? 
_exptl_crystal.density_diffrn              ? 
_exptl_crystal.density_Matthews            3.00 
_exptl_crystal.density_method              ? 
_exptl_crystal.density_percent_sol         58.96 
_exptl_crystal.description                 ? 
_exptl_crystal.F_000                       ? 
_exptl_crystal.id                          1 
_exptl_crystal.preparation                 ? 
_exptl_crystal.size_max                    ? 
_exptl_crystal.size_mid                    ? 
_exptl_crystal.size_min                    ? 
_exptl_crystal.size_rad                    ? 
_exptl_crystal.colour_lustre               ? 
_exptl_crystal.colour_modifier             ? 
_exptl_crystal.colour_primary              ? 
_exptl_crystal.density_meas                ? 
_exptl_crystal.density_meas_esd            ? 
_exptl_crystal.density_meas_gt             ? 
_exptl_crystal.density_meas_lt             ? 
_exptl_crystal.density_meas_temp           ? 
_exptl_crystal.density_meas_temp_esd       ? 
_exptl_crystal.density_meas_temp_gt        ? 
_exptl_crystal.density_meas_temp_lt        ? 
_exptl_crystal.pdbx_crystal_image_url      ? 
_exptl_crystal.pdbx_crystal_image_format   ? 
_exptl_crystal.pdbx_mosaicity              ? 
_exptl_crystal.pdbx_mosaicity_esd          ? 
# 
_exptl_crystal_grow.apparatus       ? 
_exptl_crystal_grow.atmosphere      ? 
_exptl_crystal_grow.crystal_id      1 
_exptl_crystal_grow.details         ? 
_exptl_crystal_grow.method          'VAPOR DIFFUSION, SITTING DROP' 
_exptl_crystal_grow.method_ref      ? 
_exptl_crystal_grow.pH              4.5 
_exptl_crystal_grow.pressure        ? 
_exptl_crystal_grow.pressure_esd    ? 
_exptl_crystal_grow.seeding         ? 
_exptl_crystal_grow.seeding_ref     ? 
_exptl_crystal_grow.temp            291 
_exptl_crystal_grow.temp_details    ? 
_exptl_crystal_grow.temp_esd        ? 
_exptl_crystal_grow.time            ? 
_exptl_crystal_grow.pdbx_details    '0.1 M citric acid, pH 4.5, 2.4 M ammonium sulfate' 
_exptl_crystal_grow.pdbx_pH_range   ? 
# 
_diffrn.ambient_environment              ? 
_diffrn.ambient_temp                     100 
_diffrn.ambient_temp_details             ? 
_diffrn.ambient_temp_esd                 ? 
_diffrn.crystal_id                       1 
_diffrn.crystal_support                  ? 
_diffrn.crystal_treatment                ? 
_diffrn.details                          ? 
_diffrn.id                               1 
_diffrn.ambient_pressure                 ? 
_diffrn.ambient_pressure_esd             ? 
_diffrn.ambient_pressure_gt              ? 
_diffrn.ambient_pressure_lt              ? 
_diffrn.ambient_temp_gt                  ? 
_diffrn.ambient_temp_lt                  ? 
_diffrn.pdbx_serial_crystal_experiment   N 
# 
_diffrn_detector.details                      ? 
_diffrn_detector.detector                     PIXEL 
_diffrn_detector.diffrn_id                    1 
_diffrn_detector.type                         'DECTRIS PILATUS3 S 6M' 
_diffrn_detector.area_resol_mean              ? 
_diffrn_detector.dtime                        ? 
_diffrn_detector.pdbx_frames_total            ? 
_diffrn_detector.pdbx_collection_time_total   ? 
_diffrn_detector.pdbx_collection_date         2019-03-15 
_diffrn_detector.pdbx_frequency               ? 
# 
_diffrn_radiation.collimation                      ? 
_diffrn_radiation.diffrn_id                        1 
_diffrn_radiation.filter_edge                      ? 
_diffrn_radiation.inhomogeneity                    ? 
_diffrn_radiation.monochromator                    ? 
_diffrn_radiation.polarisn_norm                    ? 
_diffrn_radiation.polarisn_ratio                   ? 
_diffrn_radiation.probe                            ? 
_diffrn_radiation.type                             ? 
_diffrn_radiation.xray_symbol                      ? 
_diffrn_radiation.wavelength_id                    1 
_diffrn_radiation.pdbx_monochromatic_or_laue_m_l   M 
_diffrn_radiation.pdbx_wavelength_list             ? 
_diffrn_radiation.pdbx_wavelength                  ? 
_diffrn_radiation.pdbx_diffrn_protocol             'SINGLE WAVELENGTH' 
_diffrn_radiation.pdbx_analyzer                    ? 
_diffrn_radiation.pdbx_scattering_type             x-ray 
# 
_diffrn_radiation_wavelength.id           1 
_diffrn_radiation_wavelength.wavelength   0.979 
_diffrn_radiation_wavelength.wt           1.0 
# 
_diffrn_source.current                     ? 
_diffrn_source.details                     ? 
_diffrn_source.diffrn_id                   1 
_diffrn_source.power                       ? 
_diffrn_source.size                        ? 
_diffrn_source.source                      SYNCHROTRON 
_diffrn_source.target                      ? 
_diffrn_source.type                        'SSRF BEAMLINE BL19U1' 
_diffrn_source.voltage                     ? 
_diffrn_source.take-off_angle              ? 
_diffrn_source.pdbx_wavelength_list        0.979 
_diffrn_source.pdbx_wavelength             ? 
_diffrn_source.pdbx_synchrotron_beamline   BL19U1 
_diffrn_source.pdbx_synchrotron_site       SSRF 
# 
_reflns.B_iso_Wilson_estimate            ? 
_reflns.entry_id                         6LMH 
_reflns.data_reduction_details           ? 
_reflns.data_reduction_method            ? 
_reflns.d_resolution_high                2.80 
_reflns.d_resolution_low                 50 
_reflns.details                          ? 
_reflns.limit_h_max                      ? 
_reflns.limit_h_min                      ? 
_reflns.limit_k_max                      ? 
_reflns.limit_k_min                      ? 
_reflns.limit_l_max                      ? 
_reflns.limit_l_min                      ? 
_reflns.number_all                       ? 
_reflns.number_obs                       7855 
_reflns.observed_criterion               ? 
_reflns.observed_criterion_F_max         ? 
_reflns.observed_criterion_F_min         ? 
_reflns.observed_criterion_I_max         ? 
_reflns.observed_criterion_I_min         ? 
_reflns.observed_criterion_sigma_F       ? 
_reflns.observed_criterion_sigma_I       ? 
_reflns.percent_possible_obs             99.6 
_reflns.R_free_details                   ? 
_reflns.Rmerge_F_all                     ? 
_reflns.Rmerge_F_obs                     ? 
_reflns.Friedel_coverage                 ? 
_reflns.number_gt                        ? 
_reflns.threshold_expression             ? 
_reflns.pdbx_redundancy                  18.8 
_reflns.pdbx_Rmerge_I_obs                ? 
_reflns.pdbx_Rmerge_I_all                ? 
_reflns.pdbx_Rsym_value                  ? 
_reflns.pdbx_netI_over_av_sigmaI         ? 
_reflns.pdbx_netI_over_sigmaI            48.133 
_reflns.pdbx_res_netI_over_av_sigmaI_2   ? 
_reflns.pdbx_res_netI_over_sigmaI_2      ? 
_reflns.pdbx_chi_squared                 ? 
_reflns.pdbx_scaling_rejects             ? 
_reflns.pdbx_d_res_high_opt              ? 
_reflns.pdbx_d_res_low_opt               ? 
_reflns.pdbx_d_res_opt_method            ? 
_reflns.phase_calculation_details        ? 
_reflns.pdbx_Rrim_I_all                  ? 
_reflns.pdbx_Rpim_I_all                  ? 
_reflns.pdbx_d_opt                       ? 
_reflns.pdbx_number_measured_all         ? 
_reflns.pdbx_diffrn_id                   1 
_reflns.pdbx_ordinal                     1 
_reflns.pdbx_CC_half                     0.983 
_reflns.pdbx_CC_star                     ? 
_reflns.pdbx_R_split                     ? 
# 
_reflns_shell.d_res_high                  2.80 
_reflns_shell.d_res_low                   2.90 
_reflns_shell.meanI_over_sigI_all         ? 
_reflns_shell.meanI_over_sigI_obs         ? 
_reflns_shell.number_measured_all         ? 
_reflns_shell.number_measured_obs         ? 
_reflns_shell.number_possible             ? 
_reflns_shell.number_unique_all           ? 
_reflns_shell.number_unique_obs           754 
_reflns_shell.percent_possible_all        ? 
_reflns_shell.percent_possible_obs        ? 
_reflns_shell.Rmerge_F_all                ? 
_reflns_shell.Rmerge_F_obs                ? 
_reflns_shell.Rmerge_I_all                ? 
_reflns_shell.Rmerge_I_obs                ? 
_reflns_shell.meanI_over_sigI_gt          ? 
_reflns_shell.meanI_over_uI_all           ? 
_reflns_shell.meanI_over_uI_gt            ? 
_reflns_shell.number_measured_gt          ? 
_reflns_shell.number_unique_gt            ? 
_reflns_shell.percent_possible_gt         ? 
_reflns_shell.Rmerge_F_gt                 ? 
_reflns_shell.Rmerge_I_gt                 ? 
_reflns_shell.pdbx_redundancy             ? 
_reflns_shell.pdbx_Rsym_value             ? 
_reflns_shell.pdbx_chi_squared            ? 
_reflns_shell.pdbx_netI_over_sigmaI_all   ? 
_reflns_shell.pdbx_netI_over_sigmaI_obs   ? 
_reflns_shell.pdbx_Rrim_I_all             ? 
_reflns_shell.pdbx_Rpim_I_all             ? 
_reflns_shell.pdbx_rejects                ? 
_reflns_shell.pdbx_ordinal                1 
_reflns_shell.pdbx_diffrn_id              1 
_reflns_shell.pdbx_CC_half                0.953 
_reflns_shell.pdbx_CC_star                ? 
_reflns_shell.pdbx_R_split                ? 
# 
_refine.aniso_B[1][1]                            ? 
_refine.aniso_B[1][2]                            ? 
_refine.aniso_B[1][3]                            ? 
_refine.aniso_B[2][2]                            ? 
_refine.aniso_B[2][3]                            ? 
_refine.aniso_B[3][3]                            ? 
_refine.B_iso_max                                ? 
_refine.B_iso_mean                               ? 
_refine.B_iso_min                                ? 
_refine.correlation_coeff_Fo_to_Fc               ? 
_refine.correlation_coeff_Fo_to_Fc_free          ? 
_refine.details                                  ? 
_refine.diff_density_max                         ? 
_refine.diff_density_max_esd                     ? 
_refine.diff_density_min                         ? 
_refine.diff_density_min_esd                     ? 
_refine.diff_density_rms                         ? 
_refine.diff_density_rms_esd                     ? 
_refine.entry_id                                 6LMH 
_refine.pdbx_refine_id                           'X-RAY DIFFRACTION' 
_refine.ls_abs_structure_details                 ? 
_refine.ls_abs_structure_Flack                   ? 
_refine.ls_abs_structure_Flack_esd               ? 
_refine.ls_abs_structure_Rogers                  ? 
_refine.ls_abs_structure_Rogers_esd              ? 
_refine.ls_d_res_high                            2.805 
_refine.ls_d_res_low                             42.092 
_refine.ls_extinction_coef                       ? 
_refine.ls_extinction_coef_esd                   ? 
_refine.ls_extinction_expression                 ? 
_refine.ls_extinction_method                     ? 
_refine.ls_goodness_of_fit_all                   ? 
_refine.ls_goodness_of_fit_all_esd               ? 
_refine.ls_goodness_of_fit_obs                   ? 
_refine.ls_goodness_of_fit_obs_esd               ? 
_refine.ls_hydrogen_treatment                    ? 
_refine.ls_matrix_type                           ? 
_refine.ls_number_constraints                    ? 
_refine.ls_number_parameters                     ? 
_refine.ls_number_reflns_all                     ? 
_refine.ls_number_reflns_obs                     7551 
_refine.ls_number_reflns_R_free                  393 
_refine.ls_number_reflns_R_work                  ? 
_refine.ls_number_restraints                     ? 
_refine.ls_percent_reflns_obs                    96.36 
_refine.ls_percent_reflns_R_free                 5.20 
_refine.ls_R_factor_all                          ? 
_refine.ls_R_factor_obs                          0.2558 
_refine.ls_R_factor_R_free                       0.2991 
_refine.ls_R_factor_R_free_error                 ? 
_refine.ls_R_factor_R_free_error_details         ? 
_refine.ls_R_factor_R_work                       0.2533 
_refine.ls_R_Fsqd_factor_obs                     ? 
_refine.ls_R_I_factor_obs                        ? 
_refine.ls_redundancy_reflns_all                 ? 
_refine.ls_redundancy_reflns_obs                 ? 
_refine.ls_restrained_S_all                      ? 
_refine.ls_restrained_S_obs                      ? 
_refine.ls_shift_over_esd_max                    ? 
_refine.ls_shift_over_esd_mean                   ? 
_refine.ls_structure_factor_coef                 ? 
_refine.ls_weighting_details                     ? 
_refine.ls_weighting_scheme                      ? 
_refine.ls_wR_factor_all                         ? 
_refine.ls_wR_factor_obs                         ? 
_refine.ls_wR_factor_R_free                      ? 
_refine.ls_wR_factor_R_work                      ? 
_refine.occupancy_max                            ? 
_refine.occupancy_min                            ? 
_refine.solvent_model_details                    ? 
_refine.solvent_model_param_bsol                 ? 
_refine.solvent_model_param_ksol                 ? 
_refine.pdbx_R_complete                          ? 
_refine.ls_R_factor_gt                           ? 
_refine.ls_goodness_of_fit_gt                    ? 
_refine.ls_goodness_of_fit_ref                   ? 
_refine.ls_shift_over_su_max                     ? 
_refine.ls_shift_over_su_max_lt                  ? 
_refine.ls_shift_over_su_mean                    ? 
_refine.ls_shift_over_su_mean_lt                 ? 
_refine.pdbx_ls_sigma_I                          ? 
_refine.pdbx_ls_sigma_F                          1.34 
_refine.pdbx_ls_sigma_Fsqd                       ? 
_refine.pdbx_data_cutoff_high_absF               ? 
_refine.pdbx_data_cutoff_high_rms_absF           ? 
_refine.pdbx_data_cutoff_low_absF                ? 
_refine.pdbx_isotropic_thermal_model             ? 
_refine.pdbx_ls_cross_valid_method               'FREE R-VALUE' 
_refine.pdbx_method_to_determine_struct          SAD 
_refine.pdbx_starting_model                      ? 
_refine.pdbx_stereochemistry_target_values       ? 
_refine.pdbx_R_Free_selection_details            ? 
_refine.pdbx_stereochem_target_val_spec_case     ? 
_refine.pdbx_overall_ESU_R                       ? 
_refine.pdbx_overall_ESU_R_Free                  ? 
_refine.pdbx_solvent_vdw_probe_radii             1.11 
_refine.pdbx_solvent_ion_probe_radii             ? 
_refine.pdbx_solvent_shrinkage_radii             0.90 
_refine.pdbx_real_space_R                        ? 
_refine.pdbx_density_correlation                 ? 
_refine.pdbx_pd_number_of_powder_patterns        ? 
_refine.pdbx_pd_number_of_points                 ? 
_refine.pdbx_pd_meas_number_of_points            ? 
_refine.pdbx_pd_proc_ls_prof_R_factor            ? 
_refine.pdbx_pd_proc_ls_prof_wR_factor           ? 
_refine.pdbx_pd_Marquardt_correlation_coeff      ? 
_refine.pdbx_pd_Fsqrd_R_factor                   ? 
_refine.pdbx_pd_ls_matrix_band_width             ? 
_refine.pdbx_overall_phase_error                 31.17 
_refine.pdbx_overall_SU_R_free_Cruickshank_DPI   ? 
_refine.pdbx_overall_SU_R_free_Blow_DPI          ? 
_refine.pdbx_overall_SU_R_Blow_DPI               ? 
_refine.pdbx_TLS_residual_ADP_flag               ? 
_refine.pdbx_diffrn_id                           1 
_refine.overall_SU_B                             ? 
_refine.overall_SU_ML                            0.43 
_refine.overall_SU_R_Cruickshank_DPI             ? 
_refine.overall_SU_R_free                        ? 
_refine.overall_FOM_free_R_set                   ? 
_refine.overall_FOM_work_R_set                   ? 
_refine.pdbx_average_fsc_overall                 ? 
_refine.pdbx_average_fsc_work                    ? 
_refine.pdbx_average_fsc_free                    ? 
# 
_refine_hist.pdbx_refine_id                   'X-RAY DIFFRACTION' 
_refine_hist.cycle_id                         LAST 
_refine_hist.details                          ? 
_refine_hist.d_res_high                       2.805 
_refine_hist.d_res_low                        42.092 
_refine_hist.number_atoms_solvent             0 
_refine_hist.number_atoms_total               1554 
_refine_hist.number_reflns_all                ? 
_refine_hist.number_reflns_obs                ? 
_refine_hist.number_reflns_R_free             ? 
_refine_hist.number_reflns_R_work             ? 
_refine_hist.R_factor_all                     ? 
_refine_hist.R_factor_obs                     ? 
_refine_hist.R_factor_R_free                  ? 
_refine_hist.R_factor_R_work                  ? 
_refine_hist.pdbx_number_residues_total       ? 
_refine_hist.pdbx_B_iso_mean_ligand           ? 
_refine_hist.pdbx_B_iso_mean_solvent          ? 
_refine_hist.pdbx_number_atoms_protein        1554 
_refine_hist.pdbx_number_atoms_nucleic_acid   0 
_refine_hist.pdbx_number_atoms_ligand         0 
_refine_hist.pdbx_number_atoms_lipid          ? 
_refine_hist.pdbx_number_atoms_carb           ? 
_refine_hist.pdbx_pseudo_atom_details         ? 
# 
loop_
_refine_ls_restr.pdbx_refine_id 
_refine_ls_restr.criterion 
_refine_ls_restr.dev_ideal 
_refine_ls_restr.dev_ideal_target 
_refine_ls_restr.number 
_refine_ls_restr.rejects 
_refine_ls_restr.type 
_refine_ls_restr.weight 
_refine_ls_restr.pdbx_restraint_function 
'X-RAY DIFFRACTION' ? 0.009  ? 1582 ? f_bond_d           ? ? 
'X-RAY DIFFRACTION' ? 0.905  ? 2140 ? f_angle_d          ? ? 
'X-RAY DIFFRACTION' ? 18.975 ? 624  ? f_dihedral_angle_d ? ? 
'X-RAY DIFFRACTION' ? 0.060  ? 256  ? f_chiral_restr     ? ? 
'X-RAY DIFFRACTION' ? 0.006  ? 272  ? f_plane_restr      ? ? 
# 
loop_
_refine_ls_shell.pdbx_refine_id 
_refine_ls_shell.d_res_high 
_refine_ls_shell.d_res_low 
_refine_ls_shell.number_reflns_all 
_refine_ls_shell.number_reflns_obs 
_refine_ls_shell.number_reflns_R_free 
_refine_ls_shell.number_reflns_R_work 
_refine_ls_shell.percent_reflns_obs 
_refine_ls_shell.percent_reflns_R_free 
_refine_ls_shell.R_factor_all 
_refine_ls_shell.R_factor_obs 
_refine_ls_shell.R_factor_R_free 
_refine_ls_shell.R_factor_R_free_error 
_refine_ls_shell.R_factor_R_work 
_refine_ls_shell.redundancy_reflns_all 
_refine_ls_shell.redundancy_reflns_obs 
_refine_ls_shell.wR_factor_all 
_refine_ls_shell.wR_factor_obs 
_refine_ls_shell.wR_factor_R_free 
_refine_ls_shell.wR_factor_R_work 
_refine_ls_shell.pdbx_R_complete 
_refine_ls_shell.pdbx_total_number_of_bins_used 
_refine_ls_shell.pdbx_phase_error 
_refine_ls_shell.pdbx_fsc_work 
_refine_ls_shell.pdbx_fsc_free 
'X-RAY DIFFRACTION' 2.805  3.2106 . . 106 2156 89     . . . 0.3597 . 0.2997 . . . . . . . . . . . 
'X-RAY DIFFRACTION' 3.2106 4.0446 . . 156 2420 100.00 . . . 0.3273 . 0.2677 . . . . . . . . . . . 
'X-RAY DIFFRACTION' 4.0446 42.09  . . 131 2582 100    . . . 0.2584 . 0.2276 . . . . . . . . . . . 
# 
_struct.entry_id                     6LMH 
_struct.title                        'Structure of an ASFV-derived histone-like protein pA104R' 
_struct.pdbx_model_details           ? 
_struct.pdbx_formula_weight          ? 
_struct.pdbx_formula_weight_method   ? 
_struct.pdbx_model_type_details      ? 
_struct.pdbx_CASP_flag               N 
# 
_struct_keywords.entry_id        6LMH 
_struct_keywords.text            'apo state, DNA BINDING PROTEIN' 
_struct_keywords.pdbx_keywords   'DNA BINDING PROTEIN' 
# 
loop_
_struct_asym.id 
_struct_asym.pdbx_blank_PDB_chainid_flag 
_struct_asym.pdbx_modified 
_struct_asym.entity_id 
_struct_asym.details 
A N N 1 ? 
B N N 1 ? 
# 
_struct_ref.id                         1 
_struct_ref.db_name                    UNP 
_struct_ref.db_code                    A0A0A1E0L7_ASF 
_struct_ref.pdbx_db_accession          A0A0A1E0L7 
_struct_ref.pdbx_db_isoform            ? 
_struct_ref.entity_id                  1 
_struct_ref.pdbx_seq_one_letter_code   
;MSTKKKPTITKQELYSLVAADTQLNKALIERIFTSQQKIIQNALKHNQEVIIPPGIKFTVVTVKAKPARQGHNPATGEPI
QIKAKPEHKAVKIRALKPVHDMLN
;
_struct_ref.pdbx_align_begin           1 
# 
loop_
_struct_ref_seq.align_id 
_struct_ref_seq.ref_id 
_struct_ref_seq.pdbx_PDB_id_code 
_struct_ref_seq.pdbx_strand_id 
_struct_ref_seq.seq_align_beg 
_struct_ref_seq.pdbx_seq_align_beg_ins_code 
_struct_ref_seq.seq_align_end 
_struct_ref_seq.pdbx_seq_align_end_ins_code 
_struct_ref_seq.pdbx_db_accession 
_struct_ref_seq.db_align_beg 
_struct_ref_seq.pdbx_db_align_beg_ins_code 
_struct_ref_seq.db_align_end 
_struct_ref_seq.pdbx_db_align_end_ins_code 
_struct_ref_seq.pdbx_auth_seq_align_beg 
_struct_ref_seq.pdbx_auth_seq_align_end 
1 1 6LMH A 7 ? 110 ? A0A0A1E0L7 1 ? 104 ? 7 110 
2 1 6LMH B 7 ? 110 ? A0A0A1E0L7 1 ? 104 ? 7 110 
# 
loop_
_struct_ref_seq_dif.align_id 
_struct_ref_seq_dif.pdbx_pdb_id_code 
_struct_ref_seq_dif.mon_id 
_struct_ref_seq_dif.pdbx_pdb_strand_id 
_struct_ref_seq_dif.seq_num 
_struct_ref_seq_dif.pdbx_pdb_ins_code 
_struct_ref_seq_dif.pdbx_seq_db_name 
_struct_ref_seq_dif.pdbx_seq_db_accession_code 
_struct_ref_seq_dif.db_mon_id 
_struct_ref_seq_dif.pdbx_seq_db_seq_num 
_struct_ref_seq_dif.details 
_struct_ref_seq_dif.pdbx_auth_seq_num 
_struct_ref_seq_dif.pdbx_ordinal 
1 6LMH HIS A 1 ? UNP A0A0A1E0L7 ? ? 'expression tag' 1 1  
1 6LMH HIS A 2 ? UNP A0A0A1E0L7 ? ? 'expression tag' 2 2  
1 6LMH HIS A 3 ? UNP A0A0A1E0L7 ? ? 'expression tag' 3 3  
1 6LMH HIS A 4 ? UNP A0A0A1E0L7 ? ? 'expression tag' 4 4  
1 6LMH HIS A 5 ? UNP A0A0A1E0L7 ? ? 'expression tag' 5 5  
1 6LMH HIS A 6 ? UNP A0A0A1E0L7 ? ? 'expression tag' 6 6  
2 6LMH HIS B 1 ? UNP A0A0A1E0L7 ? ? 'expression tag' 1 7  
2 6LMH HIS B 2 ? UNP A0A0A1E0L7 ? ? 'expression tag' 2 8  
2 6LMH HIS B 3 ? UNP A0A0A1E0L7 ? ? 'expression tag' 3 9  
2 6LMH HIS B 4 ? UNP A0A0A1E0L7 ? ? 'expression tag' 4 10 
2 6LMH HIS B 5 ? UNP A0A0A1E0L7 ? ? 'expression tag' 5 11 
2 6LMH HIS B 6 ? UNP A0A0A1E0L7 ? ? 'expression tag' 6 12 
# 
_pdbx_struct_assembly.id                   1 
_pdbx_struct_assembly.details              author_and_software_defined_assembly 
_pdbx_struct_assembly.method_details       PISA 
_pdbx_struct_assembly.oligomeric_details   dimeric 
_pdbx_struct_assembly.oligomeric_count     2 
# 
loop_
_pdbx_struct_assembly_prop.biol_id 
_pdbx_struct_assembly_prop.type 
_pdbx_struct_assembly_prop.value 
_pdbx_struct_assembly_prop.details 
1 'ABSA (A^2)' 4750  ? 
1 MORE         -44   ? 
1 'SSA (A^2)'  12420 ? 
# 
_pdbx_struct_assembly_gen.assembly_id       1 
_pdbx_struct_assembly_gen.oper_expression   1 
_pdbx_struct_assembly_gen.asym_id_list      A,B 
# 
_pdbx_struct_assembly_auth_evidence.id                     1 
_pdbx_struct_assembly_auth_evidence.assembly_id            1 
_pdbx_struct_assembly_auth_evidence.experimental_support   'gel filtration' 
_pdbx_struct_assembly_auth_evidence.details                ? 
# 
_pdbx_struct_oper_list.id                   1 
_pdbx_struct_oper_list.type                 'identity operation' 
_pdbx_struct_oper_list.name                 1_555 
_pdbx_struct_oper_list.symmetry_operation   x,y,z 
_pdbx_struct_oper_list.matrix[1][1]         1.0000000000 
_pdbx_struct_oper_list.matrix[1][2]         0.0000000000 
_pdbx_struct_oper_list.matrix[1][3]         0.0000000000 
_pdbx_struct_oper_list.vector[1]            0.0000000000 
_pdbx_struct_oper_list.matrix[2][1]         0.0000000000 
_pdbx_struct_oper_list.matrix[2][2]         1.0000000000 
_pdbx_struct_oper_list.matrix[2][3]         0.0000000000 
_pdbx_struct_oper_list.vector[2]            0.0000000000 
_pdbx_struct_oper_list.matrix[3][1]         0.0000000000 
_pdbx_struct_oper_list.matrix[3][2]         0.0000000000 
_pdbx_struct_oper_list.matrix[3][3]         1.0000000000 
_pdbx_struct_oper_list.vector[3]            0.0000000000 
# 
loop_
_struct_conf.conf_type_id 
_struct_conf.id 
_struct_conf.pdbx_PDB_helix_id 
_struct_conf.beg_label_comp_id 
_struct_conf.beg_label_asym_id 
_struct_conf.beg_label_seq_id 
_struct_conf.pdbx_beg_PDB_ins_code 
_struct_conf.end_label_comp_id 
_struct_conf.end_label_asym_id 
_struct_conf.end_label_seq_id 
_struct_conf.pdbx_end_PDB_ins_code 
_struct_conf.beg_auth_comp_id 
_struct_conf.beg_auth_asym_id 
_struct_conf.beg_auth_seq_id 
_struct_conf.end_auth_comp_id 
_struct_conf.end_auth_asym_id 
_struct_conf.end_auth_seq_id 
_struct_conf.pdbx_PDB_helix_class 
_struct_conf.details 
_struct_conf.pdbx_PDB_helix_length 
HELX_P HELX_P1 AA1 THR A 16  ? GLN A 29  ? THR A 16  GLN A 29  1 ? 14 
HELX_P HELX_P2 AA2 ASN A 31  ? HIS A 52  ? ASN A 31  HIS A 52  1 ? 22 
HELX_P HELX_P3 AA3 LEU A 102 ? ASP A 107 ? LEU A 102 ASP A 107 1 ? 6  
HELX_P HELX_P4 AA4 MET A 108 ? ASN A 110 ? MET A 108 ASN A 110 5 ? 3  
HELX_P HELX_P5 AA5 THR B 16  ? GLN B 29  ? THR B 16  GLN B 29  1 ? 14 
HELX_P HELX_P6 AA6 ASN B 31  ? LYS B 51  ? ASN B 31  LYS B 51  1 ? 21 
HELX_P HELX_P7 AA7 LEU B 102 ? ASP B 107 ? LEU B 102 ASP B 107 1 ? 6  
# 
_struct_conf_type.id          HELX_P 
_struct_conf_type.criteria    ? 
_struct_conf_type.reference   ? 
# 
loop_
_struct_mon_prot_cis.pdbx_id 
_struct_mon_prot_cis.label_comp_id 
_struct_mon_prot_cis.label_seq_id 
_struct_mon_prot_cis.label_asym_id 
_struct_mon_prot_cis.label_alt_id 
_struct_mon_prot_cis.pdbx_PDB_ins_code 
_struct_mon_prot_cis.auth_comp_id 
_struct_mon_prot_cis.auth_seq_id 
_struct_mon_prot_cis.auth_asym_id 
_struct_mon_prot_cis.pdbx_label_comp_id_2 
_struct_mon_prot_cis.pdbx_label_seq_id_2 
_struct_mon_prot_cis.pdbx_label_asym_id_2 
_struct_mon_prot_cis.pdbx_PDB_ins_code_2 
_struct_mon_prot_cis.pdbx_auth_comp_id_2 
_struct_mon_prot_cis.pdbx_auth_seq_id_2 
_struct_mon_prot_cis.pdbx_auth_asym_id_2 
_struct_mon_prot_cis.pdbx_PDB_model_num 
_struct_mon_prot_cis.pdbx_omega_angle 
1 PRO 59 A . ? PRO 59 A PRO 60 A ? PRO 60 A 1 -3.04 
2 PRO 59 B . ? PRO 59 B PRO 60 B ? PRO 60 B 1 2.63  
# 
loop_
_struct_sheet.id 
_struct_sheet.type 
_struct_sheet.number_strands 
_struct_sheet.details 
AA1 ? 3 ? 
AA2 ? 2 ? 
AA3 ? 3 ? 
AA4 ? 2 ? 
# 
loop_
_struct_sheet_order.sheet_id 
_struct_sheet_order.range_id_1 
_struct_sheet_order.range_id_2 
_struct_sheet_order.offset 
_struct_sheet_order.sense 
AA1 1 2 ? anti-parallel 
AA1 2 3 ? anti-parallel 
AA2 1 2 ? anti-parallel 
AA3 1 2 ? anti-parallel 
AA3 2 3 ? anti-parallel 
AA4 1 2 ? anti-parallel 
# 
loop_
_struct_sheet_range.sheet_id 
_struct_sheet_range.id 
_struct_sheet_range.beg_label_comp_id 
_struct_sheet_range.beg_label_asym_id 
_struct_sheet_range.beg_label_seq_id 
_struct_sheet_range.pdbx_beg_PDB_ins_code 
_struct_sheet_range.end_label_comp_id 
_struct_sheet_range.end_label_asym_id 
_struct_sheet_range.end_label_seq_id 
_struct_sheet_range.pdbx_end_PDB_ins_code 
_struct_sheet_range.beg_auth_comp_id 
_struct_sheet_range.beg_auth_asym_id 
_struct_sheet_range.beg_auth_seq_id 
_struct_sheet_range.end_auth_comp_id 
_struct_sheet_range.end_auth_asym_id 
_struct_sheet_range.end_auth_seq_id 
AA1 1 VAL A 56 ? ILE A 58  ? VAL A 56 ILE A 58  
AA1 2 ILE A 62 ? VAL A 69  ? ILE A 62 VAL A 69  
AA1 3 HIS A 94 ? ALA A 101 ? HIS A 94 ALA A 101 
AA2 1 ARG A 75 ? HIS A 78  ? ARG A 75 HIS A 78  
AA2 2 PRO A 85 ? ILE A 88  ? PRO A 85 ILE A 88  
AA3 1 VAL B 56 ? ILE B 58  ? VAL B 56 ILE B 58  
AA3 2 ILE B 62 ? VAL B 69  ? ILE B 62 VAL B 69  
AA3 3 HIS B 94 ? ALA B 101 ? HIS B 94 ALA B 101 
AA4 1 ARG B 75 ? HIS B 78  ? ARG B 75 HIS B 78  
AA4 2 PRO B 85 ? ILE B 88  ? PRO B 85 ILE B 88  
# 
loop_
_pdbx_struct_sheet_hbond.sheet_id 
_pdbx_struct_sheet_hbond.range_id_1 
_pdbx_struct_sheet_hbond.range_id_2 
_pdbx_struct_sheet_hbond.range_1_label_atom_id 
_pdbx_struct_sheet_hbond.range_1_label_comp_id 
_pdbx_struct_sheet_hbond.range_1_label_asym_id 
_pdbx_struct_sheet_hbond.range_1_label_seq_id 
_pdbx_struct_sheet_hbond.range_1_PDB_ins_code 
_pdbx_struct_sheet_hbond.range_1_auth_atom_id 
_pdbx_struct_sheet_hbond.range_1_auth_comp_id 
_pdbx_struct_sheet_hbond.range_1_auth_asym_id 
_pdbx_struct_sheet_hbond.range_1_auth_seq_id 
_pdbx_struct_sheet_hbond.range_2_label_atom_id 
_pdbx_struct_sheet_hbond.range_2_label_comp_id 
_pdbx_struct_sheet_hbond.range_2_label_asym_id 
_pdbx_struct_sheet_hbond.range_2_label_seq_id 
_pdbx_struct_sheet_hbond.range_2_PDB_ins_code 
_pdbx_struct_sheet_hbond.range_2_auth_atom_id 
_pdbx_struct_sheet_hbond.range_2_auth_comp_id 
_pdbx_struct_sheet_hbond.range_2_auth_asym_id 
_pdbx_struct_sheet_hbond.range_2_auth_seq_id 
AA1 1 2 N VAL A 56 ? N VAL A 56 O PHE A 64 ? O PHE A 64 
AA1 2 3 N VAL A 67 ? N VAL A 67 O ALA A 96 ? O ALA A 96 
AA2 1 2 N GLY A 77 ? N GLY A 77 O ILE A 86 ? O ILE A 86 
AA3 1 2 N VAL B 56 ? N VAL B 56 O PHE B 64 ? O PHE B 64 
AA3 2 3 N THR B 65 ? N THR B 65 O LYS B 98 ? O LYS B 98 
AA4 1 2 N ARG B 75 ? N ARG B 75 O ILE B 88 ? O ILE B 88 
# 
loop_
_pdbx_validate_torsion.id 
_pdbx_validate_torsion.PDB_model_num 
_pdbx_validate_torsion.auth_comp_id 
_pdbx_validate_torsion.auth_asym_id 
_pdbx_validate_torsion.auth_seq_id 
_pdbx_validate_torsion.PDB_ins_code 
_pdbx_validate_torsion.label_alt_id 
_pdbx_validate_torsion.phi 
_pdbx_validate_torsion.psi 
1 1 PRO A 60 ? ? -89.91 43.80 
2 1 PRO B 60 ? ? -94.09 47.94 
# 
loop_
_pdbx_unobs_or_zero_occ_residues.id 
_pdbx_unobs_or_zero_occ_residues.PDB_model_num 
_pdbx_unobs_or_zero_occ_residues.polymer_flag 
_pdbx_unobs_or_zero_occ_residues.occupancy_flag 
_pdbx_unobs_or_zero_occ_residues.auth_asym_id 
_pdbx_unobs_or_zero_occ_residues.auth_comp_id 
_pdbx_unobs_or_zero_occ_residues.auth_seq_id 
_pdbx_unobs_or_zero_occ_residues.PDB_ins_code 
_pdbx_unobs_or_zero_occ_residues.label_asym_id 
_pdbx_unobs_or_zero_occ_residues.label_comp_id 
_pdbx_unobs_or_zero_occ_residues.label_seq_id 
1  1 Y 1 A HIS 1  ? A HIS 1  
2  1 Y 1 A HIS 2  ? A HIS 2  
3  1 Y 1 A HIS 3  ? A HIS 3  
4  1 Y 1 A HIS 4  ? A HIS 4  
5  1 Y 1 A HIS 5  ? A HIS 5  
6  1 Y 1 A HIS 6  ? A HIS 6  
7  1 Y 1 A MET 7  ? A MET 7  
8  1 Y 1 A SER 8  ? A SER 8  
9  1 Y 1 A THR 9  ? A THR 9  
10 1 Y 1 A LYS 10 ? A LYS 10 
11 1 Y 1 A LYS 11 ? A LYS 11 
12 1 Y 1 B HIS 1  ? B HIS 1  
13 1 Y 1 B HIS 2  ? B HIS 2  
14 1 Y 1 B HIS 3  ? B HIS 3  
15 1 Y 1 B HIS 4  ? B HIS 4  
16 1 Y 1 B HIS 5  ? B HIS 5  
17 1 Y 1 B HIS 6  ? B HIS 6  
18 1 Y 1 B MET 7  ? B MET 7  
19 1 Y 1 B SER 8  ? B SER 8  
20 1 Y 1 B THR 9  ? B THR 9  
21 1 Y 1 B LYS 10 ? B LYS 10 
22 1 Y 1 B LYS 11 ? B LYS 11 
# 
loop_
_chem_comp_atom.comp_id 
_chem_comp_atom.atom_id 
_chem_comp_atom.type_symbol 
_chem_comp_atom.pdbx_aromatic_flag 
_chem_comp_atom.pdbx_stereo_config 
_chem_comp_atom.pdbx_ordinal 
ALA N    N N N 1   
ALA CA   C N S 2   
ALA C    C N N 3   
ALA O    O N N 4   
ALA CB   C N N 5   
ALA OXT  O N N 6   
ALA H    H N N 7   
ALA H2   H N N 8   
ALA HA   H N N 9   
ALA HB1  H N N 10  
ALA HB2  H N N 11  
ALA HB3  H N N 12  
ALA HXT  H N N 13  
ARG N    N N N 14  
ARG CA   C N S 15  
ARG C    C N N 16  
ARG O    O N N 17  
ARG CB   C N N 18  
ARG CG   C N N 19  
ARG CD   C N N 20  
ARG NE   N N N 21  
ARG CZ   C N N 22  
ARG NH1  N N N 23  
ARG NH2  N N N 24  
ARG OXT  O N N 25  
ARG H    H N N 26  
ARG H2   H N N 27  
ARG HA   H N N 28  
ARG HB2  H N N 29  
ARG HB3  H N N 30  
ARG HG2  H N N 31  
ARG HG3  H N N 32  
ARG HD2  H N N 33  
ARG HD3  H N N 34  
ARG HE   H N N 35  
ARG HH11 H N N 36  
ARG HH12 H N N 37  
ARG HH21 H N N 38  
ARG HH22 H N N 39  
ARG HXT  H N N 40  
ASN N    N N N 41  
ASN CA   C N S 42  
ASN C    C N N 43  
ASN O    O N N 44  
ASN CB   C N N 45  
ASN CG   C N N 46  
ASN OD1  O N N 47  
ASN ND2  N N N 48  
ASN OXT  O N N 49  
ASN H    H N N 50  
ASN H2   H N N 51  
ASN HA   H N N 52  
ASN HB2  H N N 53  
ASN HB3  H N N 54  
ASN HD21 H N N 55  
ASN HD22 H N N 56  
ASN HXT  H N N 57  
ASP N    N N N 58  
ASP CA   C N S 59  
ASP C    C N N 60  
ASP O    O N N 61  
ASP CB   C N N 62  
ASP CG   C N N 63  
ASP OD1  O N N 64  
ASP OD2  O N N 65  
ASP OXT  O N N 66  
ASP H    H N N 67  
ASP H2   H N N 68  
ASP HA   H N N 69  
ASP HB2  H N N 70  
ASP HB3  H N N 71  
ASP HD2  H N N 72  
ASP HXT  H N N 73  
GLN N    N N N 74  
GLN CA   C N S 75  
GLN C    C N N 76  
GLN O    O N N 77  
GLN CB   C N N 78  
GLN CG   C N N 79  
GLN CD   C N N 80  
GLN OE1  O N N 81  
GLN NE2  N N N 82  
GLN OXT  O N N 83  
GLN H    H N N 84  
GLN H2   H N N 85  
GLN HA   H N N 86  
GLN HB2  H N N 87  
GLN HB3  H N N 88  
GLN HG2  H N N 89  
GLN HG3  H N N 90  
GLN HE21 H N N 91  
GLN HE22 H N N 92  
GLN HXT  H N N 93  
GLU N    N N N 94  
GLU CA   C N S 95  
GLU C    C N N 96  
GLU O    O N N 97  
GLU CB   C N N 98  
GLU CG   C N N 99  
GLU CD   C N N 100 
GLU OE1  O N N 101 
GLU OE2  O N N 102 
GLU OXT  O N N 103 
GLU H    H N N 104 
GLU H2   H N N 105 
GLU HA   H N N 106 
GLU HB2  H N N 107 
GLU HB3  H N N 108 
GLU HG2  H N N 109 
GLU HG3  H N N 110 
GLU HE2  H N N 111 
GLU HXT  H N N 112 
GLY N    N N N 113 
GLY CA   C N N 114 
GLY C    C N N 115 
GLY O    O N N 116 
GLY OXT  O N N 117 
GLY H    H N N 118 
GLY H2   H N N 119 
GLY HA2  H N N 120 
GLY HA3  H N N 121 
GLY HXT  H N N 122 
HIS N    N N N 123 
HIS CA   C N S 124 
HIS C    C N N 125 
HIS O    O N N 126 
HIS CB   C N N 127 
HIS CG   C Y N 128 
HIS ND1  N Y N 129 
HIS CD2  C Y N 130 
HIS CE1  C Y N 131 
HIS NE2  N Y N 132 
HIS OXT  O N N 133 
HIS H    H N N 134 
HIS H2   H N N 135 
HIS HA   H N N 136 
HIS HB2  H N N 137 
HIS HB3  H N N 138 
HIS HD1  H N N 139 
HIS HD2  H N N 140 
HIS HE1  H N N 141 
HIS HE2  H N N 142 
HIS HXT  H N N 143 
ILE N    N N N 144 
ILE CA   C N S 145 
ILE C    C N N 146 
ILE O    O N N 147 
ILE CB   C N S 148 
ILE CG1  C N N 149 
ILE CG2  C N N 150 
ILE CD1  C N N 151 
ILE OXT  O N N 152 
ILE H    H N N 153 
ILE H2   H N N 154 
ILE HA   H N N 155 
ILE HB   H N N 156 
ILE HG12 H N N 157 
ILE HG13 H N N 158 
ILE HG21 H N N 159 
ILE HG22 H N N 160 
ILE HG23 H N N 161 
ILE HD11 H N N 162 
ILE HD12 H N N 163 
ILE HD13 H N N 164 
ILE HXT  H N N 165 
LEU N    N N N 166 
LEU CA   C N S 167 
LEU C    C N N 168 
LEU O    O N N 169 
LEU CB   C N N 170 
LEU CG   C N N 171 
LEU CD1  C N N 172 
LEU CD2  C N N 173 
LEU OXT  O N N 174 
LEU H    H N N 175 
LEU H2   H N N 176 
LEU HA   H N N 177 
LEU HB2  H N N 178 
LEU HB3  H N N 179 
LEU HG   H N N 180 
LEU HD11 H N N 181 
LEU HD12 H N N 182 
LEU HD13 H N N 183 
LEU HD21 H N N 184 
LEU HD22 H N N 185 
LEU HD23 H N N 186 
LEU HXT  H N N 187 
LYS N    N N N 188 
LYS CA   C N S 189 
LYS C    C N N 190 
LYS O    O N N 191 
LYS CB   C N N 192 
LYS CG   C N N 193 
LYS CD   C N N 194 
LYS CE   C N N 195 
LYS NZ   N N N 196 
LYS OXT  O N N 197 
LYS H    H N N 198 
LYS H2   H N N 199 
LYS HA   H N N 200 
LYS HB2  H N N 201 
LYS HB3  H N N 202 
LYS HG2  H N N 203 
LYS HG3  H N N 204 
LYS HD2  H N N 205 
LYS HD3  H N N 206 
LYS HE2  H N N 207 
LYS HE3  H N N 208 
LYS HZ1  H N N 209 
LYS HZ2  H N N 210 
LYS HZ3  H N N 211 
LYS HXT  H N N 212 
MET N    N N N 213 
MET CA   C N S 214 
MET C    C N N 215 
MET O    O N N 216 
MET CB   C N N 217 
MET CG   C N N 218 
MET SD   S N N 219 
MET CE   C N N 220 
MET OXT  O N N 221 
MET H    H N N 222 
MET H2   H N N 223 
MET HA   H N N 224 
MET HB2  H N N 225 
MET HB3  H N N 226 
MET HG2  H N N 227 
MET HG3  H N N 228 
MET HE1  H N N 229 
MET HE2  H N N 230 
MET HE3  H N N 231 
MET HXT  H N N 232 
PHE N    N N N 233 
PHE CA   C N S 234 
PHE C    C N N 235 
PHE O    O N N 236 
PHE CB   C N N 237 
PHE CG   C Y N 238 
PHE CD1  C Y N 239 
PHE CD2  C Y N 240 
PHE CE1  C Y N 241 
PHE CE2  C Y N 242 
PHE CZ   C Y N 243 
PHE OXT  O N N 244 
PHE H    H N N 245 
PHE H2   H N N 246 
PHE HA   H N N 247 
PHE HB2  H N N 248 
PHE HB3  H N N 249 
PHE HD1  H N N 250 
PHE HD2  H N N 251 
PHE HE1  H N N 252 
PHE HE2  H N N 253 
PHE HZ   H N N 254 
PHE HXT  H N N 255 
PRO N    N N N 256 
PRO CA   C N S 257 
PRO C    C N N 258 
PRO O    O N N 259 
PRO CB   C N N 260 
PRO CG   C N N 261 
PRO CD   C N N 262 
PRO OXT  O N N 263 
PRO H    H N N 264 
PRO HA   H N N 265 
PRO HB2  H N N 266 
PRO HB3  H N N 267 
PRO HG2  H N N 268 
PRO HG3  H N N 269 
PRO HD2  H N N 270 
PRO HD3  H N N 271 
PRO HXT  H N N 272 
SER N    N N N 273 
SER CA   C N S 274 
SER C    C N N 275 
SER O    O N N 276 
SER CB   C N N 277 
SER OG   O N N 278 
SER OXT  O N N 279 
SER H    H N N 280 
SER H2   H N N 281 
SER HA   H N N 282 
SER HB2  H N N 283 
SER HB3  H N N 284 
SER HG   H N N 285 
SER HXT  H N N 286 
THR N    N N N 287 
THR CA   C N S 288 
THR C    C N N 289 
THR O    O N N 290 
THR CB   C N R 291 
THR OG1  O N N 292 
THR CG2  C N N 293 
THR OXT  O N N 294 
THR H    H N N 295 
THR H2   H N N 296 
THR HA   H N N 297 
THR HB   H N N 298 
THR HG1  H N N 299 
THR HG21 H N N 300 
THR HG22 H N N 301 
THR HG23 H N N 302 
THR HXT  H N N 303 
TYR N    N N N 304 
TYR CA   C N S 305 
TYR C    C N N 306 
TYR O    O N N 307 
TYR CB   C N N 308 
TYR CG   C Y N 309 
TYR CD1  C Y N 310 
TYR CD2  C Y N 311 
TYR CE1  C Y N 312 
TYR CE2  C Y N 313 
TYR CZ   C Y N 314 
TYR OH   O N N 315 
TYR OXT  O N N 316 
TYR H    H N N 317 
TYR H2   H N N 318 
TYR HA   H N N 319 
TYR HB2  H N N 320 
TYR HB3  H N N 321 
TYR HD1  H N N 322 
TYR HD2  H N N 323 
TYR HE1  H N N 324 
TYR HE2  H N N 325 
TYR HH   H N N 326 
TYR HXT  H N N 327 
VAL N    N N N 328 
VAL CA   C N S 329 
VAL C    C N N 330 
VAL O    O N N 331 
VAL CB   C N N 332 
VAL CG1  C N N 333 
VAL CG2  C N N 334 
VAL OXT  O N N 335 
VAL H    H N N 336 
VAL H2   H N N 337 
VAL HA   H N N 338 
VAL HB   H N N 339 
VAL HG11 H N N 340 
VAL HG12 H N N 341 
VAL HG13 H N N 342 
VAL HG21 H N N 343 
VAL HG22 H N N 344 
VAL HG23 H N N 345 
VAL HXT  H N N 346 
# 
loop_
_chem_comp_bond.comp_id 
_chem_comp_bond.atom_id_1 
_chem_comp_bond.atom_id_2 
_chem_comp_bond.value_order 
_chem_comp_bond.pdbx_aromatic_flag 
_chem_comp_bond.pdbx_stereo_config 
_chem_comp_bond.pdbx_ordinal 
ALA N   CA   sing N N 1   
ALA N   H    sing N N 2   
ALA N   H2   sing N N 3   
ALA CA  C    sing N N 4   
ALA CA  CB   sing N N 5   
ALA CA  HA   sing N N 6   
ALA C   O    doub N N 7   
ALA C   OXT  sing N N 8   
ALA CB  HB1  sing N N 9   
ALA CB  HB2  sing N N 10  
ALA CB  HB3  sing N N 11  
ALA OXT HXT  sing N N 12  
ARG N   CA   sing N N 13  
ARG N   H    sing N N 14  
ARG N   H2   sing N N 15  
ARG CA  C    sing N N 16  
ARG CA  CB   sing N N 17  
ARG CA  HA   sing N N 18  
ARG C   O    doub N N 19  
ARG C   OXT  sing N N 20  
ARG CB  CG   sing N N 21  
ARG CB  HB2  sing N N 22  
ARG CB  HB3  sing N N 23  
ARG CG  CD   sing N N 24  
ARG CG  HG2  sing N N 25  
ARG CG  HG3  sing N N 26  
ARG CD  NE   sing N N 27  
ARG CD  HD2  sing N N 28  
ARG CD  HD3  sing N N 29  
ARG NE  CZ   sing N N 30  
ARG NE  HE   sing N N 31  
ARG CZ  NH1  sing N N 32  
ARG CZ  NH2  doub N N 33  
ARG NH1 HH11 sing N N 34  
ARG NH1 HH12 sing N N 35  
ARG NH2 HH21 sing N N 36  
ARG NH2 HH22 sing N N 37  
ARG OXT HXT  sing N N 38  
ASN N   CA   sing N N 39  
ASN N   H    sing N N 40  
ASN N   H2   sing N N 41  
ASN CA  C    sing N N 42  
ASN CA  CB   sing N N 43  
ASN CA  HA   sing N N 44  
ASN C   O    doub N N 45  
ASN C   OXT  sing N N 46  
ASN CB  CG   sing N N 47  
ASN CB  HB2  sing N N 48  
ASN CB  HB3  sing N N 49  
ASN CG  OD1  doub N N 50  
ASN CG  ND2  sing N N 51  
ASN ND2 HD21 sing N N 52  
ASN ND2 HD22 sing N N 53  
ASN OXT HXT  sing N N 54  
ASP N   CA   sing N N 55  
ASP N   H    sing N N 56  
ASP N   H2   sing N N 57  
ASP CA  C    sing N N 58  
ASP CA  CB   sing N N 59  
ASP CA  HA   sing N N 60  
ASP C   O    doub N N 61  
ASP C   OXT  sing N N 62  
ASP CB  CG   sing N N 63  
ASP CB  HB2  sing N N 64  
ASP CB  HB3  sing N N 65  
ASP CG  OD1  doub N N 66  
ASP CG  OD2  sing N N 67  
ASP OD2 HD2  sing N N 68  
ASP OXT HXT  sing N N 69  
GLN N   CA   sing N N 70  
GLN N   H    sing N N 71  
GLN N   H2   sing N N 72  
GLN CA  C    sing N N 73  
GLN CA  CB   sing N N 74  
GLN CA  HA   sing N N 75  
GLN C   O    doub N N 76  
GLN C   OXT  sing N N 77  
GLN CB  CG   sing N N 78  
GLN CB  HB2  sing N N 79  
GLN CB  HB3  sing N N 80  
GLN CG  CD   sing N N 81  
GLN CG  HG2  sing N N 82  
GLN CG  HG3  sing N N 83  
GLN CD  OE1  doub N N 84  
GLN CD  NE2  sing N N 85  
GLN NE2 HE21 sing N N 86  
GLN NE2 HE22 sing N N 87  
GLN OXT HXT  sing N N 88  
GLU N   CA   sing N N 89  
GLU N   H    sing N N 90  
GLU N   H2   sing N N 91  
GLU CA  C    sing N N 92  
GLU CA  CB   sing N N 93  
GLU CA  HA   sing N N 94  
GLU C   O    doub N N 95  
GLU C   OXT  sing N N 96  
GLU CB  CG   sing N N 97  
GLU CB  HB2  sing N N 98  
GLU CB  HB3  sing N N 99  
GLU CG  CD   sing N N 100 
GLU CG  HG2  sing N N 101 
GLU CG  HG3  sing N N 102 
GLU CD  OE1  doub N N 103 
GLU CD  OE2  sing N N 104 
GLU OE2 HE2  sing N N 105 
GLU OXT HXT  sing N N 106 
GLY N   CA   sing N N 107 
GLY N   H    sing N N 108 
GLY N   H2   sing N N 109 
GLY CA  C    sing N N 110 
GLY CA  HA2  sing N N 111 
GLY CA  HA3  sing N N 112 
GLY C   O    doub N N 113 
GLY C   OXT  sing N N 114 
GLY OXT HXT  sing N N 115 
HIS N   CA   sing N N 116 
HIS N   H    sing N N 117 
HIS N   H2   sing N N 118 
HIS CA  C    sing N N 119 
HIS CA  CB   sing N N 120 
HIS CA  HA   sing N N 121 
HIS C   O    doub N N 122 
HIS C   OXT  sing N N 123 
HIS CB  CG   sing N N 124 
HIS CB  HB2  sing N N 125 
HIS CB  HB3  sing N N 126 
HIS CG  ND1  sing Y N 127 
HIS CG  CD2  doub Y N 128 
HIS ND1 CE1  doub Y N 129 
HIS ND1 HD1  sing N N 130 
HIS CD2 NE2  sing Y N 131 
HIS CD2 HD2  sing N N 132 
HIS CE1 NE2  sing Y N 133 
HIS CE1 HE1  sing N N 134 
HIS NE2 HE2  sing N N 135 
HIS OXT HXT  sing N N 136 
ILE N   CA   sing N N 137 
ILE N   H    sing N N 138 
ILE N   H2   sing N N 139 
ILE CA  C    sing N N 140 
ILE CA  CB   sing N N 141 
ILE CA  HA   sing N N 142 
ILE C   O    doub N N 143 
ILE C   OXT  sing N N 144 
ILE CB  CG1  sing N N 145 
ILE CB  CG2  sing N N 146 
ILE CB  HB   sing N N 147 
ILE CG1 CD1  sing N N 148 
ILE CG1 HG12 sing N N 149 
ILE CG1 HG13 sing N N 150 
ILE CG2 HG21 sing N N 151 
ILE CG2 HG22 sing N N 152 
ILE CG2 HG23 sing N N 153 
ILE CD1 HD11 sing N N 154 
ILE CD1 HD12 sing N N 155 
ILE CD1 HD13 sing N N 156 
ILE OXT HXT  sing N N 157 
LEU N   CA   sing N N 158 
LEU N   H    sing N N 159 
LEU N   H2   sing N N 160 
LEU CA  C    sing N N 161 
LEU CA  CB   sing N N 162 
LEU CA  HA   sing N N 163 
LEU C   O    doub N N 164 
LEU C   OXT  sing N N 165 
LEU CB  CG   sing N N 166 
LEU CB  HB2  sing N N 167 
LEU CB  HB3  sing N N 168 
LEU CG  CD1  sing N N 169 
LEU CG  CD2  sing N N 170 
LEU CG  HG   sing N N 171 
LEU CD1 HD11 sing N N 172 
LEU CD1 HD12 sing N N 173 
LEU CD1 HD13 sing N N 174 
LEU CD2 HD21 sing N N 175 
LEU CD2 HD22 sing N N 176 
LEU CD2 HD23 sing N N 177 
LEU OXT HXT  sing N N 178 
LYS N   CA   sing N N 179 
LYS N   H    sing N N 180 
LYS N   H2   sing N N 181 
LYS CA  C    sing N N 182 
LYS CA  CB   sing N N 183 
LYS CA  HA   sing N N 184 
LYS C   O    doub N N 185 
LYS C   OXT  sing N N 186 
LYS CB  CG   sing N N 187 
LYS CB  HB2  sing N N 188 
LYS CB  HB3  sing N N 189 
LYS CG  CD   sing N N 190 
LYS CG  HG2  sing N N 191 
LYS CG  HG3  sing N N 192 
LYS CD  CE   sing N N 193 
LYS CD  HD2  sing N N 194 
LYS CD  HD3  sing N N 195 
LYS CE  NZ   sing N N 196 
LYS CE  HE2  sing N N 197 
LYS CE  HE3  sing N N 198 
LYS NZ  HZ1  sing N N 199 
LYS NZ  HZ2  sing N N 200 
LYS NZ  HZ3  sing N N 201 
LYS OXT HXT  sing N N 202 
MET N   CA   sing N N 203 
MET N   H    sing N N 204 
MET N   H2   sing N N 205 
MET CA  C    sing N N 206 
MET CA  CB   sing N N 207 
MET CA  HA   sing N N 208 
MET C   O    doub N N 209 
MET C   OXT  sing N N 210 
MET CB  CG   sing N N 211 
MET CB  HB2  sing N N 212 
MET CB  HB3  sing N N 213 
MET CG  SD   sing N N 214 
MET CG  HG2  sing N N 215 
MET CG  HG3  sing N N 216 
MET SD  CE   sing N N 217 
MET CE  HE1  sing N N 218 
MET CE  HE2  sing N N 219 
MET CE  HE3  sing N N 220 
MET OXT HXT  sing N N 221 
PHE N   CA   sing N N 222 
PHE N   H    sing N N 223 
PHE N   H2   sing N N 224 
PHE CA  C    sing N N 225 
PHE CA  CB   sing N N 226 
PHE CA  HA   sing N N 227 
PHE C   O    doub N N 228 
PHE C   OXT  sing N N 229 
PHE CB  CG   sing N N 230 
PHE CB  HB2  sing N N 231 
PHE CB  HB3  sing N N 232 
PHE CG  CD1  doub Y N 233 
PHE CG  CD2  sing Y N 234 
PHE CD1 CE1  sing Y N 235 
PHE CD1 HD1  sing N N 236 
PHE CD2 CE2  doub Y N 237 
PHE CD2 HD2  sing N N 238 
PHE CE1 CZ   doub Y N 239 
PHE CE1 HE1  sing N N 240 
PHE CE2 CZ   sing Y N 241 
PHE CE2 HE2  sing N N 242 
PHE CZ  HZ   sing N N 243 
PHE OXT HXT  sing N N 244 
PRO N   CA   sing N N 245 
PRO N   CD   sing N N 246 
PRO N   H    sing N N 247 
PRO CA  C    sing N N 248 
PRO CA  CB   sing N N 249 
PRO CA  HA   sing N N 250 
PRO C   O    doub N N 251 
PRO C   OXT  sing N N 252 
PRO CB  CG   sing N N 253 
PRO CB  HB2  sing N N 254 
PRO CB  HB3  sing N N 255 
PRO CG  CD   sing N N 256 
PRO CG  HG2  sing N N 257 
PRO CG  HG3  sing N N 258 
PRO CD  HD2  sing N N 259 
PRO CD  HD3  sing N N 260 
PRO OXT HXT  sing N N 261 
SER N   CA   sing N N 262 
SER N   H    sing N N 263 
SER N   H2   sing N N 264 
SER CA  C    sing N N 265 
SER CA  CB   sing N N 266 
SER CA  HA   sing N N 267 
SER C   O    doub N N 268 
SER C   OXT  sing N N 269 
SER CB  OG   sing N N 270 
SER CB  HB2  sing N N 271 
SER CB  HB3  sing N N 272 
SER OG  HG   sing N N 273 
SER OXT HXT  sing N N 274 
THR N   CA   sing N N 275 
THR N   H    sing N N 276 
THR N   H2   sing N N 277 
THR CA  C    sing N N 278 
THR CA  CB   sing N N 279 
THR CA  HA   sing N N 280 
THR C   O    doub N N 281 
THR C   OXT  sing N N 282 
THR CB  OG1  sing N N 283 
THR CB  CG2  sing N N 284 
THR CB  HB   sing N N 285 
THR OG1 HG1  sing N N 286 
THR CG2 HG21 sing N N 287 
THR CG2 HG22 sing N N 288 
THR CG2 HG23 sing N N 289 
THR OXT HXT  sing N N 290 
TYR N   CA   sing N N 291 
TYR N   H    sing N N 292 
TYR N   H2   sing N N 293 
TYR CA  C    sing N N 294 
TYR CA  CB   sing N N 295 
TYR CA  HA   sing N N 296 
TYR C   O    doub N N 297 
TYR C   OXT  sing N N 298 
TYR CB  CG   sing N N 299 
TYR CB  HB2  sing N N 300 
TYR CB  HB3  sing N N 301 
TYR CG  CD1  doub Y N 302 
TYR CG  CD2  sing Y N 303 
TYR CD1 CE1  sing Y N 304 
TYR CD1 HD1  sing N N 305 
TYR CD2 CE2  doub Y N 306 
TYR CD2 HD2  sing N N 307 
TYR CE1 CZ   doub Y N 308 
TYR CE1 HE1  sing N N 309 
TYR CE2 CZ   sing Y N 310 
TYR CE2 HE2  sing N N 311 
TYR CZ  OH   sing N N 312 
TYR OH  HH   sing N N 313 
TYR OXT HXT  sing N N 314 
VAL N   CA   sing N N 315 
VAL N   H    sing N N 316 
VAL N   H2   sing N N 317 
VAL CA  C    sing N N 318 
VAL CA  CB   sing N N 319 
VAL CA  HA   sing N N 320 
VAL C   O    doub N N 321 
VAL C   OXT  sing N N 322 
VAL CB  CG1  sing N N 323 
VAL CB  CG2  sing N N 324 
VAL CB  HB   sing N N 325 
VAL CG1 HG11 sing N N 326 
VAL CG1 HG12 sing N N 327 
VAL CG1 HG13 sing N N 328 
VAL CG2 HG21 sing N N 329 
VAL CG2 HG22 sing N N 330 
VAL CG2 HG23 sing N N 331 
VAL OXT HXT  sing N N 332 
# 
loop_
_pdbx_audit_support.funding_organization 
_pdbx_audit_support.country 
_pdbx_audit_support.grant_number 
_pdbx_audit_support.ordinal 
'National Natural Science Foundation of China (NSFC)' China 31941003       1 
'Chinese Academy of Sciences'                         China KJZD-SW-L06-01 2 
'National Natural Science Foundation of China (NSFC)' China 31700149       3 
# 
_atom_sites.entry_id                    6LMH 
_atom_sites.Cartn_transf_matrix[1][1]   ? 
_atom_sites.Cartn_transf_matrix[1][2]   ? 
_atom_sites.Cartn_transf_matrix[1][3]   ? 
_atom_sites.Cartn_transf_matrix[2][1]   ? 
_atom_sites.Cartn_transf_matrix[2][2]   ? 
_atom_sites.Cartn_transf_matrix[2][3]   ? 
_atom_sites.Cartn_transf_matrix[3][1]   ? 
_atom_sites.Cartn_transf_matrix[3][2]   ? 
_atom_sites.Cartn_transf_matrix[3][3]   ? 
_atom_sites.Cartn_transf_vector[1]      ? 
_atom_sites.Cartn_transf_vector[2]      ? 
_atom_sites.Cartn_transf_vector[3]      ? 
_atom_sites.fract_transf_matrix[1][1]   -0.00813288 
_atom_sites.fract_transf_matrix[1][2]   -0.01316873 
_atom_sites.fract_transf_matrix[1][3]   -0.01218553 
_atom_sites.fract_transf_matrix[2][1]   -0.00869403 
_atom_sites.fract_transf_matrix[2][2]   -0.01610539 
_atom_sites.fract_transf_matrix[2][3]   0.00728566 
_atom_sites.fract_transf_matrix[3][1]   -0.00577323 
_atom_sites.fract_transf_matrix[3][2]   0.00326393 
_atom_sites.fract_transf_matrix[3][3]   0.00032589 
_atom_sites.fract_transf_vector[1]      0.141090 
_atom_sites.fract_transf_vector[2]      -0.275849 
_atom_sites.fract_transf_vector[3]      0.148962 
_atom_sites.solution_primary            ? 
_atom_sites.solution_secondary          ? 
_atom_sites.solution_hydrogens          ? 
_atom_sites.special_details             ? 
# 
loop_
_atom_type.symbol 
C 
N 
O 
S 
# 
loop_
_atom_site.group_PDB 
_atom_site.id 
_atom_site.type_symbol 
_atom_site.label_atom_id 
_atom_site.label_alt_id 
_atom_site.label_comp_id 
_atom_site.label_asym_id 
_atom_site.label_entity_id 
_atom_site.label_seq_id 
_atom_site.pdbx_PDB_ins_code 
_atom_site.Cartn_x 
_atom_site.Cartn_y 
_atom_site.Cartn_z 
_atom_site.occupancy 
_atom_site.B_iso_or_equiv 
_atom_site.pdbx_formal_charge 
_atom_site.auth_seq_id 
_atom_site.auth_comp_id 
_atom_site.auth_asym_id 
_atom_site.auth_atom_id 
_atom_site.pdbx_PDB_model_num 
ATOM 1    N N   . LYS A 1 12  ? 3.571   5.066   22.608  1.00 55.50 ? 12  LYS A N   1 
ATOM 2    C CA  . LYS A 1 12  ? 2.262   5.032   21.964  1.00 64.03 ? 12  LYS A CA  1 
ATOM 3    C C   . LYS A 1 12  ? 2.206   3.936   20.903  1.00 64.72 ? 12  LYS A C   1 
ATOM 4    O O   . LYS A 1 12  ? 2.917   3.990   19.901  1.00 64.03 ? 12  LYS A O   1 
ATOM 5    C CB  . LYS A 1 12  ? 1.932   6.392   21.352  1.00 60.76 ? 12  LYS A CB  1 
ATOM 6    C CG  . LYS A 1 12  ? 1.786   7.494   22.388  1.00 59.56 ? 12  LYS A CG  1 
ATOM 7    C CD  . LYS A 1 12  ? 1.948   8.885   21.791  1.00 60.74 ? 12  LYS A CD  1 
ATOM 8    C CE  . LYS A 1 12  ? 3.096   8.972   20.792  1.00 59.74 ? 12  LYS A CE  1 
ATOM 9    N NZ  . LYS A 1 12  ? 4.344   8.229   21.160  1.00 63.97 ? 12  LYS A NZ  1 
ATOM 10   N N   . PRO A 1 13  ? 1.347   2.954   21.128  1.00 68.51 ? 13  PRO A N   1 
ATOM 11   C CA  . PRO A 1 13  ? 1.331   1.745   20.300  1.00 66.56 ? 13  PRO A CA  1 
ATOM 12   C C   . PRO A 1 13  ? 0.562   1.959   18.997  1.00 63.14 ? 13  PRO A C   1 
ATOM 13   O O   . PRO A 1 13  ? 0.091   3.051   18.694  1.00 66.47 ? 13  PRO A O   1 
ATOM 14   C CB  . PRO A 1 13  ? 0.632   0.733   21.204  1.00 69.02 ? 13  PRO A CB  1 
ATOM 15   C CG  . PRO A 1 13  ? -0.327  1.577   22.004  1.00 55.83 ? 13  PRO A CG  1 
ATOM 16   C CD  . PRO A 1 13  ? 0.356   2.902   22.220  1.00 63.35 ? 13  PRO A CD  1 
ATOM 17   N N   . THR A 1 14  ? 0.432   0.876   18.234  1.00 51.35 ? 14  THR A N   1 
ATOM 18   C CA  . THR A 1 14  ? -0.152  0.937   16.900  1.00 44.45 ? 14  THR A CA  1 
ATOM 19   C C   . THR A 1 14  ? -1.656  1.211   16.967  1.00 46.40 ? 14  THR A C   1 
ATOM 20   O O   . THR A 1 14  ? -2.323  0.921   17.963  1.00 49.52 ? 14  THR A O   1 
ATOM 21   C CB  . THR A 1 14  ? 0.149   -0.367  16.146  1.00 39.30 ? 14  THR A CB  1 
ATOM 22   O OG1 . THR A 1 14  ? 1.565   -0.485  15.958  1.00 56.55 ? 14  THR A OG1 1 
ATOM 23   C CG2 . THR A 1 14  ? -0.520  -0.413  14.776  1.00 34.37 ? 14  THR A CG2 1 
ATOM 24   N N   . ILE A 1 15  ? -2.178  1.808   15.895  1.00 39.78 ? 15  ILE A N   1 
ATOM 25   C CA  . ILE A 1 15  ? -3.586  2.161   15.768  1.00 33.35 ? 15  ILE A CA  1 
ATOM 26   C C   . ILE A 1 15  ? -4.223  1.166   14.807  1.00 36.85 ? 15  ILE A C   1 
ATOM 27   O O   . ILE A 1 15  ? -3.875  1.112   13.619  1.00 29.03 ? 15  ILE A O   1 
ATOM 28   C CB  . ILE A 1 15  ? -3.765  3.604   15.284  1.00 31.15 ? 15  ILE A CB  1 
ATOM 29   C CG1 . ILE A 1 15  ? -3.521  4.572   16.437  1.00 34.34 ? 15  ILE A CG1 1 
ATOM 30   C CG2 . ILE A 1 15  ? -5.153  3.812   14.686  1.00 30.42 ? 15  ILE A CG2 1 
ATOM 31   C CD1 . ILE A 1 15  ? -3.809  6.004   16.088  1.00 40.27 ? 15  ILE A CD1 1 
ATOM 32   N N   . THR A 1 16  ? -5.159  0.379   15.323  1.00 39.97 ? 16  THR A N   1 
ATOM 33   C CA  . THR A 1 16  ? -5.786  -0.690  14.566  1.00 30.09 ? 16  THR A CA  1 
ATOM 34   C C   . THR A 1 16  ? -6.828  -0.139  13.602  1.00 25.21 ? 16  THR A C   1 
ATOM 35   O O   . THR A 1 16  ? -7.264  1.008   13.708  1.00 29.54 ? 16  THR A O   1 
ATOM 36   C CB  . THR A 1 16  ? -6.440  -1.684  15.517  1.00 30.42 ? 16  THR A CB  1 
ATOM 37   O OG1 . THR A 1 16  ? -7.476  -1.019  16.254  1.00 32.69 ? 16  THR A OG1 1 
ATOM 38   C CG2 . THR A 1 16  ? -5.410  -2.214  16.487  1.00 26.00 ? 16  THR A CG2 1 
ATOM 39   N N   . LYS A 1 17  ? -7.234  -0.988  12.653  1.00 25.00 ? 17  LYS A N   1 
ATOM 40   C CA  . LYS A 1 17  ? -8.315  -0.621  11.744  1.00 20.62 ? 17  LYS A CA  1 
ATOM 41   C C   . LYS A 1 17  ? -9.579  -0.270  12.509  1.00 25.93 ? 17  LYS A C   1 
ATOM 42   O O   . LYS A 1 17  ? -10.254 0.716   12.189  1.00 34.14 ? 17  LYS A O   1 
ATOM 43   C CB  . LYS A 1 17  ? -8.603  -1.759  10.774  1.00 15.26 ? 17  LYS A CB  1 
ATOM 44   C CG  . LYS A 1 17  ? -7.717  -1.782  9.566   1.00 24.20 ? 17  LYS A CG  1 
ATOM 45   C CD  . LYS A 1 17  ? -7.597  -3.191  9.014   1.00 30.93 ? 17  LYS A CD  1 
ATOM 46   C CE  . LYS A 1 17  ? -8.675  -3.483  7.976   1.00 36.41 ? 17  LYS A CE  1 
ATOM 47   N NZ  . LYS A 1 17  ? -8.124  -4.124  6.745   1.00 42.75 ? 17  LYS A NZ  1 
ATOM 48   N N   . GLN A 1 18  ? -9.919  -1.066  13.526  1.00 25.16 ? 18  GLN A N   1 
ATOM 49   C CA  . GLN A 1 18  ? -11.154 -0.820  14.259  1.00 29.60 ? 18  GLN A CA  1 
ATOM 50   C C   . GLN A 1 18  ? -11.059 0.441   15.108  1.00 29.29 ? 18  GLN A C   1 
ATOM 51   O O   . GLN A 1 18  ? -12.071 1.119   15.321  1.00 30.50 ? 18  GLN A O   1 
ATOM 52   C CB  . GLN A 1 18  ? -11.517 -2.036  15.116  1.00 26.46 ? 18  GLN A CB  1 
ATOM 53   C CG  . GLN A 1 18  ? -12.540 -2.971  14.453  1.00 30.51 ? 18  GLN A CG  1 
ATOM 54   C CD  . GLN A 1 18  ? -13.955 -2.405  14.471  1.00 42.12 ? 18  GLN A CD  1 
ATOM 55   O OE1 . GLN A 1 18  ? -14.273 -1.526  15.277  1.00 37.75 ? 18  GLN A OE1 1 
ATOM 56   N NE2 . GLN A 1 18  ? -14.809 -2.903  13.574  1.00 41.02 ? 18  GLN A NE2 1 
ATOM 57   N N   . GLU A 1 19  ? -9.866  0.782   15.602  1.00 27.00 ? 19  GLU A N   1 
ATOM 58   C CA  . GLU A 1 19  ? -9.723  2.076   16.260  1.00 32.21 ? 19  GLU A CA  1 
ATOM 59   C C   . GLU A 1 19  ? -9.719  3.208   15.240  1.00 33.51 ? 19  GLU A C   1 
ATOM 60   O O   . GLU A 1 19  ? -10.212 4.305   15.530  1.00 30.67 ? 19  GLU A O   1 
ATOM 61   C CB  . GLU A 1 19  ? -8.457  2.110   17.125  1.00 30.06 ? 19  GLU A CB  1 
ATOM 62   C CG  . GLU A 1 19  ? -8.054  3.504   17.657  1.00 38.22 ? 19  GLU A CG  1 
ATOM 63   C CD  . GLU A 1 19  ? -9.066  4.150   18.621  1.00 48.21 ? 19  GLU A CD  1 
ATOM 64   O OE1 . GLU A 1 19  ? -10.265 4.267   18.286  1.00 50.42 ? 19  GLU A OE1 1 
ATOM 65   O OE2 . GLU A 1 19  ? -8.648  4.569   19.723  1.00 46.38 ? 19  GLU A OE2 1 
ATOM 66   N N   . LEU A 1 20  ? -9.190  2.960   14.039  1.00 29.22 ? 20  LEU A N   1 
ATOM 67   C CA  . LEU A 1 20  ? -9.251  3.972   12.991  1.00 26.51 ? 20  LEU A CA  1 
ATOM 68   C C   . LEU A 1 20  ? -10.694 4.317   12.655  1.00 26.65 ? 20  LEU A C   1 
ATOM 69   O O   . LEU A 1 20  ? -11.062 5.497   12.607  1.00 29.45 ? 20  LEU A O   1 
ATOM 70   C CB  . LEU A 1 20  ? -8.511  3.497   11.743  1.00 29.80 ? 20  LEU A CB  1 
ATOM 71   C CG  . LEU A 1 20  ? -8.627  4.447   10.552  1.00 25.48 ? 20  LEU A CG  1 
ATOM 72   C CD1 . LEU A 1 20  ? -7.582  5.553   10.644  1.00 20.56 ? 20  LEU A CD1 1 
ATOM 73   C CD2 . LEU A 1 20  ? -8.501  3.683   9.248   1.00 27.03 ? 20  LEU A CD2 1 
ATOM 74   N N   . TYR A 1 21  ? -11.525 3.294   12.418  1.00 26.55 ? 21  TYR A N   1 
ATOM 75   C CA  . TYR A 1 21  ? -12.949 3.518   12.177  1.00 23.12 ? 21  TYR A CA  1 
ATOM 76   C C   . TYR A 1 21  ? -13.559 4.393   13.266  1.00 23.48 ? 21  TYR A C   1 
ATOM 77   O O   . TYR A 1 21  ? -14.310 5.330   12.983  1.00 23.92 ? 21  TYR A O   1 
ATOM 78   C CB  . TYR A 1 21  ? -13.703 2.188   12.110  1.00 26.17 ? 21  TYR A CB  1 
ATOM 79   C CG  . TYR A 1 21  ? -13.260 1.202   11.045  1.00 35.98 ? 21  TYR A CG  1 
ATOM 80   C CD1 . TYR A 1 21  ? -12.688 1.629   9.852   1.00 28.80 ? 21  TYR A CD1 1 
ATOM 81   C CD2 . TYR A 1 21  ? -13.438 -0.170  11.236  1.00 38.96 ? 21  TYR A CD2 1 
ATOM 82   C CE1 . TYR A 1 21  ? -12.299 0.710   8.879   1.00 29.27 ? 21  TYR A CE1 1 
ATOM 83   C CE2 . TYR A 1 21  ? -13.048 -1.091  10.276  1.00 33.39 ? 21  TYR A CE2 1 
ATOM 84   C CZ  . TYR A 1 21  ? -12.480 -0.647  9.099   1.00 28.71 ? 21  TYR A CZ  1 
ATOM 85   O OH  . TYR A 1 21  ? -12.094 -1.561  8.143   1.00 25.21 ? 21  TYR A OH  1 
ATOM 86   N N   . SER A 1 22  ? -13.252 4.088   14.527  1.00 26.95 ? 22  SER A N   1 
ATOM 87   C CA  . SER A 1 22  ? -13.775 4.895   15.626  1.00 31.49 ? 22  SER A CA  1 
ATOM 88   C C   . SER A 1 22  ? -13.267 6.331   15.547  1.00 27.89 ? 22  SER A C   1 
ATOM 89   O O   . SER A 1 22  ? -14.041 7.279   15.718  1.00 29.85 ? 22  SER A O   1 
ATOM 90   C CB  . SER A 1 22  ? -13.396 4.266   16.967  1.00 29.30 ? 22  SER A CB  1 
ATOM 91   O OG  . SER A 1 22  ? -14.022 3.006   17.127  1.00 36.22 ? 22  SER A OG  1 
ATOM 92   N N   . LEU A 1 23  ? -11.969 6.509   15.288  1.00 25.79 ? 23  LEU A N   1 
ATOM 93   C CA  . LEU A 1 23  ? -11.400 7.851   15.210  1.00 25.73 ? 23  LEU A CA  1 
ATOM 94   C C   . LEU A 1 23  ? -12.008 8.642   14.057  1.00 27.54 ? 23  LEU A C   1 
ATOM 95   O O   . LEU A 1 23  ? -12.316 9.832   14.200  1.00 20.44 ? 23  LEU A O   1 
ATOM 96   C CB  . LEU A 1 23  ? -9.878  7.766   15.069  1.00 20.77 ? 23  LEU A CB  1 
ATOM 97   C CG  . LEU A 1 23  ? -9.140  7.303   16.326  1.00 24.95 ? 23  LEU A CG  1 
ATOM 98   C CD1 . LEU A 1 23  ? -7.641  7.164   16.092  1.00 16.69 ? 23  LEU A CD1 1 
ATOM 99   C CD2 . LEU A 1 23  ? -9.429  8.248   17.481  1.00 22.14 ? 23  LEU A CD2 1 
ATOM 100  N N   . VAL A 1 24  ? -12.180 7.998   12.901  1.00 21.86 ? 24  VAL A N   1 
ATOM 101  C CA  . VAL A 1 24  ? -12.839 8.656   11.779  1.00 23.13 ? 24  VAL A CA  1 
ATOM 102  C C   . VAL A 1 24  ? -14.259 9.058   12.161  1.00 29.30 ? 24  VAL A C   1 
ATOM 103  O O   . VAL A 1 24  ? -14.670 10.207  11.968  1.00 34.21 ? 24  VAL A O   1 
ATOM 104  C CB  . VAL A 1 24  ? -12.826 7.745   10.541  1.00 21.09 ? 24  VAL A CB  1 
ATOM 105  C CG1 . VAL A 1 24  ? -13.691 8.334   9.439   1.00 19.25 ? 24  VAL A CG1 1 
ATOM 106  C CG2 . VAL A 1 24  ? -11.416 7.549   10.065  1.00 19.41 ? 24  VAL A CG2 1 
ATOM 107  N N   . ALA A 1 25  ? -15.023 8.116   12.723  1.00 34.56 ? 25  ALA A N   1 
ATOM 108  C CA  . ALA A 1 25  ? -16.425 8.378   13.037  1.00 28.87 ? 25  ALA A CA  1 
ATOM 109  C C   . ALA A 1 25  ? -16.574 9.561   13.980  1.00 25.29 ? 25  ALA A C   1 
ATOM 110  O O   . ALA A 1 25  ? -17.484 10.383  13.818  1.00 25.99 ? 25  ALA A O   1 
ATOM 111  C CB  . ALA A 1 25  ? -17.066 7.134   13.646  1.00 31.03 ? 25  ALA A CB  1 
ATOM 112  N N   . ALA A 1 26  ? -15.685 9.672   14.966  1.00 26.15 ? 26  ALA A N   1 
ATOM 113  C CA  . ALA A 1 26  ? -15.781 10.779  15.911  1.00 29.89 ? 26  ALA A CA  1 
ATOM 114  C C   . ALA A 1 26  ? -15.386 12.102  15.259  1.00 30.98 ? 26  ALA A C   1 
ATOM 115  O O   . ALA A 1 26  ? -15.979 13.145  15.555  1.00 28.97 ? 26  ALA A O   1 
ATOM 116  C CB  . ALA A 1 26  ? -14.923 10.493  17.143  1.00 20.55 ? 26  ALA A CB  1 
ATOM 117  N N   . ASP A 1 27  ? -14.399 12.078  14.362  1.00 31.00 ? 27  ASP A N   1 
ATOM 118  C CA  . ASP A 1 27  ? -13.949 13.306  13.715  1.00 30.64 ? 27  ASP A CA  1 
ATOM 119  C C   . ASP A 1 27  ? -14.883 13.736  12.594  1.00 33.45 ? 27  ASP A C   1 
ATOM 120  O O   . ASP A 1 27  ? -15.046 14.939  12.352  1.00 39.69 ? 27  ASP A O   1 
ATOM 121  C CB  . ASP A 1 27  ? -12.539 13.123  13.162  1.00 28.00 ? 27  ASP A CB  1 
ATOM 122  C CG  . ASP A 1 27  ? -11.991 14.386  12.534  1.00 31.40 ? 27  ASP A CG  1 
ATOM 123  O OD1 . ASP A 1 27  ? -11.942 15.426  13.224  1.00 36.41 ? 27  ASP A OD1 1 
ATOM 124  O OD2 . ASP A 1 27  ? -11.601 14.339  11.350  1.00 31.96 ? 27  ASP A OD2 1 
ATOM 125  N N   . THR A 1 28  ? -15.486 12.774  11.900  1.00 28.24 ? 28  THR A N   1 
ATOM 126  C CA  . THR A 1 28  ? -16.441 13.067  10.842  1.00 30.92 ? 28  THR A CA  1 
ATOM 127  C C   . THR A 1 28  ? -17.846 13.311  11.376  1.00 37.25 ? 28  THR A C   1 
ATOM 128  O O   . THR A 1 28  ? -18.682 13.859  10.648  1.00 36.61 ? 28  THR A O   1 
ATOM 129  C CB  . THR A 1 28  ? -16.468 11.917  9.832   1.00 25.77 ? 28  THR A CB  1 
ATOM 130  O OG1 . THR A 1 28  ? -16.519 10.667  10.532  1.00 37.02 ? 28  THR A OG1 1 
ATOM 131  C CG2 . THR A 1 28  ? -15.219 11.940  8.991   1.00 31.33 ? 28  THR A CG2 1 
ATOM 132  N N   . GLN A 1 29  ? -18.113 12.923  12.626  1.00 39.51 ? 29  GLN A N   1 
ATOM 133  C CA  . GLN A 1 29  ? -19.451 12.985  13.221  1.00 28.31 ? 29  GLN A CA  1 
ATOM 134  C C   . GLN A 1 29  ? -20.445 12.170  12.400  1.00 28.07 ? 29  GLN A C   1 
ATOM 135  O O   . GLN A 1 29  ? -21.506 12.657  12.013  1.00 40.02 ? 29  GLN A O   1 
ATOM 136  C CB  . GLN A 1 29  ? -19.926 14.428  13.375  1.00 29.21 ? 29  GLN A CB  1 
ATOM 137  C CG  . GLN A 1 29  ? -19.232 15.203  14.471  1.00 33.33 ? 29  GLN A CG  1 
ATOM 138  C CD  . GLN A 1 29  ? -19.677 14.785  15.853  1.00 33.29 ? 29  GLN A CD  1 
ATOM 139  O OE1 . GLN A 1 29  ? -19.249 13.754  16.368  1.00 33.15 ? 29  GLN A OE1 1 
ATOM 140  N NE2 . GLN A 1 29  ? -20.538 15.588  16.466  1.00 37.02 ? 29  GLN A NE2 1 
ATOM 141  N N   . LEU A 1 30  ? -20.089 10.910  12.143  1.00 31.01 ? 30  LEU A N   1 
ATOM 142  C CA  . LEU A 1 30  ? -20.882 10.011  11.315  1.00 31.32 ? 30  LEU A CA  1 
ATOM 143  C C   . LEU A 1 30  ? -21.001 8.657   12.008  1.00 33.32 ? 30  LEU A C   1 
ATOM 144  O O   . LEU A 1 30  ? -20.229 8.331   12.913  1.00 31.28 ? 30  LEU A O   1 
ATOM 145  C CB  . LEU A 1 30  ? -20.256 9.830   9.928   1.00 32.37 ? 30  LEU A CB  1 
ATOM 146  C CG  . LEU A 1 30  ? -20.759 10.666  8.751   1.00 38.18 ? 30  LEU A CG  1 
ATOM 147  C CD1 . LEU A 1 30  ? -22.089 10.150  8.338   1.00 44.58 ? 30  LEU A CD1 1 
ATOM 148  C CD2 . LEU A 1 30  ? -20.868 12.139  9.068   1.00 35.42 ? 30  LEU A CD2 1 
ATOM 149  N N   . ASN A 1 31  ? -21.977 7.864   11.563  1.00 36.09 ? 31  ASN A N   1 
ATOM 150  C CA  . ASN A 1 31  ? -22.190 6.535   12.128  1.00 33.58 ? 31  ASN A CA  1 
ATOM 151  C C   . ASN A 1 31  ? -21.031 5.623   11.746  1.00 33.77 ? 31  ASN A C   1 
ATOM 152  O O   . ASN A 1 31  ? -20.759 5.415   10.557  1.00 32.23 ? 31  ASN A O   1 
ATOM 153  C CB  . ASN A 1 31  ? -23.517 5.946   11.644  1.00 35.82 ? 31  ASN A CB  1 
ATOM 154  C CG  . ASN A 1 31  ? -24.723 6.571   12.331  1.00 56.72 ? 31  ASN A CG  1 
ATOM 155  O OD1 . ASN A 1 31  ? -24.603 7.160   13.406  1.00 64.41 ? 31  ASN A OD1 1 
ATOM 156  N ND2 . ASN A 1 31  ? -25.894 6.444   11.709  1.00 50.69 ? 31  ASN A ND2 1 
ATOM 157  N N   . LYS A 1 32  ? -20.353 5.080   12.759  1.00 28.97 ? 32  LYS A N   1 
ATOM 158  C CA  . LYS A 1 32  ? -19.242 4.163   12.530  1.00 22.59 ? 32  LYS A CA  1 
ATOM 159  C C   . LYS A 1 32  ? -19.613 3.041   11.563  1.00 24.59 ? 32  LYS A C   1 
ATOM 160  O O   . LYS A 1 32  ? -18.747 2.526   10.849  1.00 27.18 ? 32  LYS A O   1 
ATOM 161  C CB  . LYS A 1 32  ? -18.778 3.602   13.875  1.00 17.42 ? 32  LYS A CB  1 
ATOM 162  C CG  . LYS A 1 32  ? -17.602 2.652   13.827  1.00 23.94 ? 32  LYS A CG  1 
ATOM 163  C CD  . LYS A 1 32  ? -17.153 2.330   15.246  1.00 26.89 ? 32  LYS A CD  1 
ATOM 164  C CE  . LYS A 1 32  ? -16.130 1.213   15.285  1.00 36.69 ? 32  LYS A CE  1 
ATOM 165  N NZ  . LYS A 1 32  ? -15.613 1.019   16.670  1.00 45.39 ? 32  LYS A NZ  1 
ATOM 166  N N   . ALA A 1 33  ? -20.892 2.660   11.511  1.00 23.68 ? 33  ALA A N   1 
ATOM 167  C CA  . ALA A 1 33  ? -21.308 1.623   10.574  1.00 30.57 ? 33  ALA A CA  1 
ATOM 168  C C   . ALA A 1 33  ? -21.287 2.141   9.143   1.00 30.03 ? 33  ALA A C   1 
ATOM 169  O O   . ALA A 1 33  ? -20.891 1.422   8.217   1.00 26.47 ? 33  ALA A O   1 
ATOM 170  C CB  . ALA A 1 33  ? -22.699 1.107   10.938  1.00 28.13 ? 33  ALA A CB  1 
ATOM 171  N N   . LEU A 1 34  ? -21.718 3.384   8.942   1.00 32.49 ? 34  LEU A N   1 
ATOM 172  C CA  . LEU A 1 34  ? -21.629 3.979   7.616   1.00 31.84 ? 34  LEU A CA  1 
ATOM 173  C C   . LEU A 1 34  ? -20.174 4.149   7.193   1.00 31.50 ? 34  LEU A C   1 
ATOM 174  O O   . LEU A 1 34  ? -19.822 3.883   6.037   1.00 27.55 ? 34  LEU A O   1 
ATOM 175  C CB  . LEU A 1 34  ? -22.361 5.316   7.605   1.00 27.01 ? 34  LEU A CB  1 
ATOM 176  C CG  . LEU A 1 34  ? -22.395 6.005   6.250   1.00 30.74 ? 34  LEU A CG  1 
ATOM 177  C CD1 . LEU A 1 34  ? -23.633 5.619   5.469   1.00 42.59 ? 34  LEU A CD1 1 
ATOM 178  C CD2 . LEU A 1 34  ? -22.378 7.458   6.470   1.00 35.42 ? 34  LEU A CD2 1 
ATOM 179  N N   . ILE A 1 35  ? -19.314 4.572   8.125   1.00 28.53 ? 35  ILE A N   1 
ATOM 180  C CA  . ILE A 1 35  ? -17.881 4.671   7.850   1.00 24.95 ? 35  ILE A CA  1 
ATOM 181  C C   . ILE A 1 35  ? -17.350 3.353   7.301   1.00 25.86 ? 35  ILE A C   1 
ATOM 182  O O   . ILE A 1 35  ? -16.667 3.316   6.272   1.00 26.46 ? 35  ILE A O   1 
ATOM 183  C CB  . ILE A 1 35  ? -17.120 5.085   9.122   1.00 24.16 ? 35  ILE A CB  1 
ATOM 184  C CG1 . ILE A 1 35  ? -17.531 6.484   9.584   1.00 25.70 ? 35  ILE A CG1 1 
ATOM 185  C CG2 . ILE A 1 35  ? -15.637 5.009   8.885   1.00 26.39 ? 35  ILE A CG2 1 
ATOM 186  C CD1 . ILE A 1 35  ? -17.292 7.558   8.559   1.00 25.65 ? 35  ILE A CD1 1 
ATOM 187  N N   . GLU A 1 36  ? -17.665 2.247   7.981   1.00 25.60 ? 36  GLU A N   1 
ATOM 188  C CA  . GLU A 1 36  ? -17.157 0.946   7.557   1.00 22.08 ? 36  GLU A CA  1 
ATOM 189  C C   . GLU A 1 36  ? -17.780 0.486   6.244   1.00 22.00 ? 36  GLU A C   1 
ATOM 190  O O   . GLU A 1 36  ? -17.149 -0.274  5.502   1.00 22.17 ? 36  GLU A O   1 
ATOM 191  C CB  . GLU A 1 36  ? -17.389 -0.084  8.655   1.00 25.62 ? 36  GLU A CB  1 
ATOM 192  C CG  . GLU A 1 36  ? -16.793 0.323   9.984   1.00 31.02 ? 36  GLU A CG  1 
ATOM 193  C CD  . GLU A 1 36  ? -16.892 -0.767  11.028  1.00 38.03 ? 36  GLU A CD  1 
ATOM 194  O OE1 . GLU A 1 36  ? -16.799 -1.957  10.654  1.00 38.84 ? 36  GLU A OE1 1 
ATOM 195  O OE2 . GLU A 1 36  ? -17.058 -0.434  12.221  1.00 40.33 ? 36  GLU A OE2 1 
ATOM 196  N N   . ARG A 1 37  ? -19.006 0.924   5.939   1.00 25.47 ? 37  ARG A N   1 
ATOM 197  C CA  . ARG A 1 37  ? -19.568 0.676   4.614   1.00 28.14 ? 37  ARG A CA  1 
ATOM 198  C C   . ARG A 1 37  ? -18.681 1.276   3.526   1.00 31.15 ? 37  ARG A C   1 
ATOM 199  O O   . ARG A 1 37  ? -18.473 0.659   2.473   1.00 28.80 ? 37  ARG A O   1 
ATOM 200  C CB  . ARG A 1 37  ? -20.985 1.255   4.513   1.00 40.91 ? 37  ARG A CB  1 
ATOM 201  C CG  . ARG A 1 37  ? -22.085 0.453   5.214   1.00 40.44 ? 37  ARG A CG  1 
ATOM 202  C CD  . ARG A 1 37  ? -23.500 0.905   4.796   1.00 45.07 ? 37  ARG A CD  1 
ATOM 203  N NE  . ARG A 1 37  ? -24.109 1.904   5.691   1.00 48.49 ? 37  ARG A NE  1 
ATOM 204  C CZ  . ARG A 1 37  ? -24.616 1.645   6.898   1.00 43.50 ? 37  ARG A CZ  1 
ATOM 205  N NH1 . ARG A 1 37  ? -24.584 0.412   7.388   1.00 39.67 ? 37  ARG A NH1 1 
ATOM 206  N NH2 . ARG A 1 37  ? -25.155 2.621   7.627   1.00 35.26 ? 37  ARG A NH2 1 
ATOM 207  N N   . ILE A 1 38  ? -18.150 2.481   3.772   1.00 27.41 ? 38  ILE A N   1 
ATOM 208  C CA  . ILE A 1 38  ? -17.345 3.181   2.771   1.00 25.59 ? 38  ILE A CA  1 
ATOM 209  C C   . ILE A 1 38  ? -16.085 2.391   2.447   1.00 29.10 ? 38  ILE A C   1 
ATOM 210  O O   . ILE A 1 38  ? -15.777 2.129   1.278   1.00 33.63 ? 38  ILE A O   1 
ATOM 211  C CB  . ILE A 1 38  ? -16.994 4.601   3.256   1.00 28.24 ? 38  ILE A CB  1 
ATOM 212  C CG1 . ILE A 1 38  ? -18.246 5.363   3.661   1.00 24.30 ? 38  ILE A CG1 1 
ATOM 213  C CG2 . ILE A 1 38  ? -16.230 5.371   2.188   1.00 23.92 ? 38  ILE A CG2 1 
ATOM 214  C CD1 . ILE A 1 38  ? -19.251 5.471   2.561   1.00 26.61 ? 38  ILE A CD1 1 
ATOM 215  N N   . PHE A 1 39  ? -15.326 2.017   3.481   1.00 24.27 ? 39  PHE A N   1 
ATOM 216  C CA  . PHE A 1 39  ? -14.053 1.344   3.250   1.00 24.40 ? 39  PHE A CA  1 
ATOM 217  C C   . PHE A 1 39  ? -14.250 -0.017  2.616   1.00 23.61 ? 39  PHE A C   1 
ATOM 218  O O   . PHE A 1 39  ? -13.410 -0.464  1.826   1.00 26.00 ? 39  PHE A O   1 
ATOM 219  C CB  . PHE A 1 39  ? -13.289 1.220   4.557   1.00 19.72 ? 39  PHE A CB  1 
ATOM 220  C CG  . PHE A 1 39  ? -12.852 2.531   5.107   1.00 29.78 ? 39  PHE A CG  1 
ATOM 221  C CD1 . PHE A 1 39  ? -11.846 3.255   4.485   1.00 30.33 ? 39  PHE A CD1 1 
ATOM 222  C CD2 . PHE A 1 39  ? -13.458 3.061   6.228   1.00 28.56 ? 39  PHE A CD2 1 
ATOM 223  C CE1 . PHE A 1 39  ? -11.442 4.472   4.990   1.00 22.81 ? 39  PHE A CE1 1 
ATOM 224  C CE2 . PHE A 1 39  ? -13.058 4.280   6.734   1.00 25.39 ? 39  PHE A CE2 1 
ATOM 225  C CZ  . PHE A 1 39  ? -12.051 4.986   6.114   1.00 21.24 ? 39  PHE A CZ  1 
ATOM 226  N N   . THR A 1 40  ? -15.355 -0.685  2.940   1.00 23.41 ? 40  THR A N   1 
ATOM 227  C CA  . THR A 1 40  ? -15.655 -1.947  2.282   1.00 23.84 ? 40  THR A CA  1 
ATOM 228  C C   . THR A 1 40  ? -15.947 -1.734  0.804   1.00 22.42 ? 40  THR A C   1 
ATOM 229  O O   . THR A 1 40  ? -15.502 -2.525  -0.032  1.00 25.18 ? 40  THR A O   1 
ATOM 230  C CB  . THR A 1 40  ? -16.820 -2.636  2.986   1.00 23.16 ? 40  THR A CB  1 
ATOM 231  O OG1 . THR A 1 40  ? -16.470 -2.861  4.358   1.00 26.06 ? 40  THR A OG1 1 
ATOM 232  C CG2 . THR A 1 40  ? -17.116 -3.970  2.327   1.00 24.87 ? 40  THR A CG2 1 
ATOM 233  N N   . SER A 1 41  ? -16.653 -0.653  0.454   1.00 20.91 ? 41  SER A N   1 
ATOM 234  C CA  . SER A 1 41  ? -16.873 -0.337  -0.957  1.00 19.80 ? 41  SER A CA  1 
ATOM 235  C C   . SER A 1 41  ? -15.557 -0.051  -1.674  1.00 24.82 ? 41  SER A C   1 
ATOM 236  O O   . SER A 1 41  ? -15.328 -0.538  -2.788  1.00 24.04 ? 41  SER A O   1 
ATOM 237  C CB  . SER A 1 41  ? -17.813 0.855   -1.098  1.00 24.41 ? 41  SER A CB  1 
ATOM 238  O OG  . SER A 1 41  ? -18.030 1.148   -2.471  1.00 28.79 ? 41  SER A OG  1 
ATOM 239  N N   . GLN A 1 42  ? -14.691 0.762   -1.058  1.00 24.59 ? 42  GLN A N   1 
ATOM 240  C CA  . GLN A 1 42  ? -13.350 0.972   -1.592  1.00 24.29 ? 42  GLN A CA  1 
ATOM 241  C C   . GLN A 1 42  ? -12.622 -0.354  -1.761  1.00 22.24 ? 42  GLN A C   1 
ATOM 242  O O   . GLN A 1 42  ? -12.092 -0.656  -2.839  1.00 22.60 ? 42  GLN A O   1 
ATOM 243  C CB  . GLN A 1 42  ? -12.569 1.907   -0.666  1.00 24.39 ? 42  GLN A CB  1 
ATOM 244  C CG  . GLN A 1 42  ? -11.120 2.184   -1.073  1.00 22.62 ? 42  GLN A CG  1 
ATOM 245  C CD  . GLN A 1 42  ? -10.337 2.897   0.029   1.00 32.95 ? 42  GLN A CD  1 
ATOM 246  O OE1 . GLN A 1 42  ? -9.696  3.920   -0.214  1.00 37.19 ? 42  GLN A OE1 1 
ATOM 247  N NE2 . GLN A 1 42  ? -10.396 2.361   1.250   1.00 28.87 ? 42  GLN A NE2 1 
ATOM 248  N N   . GLN A 1 43  ? -12.614 -1.170  -0.703  1.00 22.29 ? 43  GLN A N   1 
ATOM 249  C CA  . GLN A 1 43  ? -11.907 -2.446  -0.717  1.00 24.70 ? 43  GLN A CA  1 
ATOM 250  C C   . GLN A 1 43  ? -12.310 -3.303  -1.908  1.00 24.96 ? 43  GLN A C   1 
ATOM 251  O O   . GLN A 1 43  ? -11.458 -3.926  -2.548  1.00 22.74 ? 43  GLN A O   1 
ATOM 252  C CB  . GLN A 1 43  ? -12.171 -3.187  0.593   1.00 26.40 ? 43  GLN A CB  1 
ATOM 253  C CG  . GLN A 1 43  ? -11.180 -4.281  0.920   1.00 24.72 ? 43  GLN A CG  1 
ATOM 254  C CD  . GLN A 1 43  ? -11.790 -5.658  0.835   1.00 41.70 ? 43  GLN A CD  1 
ATOM 255  O OE1 . GLN A 1 43  ? -12.958 -5.853  1.190   1.00 42.37 ? 43  GLN A OE1 1 
ATOM 256  N NE2 . GLN A 1 43  ? -11.008 -6.628  0.359   1.00 37.17 ? 43  GLN A NE2 1 
ATOM 257  N N   . LYS A 1 44  ? -13.605 -3.340  -2.229  1.00 24.39 ? 44  LYS A N   1 
ATOM 258  C CA  . LYS A 1 44  ? -14.053 -4.168  -3.344  1.00 27.93 ? 44  LYS A CA  1 
ATOM 259  C C   . LYS A 1 44  ? -13.750 -3.522  -4.689  1.00 27.63 ? 44  LYS A C   1 
ATOM 260  O O   . LYS A 1 44  ? -13.453 -4.225  -5.661  1.00 29.71 ? 44  LYS A O   1 
ATOM 261  C CB  . LYS A 1 44  ? -15.547 -4.475  -3.218  1.00 36.65 ? 44  LYS A CB  1 
ATOM 262  C CG  . LYS A 1 44  ? -15.981 -4.808  -1.797  1.00 42.93 ? 44  LYS A CG  1 
ATOM 263  C CD  . LYS A 1 44  ? -17.357 -5.444  -1.724  1.00 53.26 ? 44  LYS A CD  1 
ATOM 264  C CE  . LYS A 1 44  ? -18.233 -5.037  -2.896  1.00 56.31 ? 44  LYS A CE  1 
ATOM 265  N NZ  . LYS A 1 44  ? -19.501 -5.812  -2.908  1.00 59.95 ? 44  LYS A NZ  1 
ATOM 266  N N   . ILE A 1 45  ? -13.822 -2.192  -4.770  1.00 28.06 ? 45  ILE A N   1 
ATOM 267  C CA  . ILE A 1 45  ? -13.471 -1.510  -6.013  1.00 23.60 ? 45  ILE A CA  1 
ATOM 268  C C   . ILE A 1 45  ? -11.999 -1.731  -6.338  1.00 27.83 ? 45  ILE A C   1 
ATOM 269  O O   . ILE A 1 45  ? -11.640 -2.071  -7.473  1.00 29.77 ? 45  ILE A O   1 
ATOM 270  C CB  . ILE A 1 45  ? -13.811 -0.015  -5.927  1.00 22.85 ? 45  ILE A CB  1 
ATOM 271  C CG1 . ILE A 1 45  ? -15.327 0.182   -5.972  1.00 25.41 ? 45  ILE A CG1 1 
ATOM 272  C CG2 . ILE A 1 45  ? -13.142 0.743   -7.057  1.00 18.19 ? 45  ILE A CG2 1 
ATOM 273  C CD1 . ILE A 1 45  ? -15.771 1.550   -5.509  1.00 30.04 ? 45  ILE A CD1 1 
ATOM 274  N N   . ILE A 1 46  ? -11.126 -1.543  -5.344  1.00 17.56 ? 46  ILE A N   1 
ATOM 275  C CA  . ILE A 1 46  ? -9.713  -1.858  -5.532  1.00 19.63 ? 46  ILE A CA  1 
ATOM 276  C C   . ILE A 1 46  ? -9.553  -3.294  -6.003  1.00 23.50 ? 46  ILE A C   1 
ATOM 277  O O   . ILE A 1 46  ? -8.761  -3.590  -6.907  1.00 26.39 ? 46  ILE A O   1 
ATOM 278  C CB  . ILE A 1 46  ? -8.927  -1.623  -4.231  1.00 20.25 ? 46  ILE A CB  1 
ATOM 279  C CG1 . ILE A 1 46  ? -9.073  -0.185  -3.750  1.00 16.50 ? 46  ILE A CG1 1 
ATOM 280  C CG2 . ILE A 1 46  ? -7.470  -2.008  -4.425  1.00 18.22 ? 46  ILE A CG2 1 
ATOM 281  C CD1 . ILE A 1 46  ? -8.567  0.010   -2.348  1.00 17.53 ? 46  ILE A CD1 1 
ATOM 282  N N   . GLN A 1 47  ? -10.299 -4.209  -5.390  1.00 23.78 ? 47  GLN A N   1 
ATOM 283  C CA  . GLN A 1 47  ? -10.164 -5.621  -5.719  1.00 25.72 ? 47  GLN A CA  1 
ATOM 284  C C   . GLN A 1 47  ? -10.617 -5.896  -7.144  1.00 25.60 ? 47  GLN A C   1 
ATOM 285  O O   . GLN A 1 47  ? -9.922  -6.572  -7.910  1.00 24.08 ? 47  GLN A O   1 
ATOM 286  C CB  . GLN A 1 47  ? -10.970 -6.455  -4.728  1.00 31.10 ? 47  GLN A CB  1 
ATOM 287  C CG  . GLN A 1 47  ? -10.946 -7.940  -4.992  1.00 33.52 ? 47  GLN A CG  1 
ATOM 288  C CD  . GLN A 1 47  ? -11.369 -8.716  -3.779  1.00 35.27 ? 47  GLN A CD  1 
ATOM 289  O OE1 . GLN A 1 47  ? -12.357 -8.372  -3.127  1.00 46.81 ? 47  GLN A OE1 1 
ATOM 290  N NE2 . GLN A 1 47  ? -10.611 -9.755  -3.446  1.00 32.51 ? 47  GLN A NE2 1 
ATOM 291  N N   . ASN A 1 48  ? -11.788 -5.378  -7.516  1.00 23.35 ? 48  ASN A N   1 
ATOM 292  C CA  . ASN A 1 48  ? -12.324 -5.663  -8.839  1.00 29.25 ? 48  ASN A CA  1 
ATOM 293  C C   . ASN A 1 48  ? -11.416 -5.113  -9.930  1.00 36.52 ? 48  ASN A C   1 
ATOM 294  O O   . ASN A 1 48  ? -11.230 -5.753  -10.972 1.00 35.12 ? 48  ASN A O   1 
ATOM 295  C CB  . ASN A 1 48  ? -13.735 -5.092  -8.970  1.00 27.32 ? 48  ASN A CB  1 
ATOM 296  C CG  . ASN A 1 48  ? -14.398 -5.486  -10.276 1.00 41.54 ? 48  ASN A CG  1 
ATOM 297  O OD1 . ASN A 1 48  ? -14.508 -4.678  -11.201 1.00 39.20 ? 48  ASN A OD1 1 
ATOM 298  N ND2 . ASN A 1 48  ? -14.834 -6.738  -10.362 1.00 50.01 ? 48  ASN A ND2 1 
ATOM 299  N N   . ALA A 1 49  ? -10.823 -3.939  -9.701  1.00 35.42 ? 49  ALA A N   1 
ATOM 300  C CA  . ALA A 1 49  ? -9.967  -3.334  -10.717 1.00 30.25 ? 49  ALA A CA  1 
ATOM 301  C C   . ALA A 1 49  ? -8.707  -4.159  -10.936 1.00 30.28 ? 49  ALA A C   1 
ATOM 302  O O   . ALA A 1 49  ? -8.364  -4.491  -12.076 1.00 25.22 ? 49  ALA A O   1 
ATOM 303  C CB  . ALA A 1 49  ? -9.609  -1.905  -10.322 1.00 31.23 ? 49  ALA A CB  1 
ATOM 304  N N   . LEU A 1 50  ? -8.004  -4.496  -9.848  1.00 31.37 ? 50  LEU A N   1 
ATOM 305  C CA  . LEU A 1 50  ? -6.769  -5.270  -9.959  1.00 32.93 ? 50  LEU A CA  1 
ATOM 306  C C   . LEU A 1 50  ? -6.999  -6.582  -10.699 1.00 35.00 ? 50  LEU A C   1 
ATOM 307  O O   . LEU A 1 50  ? -6.166  -7.003  -11.512 1.00 29.96 ? 50  LEU A O   1 
ATOM 308  C CB  . LEU A 1 50  ? -6.196  -5.538  -8.566  1.00 24.60 ? 50  LEU A CB  1 
ATOM 309  C CG  . LEU A 1 50  ? -5.657  -4.326  -7.812  1.00 27.27 ? 50  LEU A CG  1 
ATOM 310  C CD1 . LEU A 1 50  ? -5.182  -4.711  -6.419  1.00 26.89 ? 50  LEU A CD1 1 
ATOM 311  C CD2 . LEU A 1 50  ? -4.541  -3.666  -8.610  1.00 31.54 ? 50  LEU A CD2 1 
ATOM 312  N N   . LYS A 1 51  ? -8.141  -7.191  -10.468 1.00 30.39 ? 51  LYS A N   1 
ATOM 313  C CA  . LYS A 1 51  ? -8.457  -8.471  -11.111 1.00 28.74 ? 51  LYS A CA  1 
ATOM 314  C C   . LYS A 1 51  ? -8.580  -8.279  -12.614 1.00 32.37 ? 51  LYS A C   1 
ATOM 315  O O   . LYS A 1 51  ? -8.391  -9.237  -13.319 1.00 28.18 ? 51  LYS A O   1 
ATOM 316  C CB  . LYS A 1 51  ? -9.664  -9.068  -10.403 1.00 30.80 ? 51  LYS A CB  1 
ATOM 317  C CG  . LYS A 1 51  ? -9.283  -10.081 -9.348  1.00 34.12 ? 51  LYS A CG  1 
ATOM 318  C CD  . LYS A 1 51  ? -10.357 -10.332 -8.379  1.00 30.45 ? 51  LYS A CD  1 
ATOM 319  C CE  . LYS A 1 51  ? -10.222 -11.683 -7.744  1.00 37.26 ? 51  LYS A CE  1 
ATOM 320  N NZ  . LYS A 1 51  ? -11.451 -12.453 -7.979  1.00 43.44 ? 51  LYS A NZ  1 
ATOM 321  N N   . HIS A 1 52  ? -8.993  -7.090  -13.044 1.00 42.76 ? 52  HIS A N   1 
ATOM 322  C CA  . HIS A 1 52  ? -9.033  -6.739  -14.457 1.00 37.54 ? 52  HIS A CA  1 
ATOM 323  C C   . HIS A 1 52  ? -7.764  -6.012  -14.892 1.00 33.51 ? 52  HIS A C   1 
ATOM 324  O O   . HIS A 1 52  ? -7.787  -5.237  -15.852 1.00 39.44 ? 52  HIS A O   1 
ATOM 325  C CB  . HIS A 1 52  ? -10.278 -5.903  -14.758 1.00 38.21 ? 52  HIS A CB  1 
ATOM 326  C CG  . HIS A 1 52  ? -11.568 -6.621  -14.492 1.00 43.79 ? 52  HIS A CG  1 
ATOM 327  N ND1 . HIS A 1 52  ? -12.028 -6.883  -13.219 1.00 44.69 ? 52  HIS A ND1 1 
ATOM 328  C CD2 . HIS A 1 52  ? -12.495 -7.130  -15.338 1.00 44.57 ? 52  HIS A CD2 1 
ATOM 329  C CE1 . HIS A 1 52  ? -13.183 -7.522  -13.291 1.00 39.52 ? 52  HIS A CE1 1 
ATOM 330  N NE2 . HIS A 1 52  ? -13.489 -7.683  -14.565 1.00 47.69 ? 52  HIS A NE2 1 
ATOM 331  N N   . ASN A 1 53  ? -6.652  -6.258  -14.195 1.00 32.36 ? 53  ASN A N   1 
ATOM 332  C CA  . ASN A 1 53  ? -5.353  -5.646  -14.498 1.00 43.33 ? 53  ASN A CA  1 
ATOM 333  C C   . ASN A 1 53  ? -5.433  -4.123  -14.551 1.00 43.69 ? 53  ASN A C   1 
ATOM 334  O O   . ASN A 1 53  ? -4.690  -3.468  -15.284 1.00 44.54 ? 53  ASN A O   1 
ATOM 335  C CB  . ASN A 1 53  ? -4.762  -6.187  -15.800 1.00 36.47 ? 53  ASN A CB  1 
ATOM 336  C CG  . ASN A 1 53  ? -3.269  -5.941  -15.898 1.00 53.17 ? 53  ASN A CG  1 
ATOM 337  O OD1 . ASN A 1 53  ? -2.673  -5.308  -15.023 1.00 57.81 ? 53  ASN A OD1 1 
ATOM 338  N ND2 . ASN A 1 53  ? -2.657  -6.442  -16.961 1.00 62.32 ? 53  ASN A ND2 1 
ATOM 339  N N   . GLN A 1 54  ? -6.338  -3.550  -13.772 1.00 44.47 ? 54  GLN A N   1 
ATOM 340  C CA  . GLN A 1 54  ? -6.509  -2.108  -13.696 1.00 32.22 ? 54  GLN A CA  1 
ATOM 341  C C   . GLN A 1 54  ? -5.840  -1.605  -12.424 1.00 32.22 ? 54  GLN A C   1 
ATOM 342  O O   . GLN A 1 54  ? -6.002  -2.198  -11.353 1.00 33.55 ? 54  GLN A O   1 
ATOM 343  C CB  . GLN A 1 54  ? -7.996  -1.755  -13.706 1.00 35.44 ? 54  GLN A CB  1 
ATOM 344  C CG  . GLN A 1 54  ? -8.319  -0.350  -14.135 1.00 37.32 ? 54  GLN A CG  1 
ATOM 345  C CD  . GLN A 1 54  ? -9.812  -0.132  -14.289 1.00 40.50 ? 54  GLN A CD  1 
ATOM 346  O OE1 . GLN A 1 54  ? -10.604 -1.066  -14.160 1.00 39.63 ? 54  GLN A OE1 1 
ATOM 347  N NE2 . GLN A 1 54  ? -10.205 1.107   -14.559 1.00 39.95 ? 54  GLN A NE2 1 
ATOM 348  N N   . GLU A 1 55  ? -5.084  -0.525  -12.542 1.00 35.04 ? 55  GLU A N   1 
ATOM 349  C CA  . GLU A 1 55  ? -4.394  0.027   -11.389 1.00 32.44 ? 55  GLU A CA  1 
ATOM 350  C C   . GLU A 1 55  ? -5.263  1.072   -10.700 1.00 28.34 ? 55  GLU A C   1 
ATOM 351  O O   . GLU A 1 55  ? -6.112  1.713   -11.323 1.00 25.78 ? 55  GLU A O   1 
ATOM 352  C CB  . GLU A 1 55  ? -3.061  0.628   -11.815 1.00 34.94 ? 55  GLU A CB  1 
ATOM 353  C CG  . GLU A 1 55  ? -2.371  -0.179  -12.902 1.00 42.10 ? 55  GLU A CG  1 
ATOM 354  C CD  . GLU A 1 55  ? -1.041  0.421   -13.312 1.00 62.38 ? 55  GLU A CD  1 
ATOM 355  O OE1 . GLU A 1 55  ? 0.007   -0.134  -12.917 1.00 58.36 ? 55  GLU A OE1 1 
ATOM 356  O OE2 . GLU A 1 55  ? -1.046  1.449   -14.027 1.00 65.80 ? 55  GLU A OE2 1 
ATOM 357  N N   . VAL A 1 56  ? -5.062  1.219   -9.391  1.00 25.06 ? 56  VAL A N   1 
ATOM 358  C CA  . VAL A 1 56  ? -5.886  2.089   -8.560  1.00 23.01 ? 56  VAL A CA  1 
ATOM 359  C C   . VAL A 1 56  ? -4.980  2.962   -7.711  1.00 24.87 ? 56  VAL A C   1 
ATOM 360  O O   . VAL A 1 56  ? -3.978  2.487   -7.166  1.00 32.16 ? 56  VAL A O   1 
ATOM 361  C CB  . VAL A 1 56  ? -6.838  1.292   -7.636  1.00 30.95 ? 56  VAL A CB  1 
ATOM 362  C CG1 . VAL A 1 56  ? -7.894  2.219   -7.038  1.00 28.97 ? 56  VAL A CG1 1 
ATOM 363  C CG2 . VAL A 1 56  ? -7.481  0.118   -8.368  1.00 27.51 ? 56  VAL A CG2 1 
ATOM 364  N N   . ILE A 1 57  ? -5.343  4.232   -7.580  1.00 24.60 ? 57  ILE A N   1 
ATOM 365  C CA  . ILE A 1 57  ? -4.731  5.123   -6.603  1.00 28.76 ? 57  ILE A CA  1 
ATOM 366  C C   . ILE A 1 57  ? -5.791  5.467   -5.566  1.00 29.73 ? 57  ILE A C   1 
ATOM 367  O O   . ILE A 1 57  ? -6.924  5.820   -5.918  1.00 30.93 ? 57  ILE A O   1 
ATOM 368  C CB  . ILE A 1 57  ? -4.151  6.386   -7.263  1.00 27.11 ? 57  ILE A CB  1 
ATOM 369  C CG1 . ILE A 1 57  ? -3.092  5.992   -8.292  1.00 29.03 ? 57  ILE A CG1 1 
ATOM 370  C CG2 . ILE A 1 57  ? -3.542  7.308   -6.213  1.00 21.91 ? 57  ILE A CG2 1 
ATOM 371  C CD1 . ILE A 1 57  ? -2.406  7.156   -8.940  1.00 27.47 ? 57  ILE A CD1 1 
ATOM 372  N N   . ILE A 1 58  ? -5.437  5.331   -4.298  1.00 20.64 ? 58  ILE A N   1 
ATOM 373  C CA  . ILE A 1 58  ? -6.372  5.588   -3.208  1.00 26.52 ? 58  ILE A CA  1 
ATOM 374  C C   . ILE A 1 58  ? -5.741  6.636   -2.299  1.00 28.68 ? 58  ILE A C   1 
ATOM 375  O O   . ILE A 1 58  ? -4.515  6.828   -2.301  1.00 28.24 ? 58  ILE A O   1 
ATOM 376  C CB  . ILE A 1 58  ? -6.710  4.300   -2.425  1.00 30.04 ? 58  ILE A CB  1 
ATOM 377  C CG1 . ILE A 1 58  ? -5.469  3.804   -1.680  1.00 24.42 ? 58  ILE A CG1 1 
ATOM 378  C CG2 . ILE A 1 58  ? -7.267  3.238   -3.355  1.00 23.71 ? 58  ILE A CG2 1 
ATOM 379  C CD1 . ILE A 1 58  ? -5.768  2.917   -0.506  1.00 22.80 ? 58  ILE A CD1 1 
ATOM 380  N N   . PRO A 1 59  ? -6.551  7.336   -1.511  1.00 25.31 ? 59  PRO A N   1 
ATOM 381  C CA  . PRO A 1 59  ? -5.983  8.162   -0.461  1.00 24.86 ? 59  PRO A CA  1 
ATOM 382  C C   . PRO A 1 59  ? -5.259  7.275   0.549   1.00 27.85 ? 59  PRO A C   1 
ATOM 383  O O   . PRO A 1 59  ? -5.592  6.092   0.699   1.00 35.76 ? 59  PRO A O   1 
ATOM 384  C CB  . PRO A 1 59  ? -7.208  8.839   0.166   1.00 39.93 ? 59  PRO A CB  1 
ATOM 385  C CG  . PRO A 1 59  ? -8.318  8.641   -0.811  1.00 31.10 ? 59  PRO A CG  1 
ATOM 386  C CD  . PRO A 1 59  ? -8.022  7.384   -1.528  1.00 28.09 ? 59  PRO A CD  1 
ATOM 387  N N   . PRO A 1 60  ? -4.258  7.821   1.238   1.00 21.84 ? 60  PRO A N   1 
ATOM 388  C CA  . PRO A 1 60  ? -3.728  9.171   1.090   1.00 26.02 ? 60  PRO A CA  1 
ATOM 389  C C   . PRO A 1 60  ? -2.598  9.267   0.068   1.00 34.81 ? 60  PRO A C   1 
ATOM 390  O O   . PRO A 1 60  ? -1.618  9.958   0.344   1.00 35.86 ? 60  PRO A O   1 
ATOM 391  C CB  . PRO A 1 60  ? -3.205  9.483   2.489   1.00 28.63 ? 60  PRO A CB  1 
ATOM 392  C CG  . PRO A 1 60  ? -2.782  8.154   3.028   1.00 28.41 ? 60  PRO A CG  1 
ATOM 393  C CD  . PRO A 1 60  ? -3.631  7.104   2.363   1.00 23.16 ? 60  PRO A CD  1 
ATOM 394  N N   . GLY A 1 61  ? -2.731  8.627   -1.095  1.00 31.19 ? 61  GLY A N   1 
ATOM 395  C CA  . GLY A 1 61  ? -1.627  8.619   -2.036  1.00 28.51 ? 61  GLY A CA  1 
ATOM 396  C C   . GLY A 1 61  ? -0.864  7.315   -2.179  1.00 26.44 ? 61  GLY A C   1 
ATOM 397  O O   . GLY A 1 61  ? 0.365   7.306   -2.064  1.00 30.50 ? 61  GLY A O   1 
ATOM 398  N N   . ILE A 1 62  ? -1.572  6.200   -2.370  1.00 27.36 ? 62  ILE A N   1 
ATOM 399  C CA  . ILE A 1 62  ? -0.961  4.888   -2.564  1.00 23.78 ? 62  ILE A CA  1 
ATOM 400  C C   . ILE A 1 62  ? -1.431  4.314   -3.894  1.00 23.34 ? 62  ILE A C   1 
ATOM 401  O O   . ILE A 1 62  ? -2.607  4.444   -4.253  1.00 25.92 ? 62  ILE A O   1 
ATOM 402  C CB  . ILE A 1 62  ? -1.296  3.932   -1.401  1.00 16.25 ? 62  ILE A CB  1 
ATOM 403  C CG1 . ILE A 1 62  ? -0.847  4.549   -0.082  1.00 11.90 ? 62  ILE A CG1 1 
ATOM 404  C CG2 . ILE A 1 62  ? -0.634  2.581   -1.608  1.00 21.54 ? 62  ILE A CG2 1 
ATOM 405  C CD1 . ILE A 1 62  ? -0.936  3.631   1.088   1.00 23.01 ? 62  ILE A CD1 1 
ATOM 406  N N   . LYS A 1 63  ? -0.516  3.679   -4.624  1.00 23.64 ? 63  LYS A N   1 
ATOM 407  C CA  . LYS A 1 63  ? -0.790  3.179   -5.969  1.00 27.43 ? 63  LYS A CA  1 
ATOM 408  C C   . LYS A 1 63  ? -0.756  1.656   -5.966  1.00 33.61 ? 63  LYS A C   1 
ATOM 409  O O   . LYS A 1 63  ? 0.260   1.054   -5.602  1.00 37.70 ? 63  LYS A O   1 
ATOM 410  C CB  . LYS A 1 63  ? 0.217   3.734   -6.976  1.00 27.87 ? 63  LYS A CB  1 
ATOM 411  C CG  . LYS A 1 63  ? -0.097  3.401   -8.439  1.00 30.26 ? 63  LYS A CG  1 
ATOM 412  C CD  . LYS A 1 63  ? 1.174   3.386   -9.290  1.00 39.26 ? 63  LYS A CD  1 
ATOM 413  C CE  . LYS A 1 63  ? 0.887   3.634   -10.764 1.00 39.72 ? 63  LYS A CE  1 
ATOM 414  N NZ  . LYS A 1 63  ? 2.147   3.697   -11.573 1.00 49.73 ? 63  LYS A NZ  1 
ATOM 415  N N   . PHE A 1 64  ? -1.859  1.043   -6.393  1.00 26.65 ? 64  PHE A N   1 
ATOM 416  C CA  . PHE A 1 64  ? -1.995  -0.410  -6.416  1.00 29.14 ? 64  PHE A CA  1 
ATOM 417  C C   . PHE A 1 64  ? -1.617  -0.931  -7.794  1.00 31.10 ? 64  PHE A C   1 
ATOM 418  O O   . PHE A 1 64  ? -2.211  -0.532  -8.803  1.00 36.75 ? 64  PHE A O   1 
ATOM 419  C CB  . PHE A 1 64  ? -3.421  -0.836  -6.068  1.00 33.19 ? 64  PHE A CB  1 
ATOM 420  C CG  . PHE A 1 64  ? -3.723  -0.806  -4.598  1.00 30.79 ? 64  PHE A CG  1 
ATOM 421  C CD1 . PHE A 1 64  ? -4.042  0.385   -3.969  1.00 28.37 ? 64  PHE A CD1 1 
ATOM 422  C CD2 . PHE A 1 64  ? -3.698  -1.966  -3.848  1.00 25.67 ? 64  PHE A CD2 1 
ATOM 423  C CE1 . PHE A 1 64  ? -4.323  0.420   -2.619  1.00 28.88 ? 64  PHE A CE1 1 
ATOM 424  C CE2 . PHE A 1 64  ? -3.979  -1.937  -2.498  1.00 26.91 ? 64  PHE A CE2 1 
ATOM 425  C CZ  . PHE A 1 64  ? -4.291  -0.743  -1.882  1.00 31.70 ? 64  PHE A CZ  1 
ATOM 426  N N   . THR A 1 65  ? -0.657  -1.843  -7.829  1.00 35.15 ? 65  THR A N   1 
ATOM 427  C CA  . THR A 1 65  ? -0.110  -2.370  -9.068  1.00 43.61 ? 65  THR A CA  1 
ATOM 428  C C   . THR A 1 65  ? -0.340  -3.874  -9.140  1.00 40.07 ? 65  THR A C   1 
ATOM 429  O O   . THR A 1 65  ? -0.443  -4.551  -8.111  1.00 39.45 ? 65  THR A O   1 
ATOM 430  C CB  . THR A 1 65  ? 1.392   -2.078  -9.155  1.00 43.08 ? 65  THR A CB  1 
ATOM 431  O OG1 . THR A 1 65  ? 2.102   -3.060  -8.393  1.00 50.15 ? 65  THR A OG1 1 
ATOM 432  C CG2 . THR A 1 65  ? 1.703   -0.701  -8.574  1.00 33.89 ? 65  THR A CG2 1 
ATOM 433  N N   . VAL A 1 66  ? -0.414  -4.399  -10.360 1.00 26.71 ? 66  VAL A N   1 
ATOM 434  C CA  . VAL A 1 66  ? -0.383  -5.837  -10.594 1.00 33.99 ? 66  VAL A CA  1 
ATOM 435  C C   . VAL A 1 66  ? 0.961   -6.164  -11.233 1.00 38.41 ? 66  VAL A C   1 
ATOM 436  O O   . VAL A 1 66  ? 1.229   -5.767  -12.374 1.00 41.75 ? 66  VAL A O   1 
ATOM 437  C CB  . VAL A 1 66  ? -1.550  -6.307  -11.472 1.00 37.46 ? 66  VAL A CB  1 
ATOM 438  C CG1 . VAL A 1 66  ? -1.453  -7.803  -11.717 1.00 35.09 ? 66  VAL A CG1 1 
ATOM 439  C CG2 . VAL A 1 66  ? -2.868  -5.974  -10.817 1.00 33.10 ? 66  VAL A CG2 1 
ATOM 440  N N   . VAL A 1 67  ? 1.807   -6.889  -10.500 1.00 38.93 ? 67  VAL A N   1 
ATOM 441  C CA  . VAL A 1 67  ? 3.146   -7.250  -10.958 1.00 40.37 ? 67  VAL A CA  1 
ATOM 442  C C   . VAL A 1 67  ? 3.182   -8.736  -11.280 1.00 37.32 ? 67  VAL A C   1 
ATOM 443  O O   . VAL A 1 67  ? 2.420   -9.536  -10.725 1.00 46.55 ? 67  VAL A O   1 
ATOM 444  C CB  . VAL A 1 67  ? 4.232   -6.906  -9.916  1.00 37.23 ? 67  VAL A CB  1 
ATOM 445  C CG1 . VAL A 1 67  ? 4.527   -5.420  -9.937  1.00 24.10 ? 67  VAL A CG1 1 
ATOM 446  C CG2 . VAL A 1 67  ? 3.807   -7.373  -8.527  1.00 38.18 ? 67  VAL A CG2 1 
ATOM 447  N N   . THR A 1 68  ? 4.087   -9.106  -12.182 1.00 35.14 ? 68  THR A N   1 
ATOM 448  C CA  . THR A 1 68  ? 4.254   -10.490 -12.605 1.00 40.99 ? 68  THR A CA  1 
ATOM 449  C C   . THR A 1 68  ? 5.503   -11.068 -11.955 1.00 36.48 ? 68  THR A C   1 
ATOM 450  O O   . THR A 1 68  ? 6.576   -10.461 -12.018 1.00 34.46 ? 68  THR A O   1 
ATOM 451  C CB  . THR A 1 68  ? 4.350   -10.594 -14.126 1.00 37.72 ? 68  THR A CB  1 
ATOM 452  O OG1 . THR A 1 68  ? 3.042   -10.455 -14.695 1.00 49.00 ? 68  THR A OG1 1 
ATOM 453  C CG2 . THR A 1 68  ? 4.927   -11.933 -14.526 1.00 36.60 ? 68  THR A CG2 1 
ATOM 454  N N   . VAL A 1 69  ? 5.357   -12.230 -11.324 1.00 38.09 ? 69  VAL A N   1 
ATOM 455  C CA  . VAL A 1 69  ? 6.417   -12.840 -10.531 1.00 34.31 ? 69  VAL A CA  1 
ATOM 456  C C   . VAL A 1 69  ? 7.017   -13.990 -11.320 1.00 35.29 ? 69  VAL A C   1 
ATOM 457  O O   . VAL A 1 69  ? 6.289   -14.835 -11.852 1.00 37.29 ? 69  VAL A O   1 
ATOM 458  C CB  . VAL A 1 69  ? 5.894   -13.316 -9.169  1.00 26.38 ? 69  VAL A CB  1 
ATOM 459  C CG1 . VAL A 1 69  ? 7.032   -13.833 -8.324  1.00 24.89 ? 69  VAL A CG1 1 
ATOM 460  C CG2 . VAL A 1 69  ? 5.199   -12.174 -8.477  1.00 28.60 ? 69  VAL A CG2 1 
ATOM 461  N N   . LYS A 1 70  ? 8.343   -14.017 -11.396 1.00 38.39 ? 70  LYS A N   1 
ATOM 462  C CA  . LYS A 1 70  ? 9.033   -15.014 -12.199 1.00 37.17 ? 70  LYS A CA  1 
ATOM 463  C C   . LYS A 1 70  ? 8.867   -16.395 -11.587 1.00 37.49 ? 70  LYS A C   1 
ATOM 464  O O   . LYS A 1 70  ? 8.856   -16.556 -10.363 1.00 35.97 ? 70  LYS A O   1 
ATOM 465  C CB  . LYS A 1 70  ? 10.519  -14.668 -12.322 1.00 42.21 ? 70  LYS A CB  1 
ATOM 466  C CG  . LYS A 1 70  ? 10.820  -13.327 -13.005 1.00 56.49 ? 70  LYS A CG  1 
ATOM 467  C CD  . LYS A 1 70  ? 10.723  -12.130 -12.049 1.00 55.04 ? 70  LYS A CD  1 
ATOM 468  C CE  . LYS A 1 70  ? 11.262  -12.466 -10.666 1.00 59.75 ? 70  LYS A CE  1 
ATOM 469  N NZ  . LYS A 1 70  ? 10.971  -11.406 -9.662  1.00 44.87 ? 70  LYS A NZ  1 
ATOM 470  N N   . ALA A 1 71  ? 8.814   -17.412 -12.425 1.00 43.66 ? 71  ALA A N   1 
ATOM 471  C CA  . ALA A 1 71  ? 8.703   -18.800 -11.930 1.00 40.09 ? 71  ALA A CA  1 
ATOM 472  C C   . ALA A 1 71  ? 10.017  -19.263 -11.336 1.00 35.41 ? 71  ALA A C   1 
ATOM 473  O O   . ALA A 1 71  ? 11.013  -19.043 -11.946 1.00 39.35 ? 71  ALA A O   1 
ATOM 474  C CB  . ALA A 1 71  ? 8.366   -19.716 -13.058 1.00 33.95 ? 71  ALA A CB  1 
ATOM 475  N N   . LYS A 1 72  ? 9.961   -19.935 -10.201 1.00 36.00 ? 72  LYS A N   1 
ATOM 476  C CA  . LYS A 1 72  ? 11.164  -20.504 -9.570  1.00 37.48 ? 72  LYS A CA  1 
ATOM 477  C C   . LYS A 1 72  ? 11.181  -21.975 -9.948  1.00 38.88 ? 72  LYS A C   1 
ATOM 478  O O   . LYS A 1 72  ? 10.201  -22.603 -9.759  1.00 37.25 ? 72  LYS A O   1 
ATOM 479  C CB  . LYS A 1 72  ? 11.040  -20.426 -8.058  1.00 39.61 ? 72  LYS A CB  1 
ATOM 480  C CG  . LYS A 1 72  ? 11.052  -19.028 -7.481  1.00 45.33 ? 72  LYS A CG  1 
ATOM 481  C CD  . LYS A 1 72  ? 10.903  -19.007 -5.989  1.00 59.12 ? 72  LYS A CD  1 
ATOM 482  C CE  . LYS A 1 72  ? 10.940  -17.612 -5.415  1.00 61.03 ? 72  LYS A CE  1 
ATOM 483  N NZ  . LYS A 1 72  ? 10.767  -17.638 -3.946  1.00 76.32 ? 72  LYS A NZ  1 
ATOM 484  N N   . PRO A 1 73  ? 12.264  -22.541 -10.487 1.00 40.64 ? 73  PRO A N   1 
ATOM 485  C CA  . PRO A 1 73  ? 12.237  -23.926 -10.870 1.00 36.72 ? 73  PRO A CA  1 
ATOM 486  C C   . PRO A 1 73  ? 12.288  -24.883 -9.688  1.00 35.69 ? 73  PRO A C   1 
ATOM 487  O O   . PRO A 1 73  ? 12.718  -24.511 -8.677  1.00 32.23 ? 73  PRO A O   1 
ATOM 488  C CB  . PRO A 1 73  ? 13.526  -24.055 -11.653 1.00 28.83 ? 73  PRO A CB  1 
ATOM 489  C CG  . PRO A 1 73  ? 14.415  -23.060 -11.037 1.00 28.02 ? 73  PRO A CG  1 
ATOM 490  C CD  . PRO A 1 73  ? 13.518  -21.894 -10.755 1.00 33.98 ? 73  PRO A CD  1 
ATOM 491  N N   . ALA A 1 74  ? 11.868  -26.123 -9.906  1.00 34.75 ? 74  ALA A N   1 
ATOM 492  C CA  . ALA A 1 74  ? 11.966  -27.179 -8.909  1.00 32.26 ? 74  ALA A CA  1 
ATOM 493  C C   . ALA A 1 74  ? 13.426  -27.463 -8.576  1.00 37.54 ? 74  ALA A C   1 
ATOM 494  O O   . ALA A 1 74  ? 14.320  -27.309 -9.416  1.00 41.04 ? 74  ALA A O   1 
ATOM 495  C CB  . ALA A 1 74  ? 11.294  -28.450 -9.422  1.00 29.12 ? 74  ALA A CB  1 
ATOM 496  N N   . ARG A 1 75  ? 13.723  -27.654 -7.283  1.00 40.96 ? 75  ARG A N   1 
ATOM 497  C CA  . ARG A 1 75  ? 15.126  -27.761 -6.770  1.00 37.69 ? 75  ARG A CA  1 
ATOM 498  C C   . ARG A 1 75  ? 15.395  -29.014 -5.944  1.00 39.22 ? 75  ARG A C   1 
ATOM 499  O O   . ARG A 1 75  ? 14.522  -29.467 -5.277  1.00 40.03 ? 75  ARG A O   1 
ATOM 500  C CB  . ARG A 1 75  ? 15.531  -26.549 -5.949  1.00 39.06 ? 75  ARG A CB  1 
ATOM 501  C CG  . ARG A 1 75  ? 16.150  -25.430 -6.759  1.00 45.24 ? 75  ARG A CG  1 
ATOM 502  C CD  . ARG A 1 75  ? 17.103  -25.832 -7.841  1.00 42.04 ? 75  ARG A CD  1 
ATOM 503  N NE  . ARG A 1 75  ? 18.365  -26.332 -7.356  1.00 57.92 ? 75  ARG A NE  1 
ATOM 504  C CZ  . ARG A 1 75  ? 19.381  -25.594 -6.997  1.00 49.20 ? 75  ARG A CZ  1 
ATOM 505  N NH1 . ARG A 1 75  ? 19.284  -24.288 -7.006  1.00 82.18 ? 75  ARG A NH1 1 
ATOM 506  N NH2 . ARG A 1 75  ? 20.490  -26.158 -6.592  1.00 55.11 ? 75  ARG A NH2 1 
ATOM 507  N N   . GLN A 1 76  ? 16.673  -29.400 -5.900  1.00 46.01 ? 76  GLN A N   1 
ATOM 508  C CA  . GLN A 1 76  ? 17.187  -30.693 -5.484  1.00 39.42 ? 76  GLN A CA  1 
ATOM 509  C C   . GLN A 1 76  ? 18.298  -30.470 -4.473  1.00 31.30 ? 76  GLN A C   1 
ATOM 510  O O   . GLN A 1 76  ? 19.325  -29.869 -4.805  1.00 31.78 ? 76  GLN A O   1 
ATOM 511  C CB  . GLN A 1 76  ? 17.709  -31.457 -6.708  1.00 59.75 ? 76  GLN A CB  1 
ATOM 512  C CG  . GLN A 1 76  ? 16.609  -31.878 -7.719  1.00 66.93 ? 76  GLN A CG  1 
ATOM 513  C CD  . GLN A 1 76  ? 17.147  -32.582 -8.983  1.00 80.98 ? 76  GLN A CD  1 
ATOM 514  O OE1 . GLN A 1 76  ? 18.294  -32.396 -9.383  1.00 93.47 ? 76  GLN A OE1 1 
ATOM 515  N NE2 . GLN A 1 76  ? 16.301  -33.391 -9.608  1.00 72.45 ? 76  GLN A NE2 1 
ATOM 516  N N   . GLY A 1 77  ? 18.102  -30.960 -3.245  1.00 36.80 ? 77  GLY A N   1 
ATOM 517  C CA  . GLY A 1 77  ? 19.046  -30.726 -2.171  1.00 31.52 ? 77  GLY A CA  1 
ATOM 518  C C   . GLY A 1 77  ? 19.196  -31.931 -1.262  1.00 35.23 ? 77  GLY A C   1 
ATOM 519  O O   . GLY A 1 77  ? 18.583  -32.979 -1.480  1.00 38.20 ? 77  GLY A O   1 
ATOM 520  N N   . HIS A 1 78  ? 20.031  -31.758 -0.231  1.00 35.89 ? 78  HIS A N   1 
ATOM 521  C CA  . HIS A 1 78  ? 20.320  -32.806 0.740   1.00 33.70 ? 78  HIS A CA  1 
ATOM 522  C C   . HIS A 1 78  ? 20.375  -32.218 2.141   1.00 33.63 ? 78  HIS A C   1 
ATOM 523  O O   . HIS A 1 78  ? 20.872  -31.106 2.338   1.00 37.55 ? 78  HIS A O   1 
ATOM 524  C CB  . HIS A 1 78  ? 21.653  -33.515 0.442   1.00 31.51 ? 78  HIS A CB  1 
ATOM 525  C CG  . HIS A 1 78  ? 21.850  -33.857 -1.001  1.00 38.67 ? 78  HIS A CG  1 
ATOM 526  N ND1 . HIS A 1 78  ? 22.526  -33.033 -1.875  1.00 39.36 ? 78  HIS A ND1 1 
ATOM 527  C CD2 . HIS A 1 78  ? 21.458  -34.934 -1.724  1.00 37.43 ? 78  HIS A CD2 1 
ATOM 528  C CE1 . HIS A 1 78  ? 22.539  -33.585 -3.076  1.00 47.68 ? 78  HIS A CE1 1 
ATOM 529  N NE2 . HIS A 1 78  ? 21.898  -34.739 -3.011  1.00 49.16 ? 78  HIS A NE2 1 
ATOM 530  N N   . ASN A 1 79  ? 19.869  -32.973 3.107   1.00 31.87 ? 79  ASN A N   1 
ATOM 531  C CA  . ASN A 1 79  ? 20.009  -32.602 4.509   1.00 29.58 ? 79  ASN A CA  1 
ATOM 532  C C   . ASN A 1 79  ? 21.480  -32.652 4.890   1.00 31.96 ? 79  ASN A C   1 
ATOM 533  O O   . ASN A 1 79  ? 22.098  -33.716 4.771   1.00 32.94 ? 79  ASN A O   1 
ATOM 534  C CB  . ASN A 1 79  ? 19.200  -33.542 5.387   1.00 22.96 ? 79  ASN A CB  1 
ATOM 535  C CG  . ASN A 1 79  ? 19.074  -33.049 6.813   1.00 29.00 ? 79  ASN A CG  1 
ATOM 536  O OD1 . ASN A 1 79  ? 19.991  -32.428 7.363   1.00 31.97 ? 79  ASN A OD1 1 
ATOM 537  N ND2 . ASN A 1 79  ? 17.930  -33.327 7.426   1.00 35.87 ? 79  ASN A ND2 1 
ATOM 538  N N   . PRO A 1 80  ? 22.079  -31.546 5.349   1.00 33.02 ? 80  PRO A N   1 
ATOM 539  C CA  . PRO A 1 80  ? 23.518  -31.577 5.675   1.00 34.33 ? 80  PRO A CA  1 
ATOM 540  C C   . PRO A 1 80  ? 23.887  -32.604 6.732   1.00 35.75 ? 80  PRO A C   1 
ATOM 541  O O   . PRO A 1 80  ? 24.960  -33.216 6.643   1.00 31.23 ? 80  PRO A O   1 
ATOM 542  C CB  . PRO A 1 80  ? 23.795  -30.145 6.156   1.00 34.72 ? 80  PRO A CB  1 
ATOM 543  C CG  . PRO A 1 80  ? 22.732  -29.317 5.505   1.00 41.91 ? 80  PRO A CG  1 
ATOM 544  C CD  . PRO A 1 80  ? 21.512  -30.192 5.464   1.00 40.25 ? 80  PRO A CD  1 
ATOM 545  N N   . ALA A 1 81  ? 23.024  -32.827 7.725   1.00 28.19 ? 81  ALA A N   1 
ATOM 546  C CA  . ALA A 1 81  ? 23.370  -33.753 8.796   1.00 25.41 ? 81  ALA A CA  1 
ATOM 547  C C   . ALA A 1 81  ? 23.220  -35.207 8.360   1.00 31.94 ? 81  ALA A C   1 
ATOM 548  O O   . ALA A 1 81  ? 24.108  -36.030 8.611   1.00 36.61 ? 81  ALA A O   1 
ATOM 549  C CB  . ALA A 1 81  ? 22.509  -33.476 10.032  1.00 25.35 ? 81  ALA A CB  1 
ATOM 550  N N   . THR A 1 82  ? 22.101  -35.544 7.716   1.00 33.80 ? 82  THR A N   1 
ATOM 551  C CA  . THR A 1 82  ? 21.745  -36.932 7.443   1.00 26.57 ? 82  THR A CA  1 
ATOM 552  C C   . THR A 1 82  ? 21.926  -37.338 5.991   1.00 31.00 ? 82  THR A C   1 
ATOM 553  O O   . THR A 1 82  ? 21.696  -38.505 5.659   1.00 35.60 ? 82  THR A O   1 
ATOM 554  C CB  . THR A 1 82  ? 20.295  -37.197 7.846   1.00 23.38 ? 82  THR A CB  1 
ATOM 555  O OG1 . THR A 1 82  ? 19.434  -36.366 7.064   1.00 30.12 ? 82  THR A OG1 1 
ATOM 556  C CG2 . THR A 1 82  ? 20.085  -36.900 9.320   1.00 29.41 ? 82  THR A CG2 1 
ATOM 557  N N   . GLY A 1 83  ? 22.305  -36.415 5.114   1.00 27.95 ? 83  GLY A N   1 
ATOM 558  C CA  . GLY A 1 83  ? 22.477  -36.748 3.715   1.00 27.39 ? 83  GLY A CA  1 
ATOM 559  C C   . GLY A 1 83  ? 21.194  -37.097 2.988   1.00 32.66 ? 83  GLY A C   1 
ATOM 560  O O   . GLY A 1 83  ? 21.221  -37.350 1.779   1.00 35.07 ? 83  GLY A O   1 
ATOM 561  N N   . GLU A 1 84  ? 20.067  -37.105 3.704   1.00 33.91 ? 84  GLU A N   1 
ATOM 562  C CA  . GLU A 1 84  ? 18.785  -37.409 3.083   1.00 33.91 ? 84  GLU A CA  1 
ATOM 563  C C   . GLU A 1 84  ? 18.421  -36.333 2.062   1.00 40.78 ? 84  GLU A C   1 
ATOM 564  O O   . GLU A 1 84  ? 18.704  -35.150 2.273   1.00 41.07 ? 84  GLU A O   1 
ATOM 565  C CB  . GLU A 1 84  ? 17.690  -37.510 4.141   1.00 30.10 ? 84  GLU A CB  1 
ATOM 566  C CG  . GLU A 1 84  ? 17.645  -38.857 4.832   1.00 40.17 ? 84  GLU A CG  1 
ATOM 567  C CD  . GLU A 1 84  ? 16.658  -38.896 5.981   1.00 41.14 ? 84  GLU A CD  1 
ATOM 568  O OE1 . GLU A 1 84  ? 16.682  -37.970 6.822   1.00 42.28 ? 84  GLU A OE1 1 
ATOM 569  O OE2 . GLU A 1 84  ? 15.862  -39.857 6.045   1.00 49.63 ? 84  GLU A OE2 1 
ATOM 570  N N   . PRO A 1 85  ? 17.811  -36.708 0.942   1.00 43.25 ? 85  PRO A N   1 
ATOM 571  C CA  . PRO A 1 85  ? 17.420  -35.703 -0.053  1.00 43.65 ? 85  PRO A CA  1 
ATOM 572  C C   . PRO A 1 85  ? 16.167  -34.937 0.356   1.00 36.26 ? 85  PRO A C   1 
ATOM 573  O O   . PRO A 1 85  ? 15.251  -35.476 0.984   1.00 28.34 ? 85  PRO A O   1 
ATOM 574  C CB  . PRO A 1 85  ? 17.176  -36.539 -1.315  1.00 45.16 ? 85  PRO A CB  1 
ATOM 575  C CG  . PRO A 1 85  ? 16.810  -37.887 -0.801  1.00 36.49 ? 85  PRO A CG  1 
ATOM 576  C CD  . PRO A 1 85  ? 17.625  -38.083 0.448   1.00 38.06 ? 85  PRO A CD  1 
ATOM 577  N N   . ILE A 1 86  ? 16.155  -33.652 0.006   1.00 37.12 ? 86  ILE A N   1 
ATOM 578  C CA  . ILE A 1 86  ? 14.987  -32.792 0.145   1.00 37.13 ? 86  ILE A CA  1 
ATOM 579  C C   . ILE A 1 86  ? 14.730  -32.150 -1.209  1.00 31.85 ? 86  ILE A C   1 
ATOM 580  O O   . ILE A 1 86  ? 15.654  -31.906 -1.991  1.00 32.58 ? 86  ILE A O   1 
ATOM 581  C CB  . ILE A 1 86  ? 15.163  -31.712 1.239   1.00 36.68 ? 86  ILE A CB  1 
ATOM 582  C CG1 . ILE A 1 86  ? 16.412  -30.875 0.973   1.00 37.49 ? 86  ILE A CG1 1 
ATOM 583  C CG2 . ILE A 1 86  ? 15.244  -32.346 2.624   1.00 38.02 ? 86  ILE A CG2 1 
ATOM 584  C CD1 . ILE A 1 86  ? 16.116  -29.509 0.406   1.00 42.73 ? 86  ILE A CD1 1 
ATOM 585  N N   . GLN A 1 87  ? 13.466  -31.880 -1.488  1.00 34.14 ? 87  GLN A N   1 
ATOM 586  C CA  . GLN A 1 87  ? 13.082  -31.320 -2.771  1.00 40.14 ? 87  GLN A CA  1 
ATOM 587  C C   . GLN A 1 87  ? 12.160  -30.135 -2.533  1.00 37.12 ? 87  GLN A C   1 
ATOM 588  O O   . GLN A 1 87  ? 11.520  -30.026 -1.484  1.00 33.14 ? 87  GLN A O   1 
ATOM 589  C CB  . GLN A 1 87  ? 12.414  -32.392 -3.657  1.00 41.96 ? 87  GLN A CB  1 
ATOM 590  C CG  . GLN A 1 87  ? 11.959  -31.913 -5.033  1.00 49.27 ? 87  GLN A CG  1 
ATOM 591  C CD  . GLN A 1 87  ? 10.443  -31.958 -5.196  1.00 51.09 ? 87  GLN A CD  1 
ATOM 592  O OE1 . GLN A 1 87  ? 9.725   -32.425 -4.312  1.00 50.95 ? 87  GLN A OE1 1 
ATOM 593  N NE2 . GLN A 1 87  ? 9.954   -31.468 -6.330  1.00 47.83 ? 87  GLN A NE2 1 
ATOM 594  N N   . ILE A 1 88  ? 12.125  -29.229 -3.507  1.00 44.97 ? 88  ILE A N   1 
ATOM 595  C CA  . ILE A 1 88  ? 11.242  -28.073 -3.483  1.00 42.06 ? 88  ILE A CA  1 
ATOM 596  C C   . ILE A 1 88  ? 10.396  -28.072 -4.745  1.00 40.62 ? 88  ILE A C   1 
ATOM 597  O O   . ILE A 1 88  ? 10.926  -28.247 -5.848  1.00 41.25 ? 88  ILE A O   1 
ATOM 598  C CB  . ILE A 1 88  ? 12.023  -26.758 -3.371  1.00 45.28 ? 88  ILE A CB  1 
ATOM 599  C CG1 . ILE A 1 88  ? 12.855  -26.787 -2.119  1.00 42.59 ? 88  ILE A CG1 1 
ATOM 600  C CG2 . ILE A 1 88  ? 11.057  -25.697 -3.077  1.00 49.22 ? 88  ILE A CG2 1 
ATOM 601  C CD1 . ILE A 1 88  ? 11.941  -27.026 -0.962  1.00 47.53 ? 88  ILE A CD1 1 
ATOM 602  N N   . LYS A 1 89  ? 9.087   -27.869 -4.587  1.00 45.65 ? 89  LYS A N   1 
ATOM 603  C CA  . LYS A 1 89  ? 8.214   -27.723 -5.745  1.00 39.74 ? 89  LYS A CA  1 
ATOM 604  C C   . LYS A 1 89  ? 8.648   -26.541 -6.593  1.00 36.98 ? 89  LYS A C   1 
ATOM 605  O O   . LYS A 1 89  ? 9.162   -25.537 -6.090  1.00 34.42 ? 89  LYS A O   1 
ATOM 606  C CB  . LYS A 1 89  ? 6.757   -27.484 -5.343  1.00 40.87 ? 89  LYS A CB  1 
ATOM 607  C CG  . LYS A 1 89  ? 6.156   -28.412 -4.336  1.00 50.67 ? 89  LYS A CG  1 
ATOM 608  C CD  . LYS A 1 89  ? 4.892   -27.786 -3.761  1.00 61.23 ? 89  LYS A CD  1 
ATOM 609  C CE  . LYS A 1 89  ? 3.712   -27.980 -4.700  1.00 66.59 ? 89  LYS A CE  1 
ATOM 610  N NZ  . LYS A 1 89  ? 2.414   -27.638 -4.055  1.00 56.46 ? 89  LYS A NZ  1 
ATOM 611  N N   . ALA A 1 90  ? 8.398   -26.650 -7.889  1.00 35.38 ? 90  ALA A N   1 
ATOM 612  C CA  . ALA A 1 90  ? 8.456   -25.476 -8.742  1.00 33.59 ? 90  ALA A CA  1 
ATOM 613  C C   . ALA A 1 90  ? 7.293   -24.556 -8.403  1.00 39.59 ? 90  ALA A C   1 
ATOM 614  O O   . ALA A 1 90  ? 6.140   -24.995 -8.341  1.00 39.43 ? 90  ALA A O   1 
ATOM 615  C CB  . ALA A 1 90  ? 8.403   -25.873 -10.211 1.00 29.20 ? 90  ALA A CB  1 
ATOM 616  N N   . LYS A 1 91  ? 7.601   -23.281 -8.163  1.00 39.25 ? 91  LYS A N   1 
ATOM 617  C CA  . LYS A 1 91  ? 6.584   -22.257 -7.960  1.00 38.87 ? 91  LYS A CA  1 
ATOM 618  C C   . LYS A 1 91  ? 6.402   -21.512 -9.279  1.00 36.11 ? 91  LYS A C   1 
ATOM 619  O O   . LYS A 1 91  ? 7.238   -20.664 -9.624  1.00 40.09 ? 91  LYS A O   1 
ATOM 620  C CB  . LYS A 1 91  ? 6.998   -21.295 -6.842  1.00 30.93 ? 91  LYS A CB  1 
ATOM 621  C CG  . LYS A 1 91  ? 5.879   -20.907 -5.886  1.00 40.22 ? 91  LYS A CG  1 
ATOM 622  C CD  . LYS A 1 91  ? 6.353   -19.885 -4.854  1.00 43.61 ? 91  LYS A CD  1 
ATOM 623  C CE  . LYS A 1 91  ? 5.454   -19.866 -3.618  1.00 61.35 ? 91  LYS A CE  1 
ATOM 624  N NZ  . LYS A 1 91  ? 5.874   -20.837 -2.558  1.00 48.18 ? 91  LYS A NZ  1 
ATOM 625  N N   . PRO A 1 92  ? 5.345   -21.779 -10.044 1.00 32.53 ? 92  PRO A N   1 
ATOM 626  C CA  . PRO A 1 92  ? 5.229   -21.186 -11.384 1.00 39.09 ? 92  PRO A CA  1 
ATOM 627  C C   . PRO A 1 92  ? 5.016   -19.678 -11.323 1.00 41.61 ? 92  PRO A C   1 
ATOM 628  O O   . PRO A 1 92  ? 4.740   -19.094 -10.273 1.00 38.95 ? 92  PRO A O   1 
ATOM 629  C CB  . PRO A 1 92  ? 4.011   -21.895 -11.981 1.00 38.48 ? 92  PRO A CB  1 
ATOM 630  C CG  . PRO A 1 92  ? 3.183   -22.260 -10.803 1.00 36.77 ? 92  PRO A CG  1 
ATOM 631  C CD  . PRO A 1 92  ? 4.146   -22.548 -9.671  1.00 35.54 ? 92  PRO A CD  1 
ATOM 632  N N   . GLU A 1 93  ? 5.153   -19.045 -12.488 1.00 42.04 ? 93  GLU A N   1 
ATOM 633  C CA  . GLU A 1 93  ? 5.028   -17.596 -12.559 1.00 40.06 ? 93  GLU A CA  1 
ATOM 634  C C   . GLU A 1 93  ? 3.577   -17.181 -12.354 1.00 41.94 ? 93  GLU A C   1 
ATOM 635  O O   . GLU A 1 93  ? 2.652   -17.812 -12.871 1.00 43.97 ? 93  GLU A O   1 
ATOM 636  C CB  . GLU A 1 93  ? 5.562   -17.066 -13.892 1.00 51.98 ? 93  GLU A CB  1 
ATOM 637  C CG  . GLU A 1 93  ? 4.697   -17.334 -15.107 1.00 65.35 ? 93  GLU A CG  1 
ATOM 638  C CD  . GLU A 1 93  ? 4.912   -16.302 -16.201 1.00 70.88 ? 93  GLU A CD  1 
ATOM 639  O OE1 . GLU A 1 93  ? 5.714   -15.364 -15.990 1.00 63.95 ? 93  GLU A OE1 1 
ATOM 640  O OE2 . GLU A 1 93  ? 4.278   -16.433 -17.271 1.00 71.18 ? 93  GLU A OE2 1 
ATOM 641  N N   . HIS A 1 94  ? 3.387   -16.117 -11.577 1.00 42.12 ? 94  HIS A N   1 
ATOM 642  C CA  . HIS A 1 94  ? 2.064   -15.733 -11.111 1.00 38.23 ? 94  HIS A CA  1 
ATOM 643  C C   . HIS A 1 94  ? 1.974   -14.215 -11.064 1.00 39.15 ? 94  HIS A C   1 
ATOM 644  O O   . HIS A 1 94  ? 2.962   -13.507 -11.268 1.00 38.86 ? 94  HIS A O   1 
ATOM 645  C CB  . HIS A 1 94  ? 1.769   -16.337 -9.736  1.00 31.72 ? 94  HIS A CB  1 
ATOM 646  C CG  . HIS A 1 94  ? 2.797   -16.004 -8.698  1.00 37.40 ? 94  HIS A CG  1 
ATOM 647  N ND1 . HIS A 1 94  ? 2.635   -14.981 -7.785  1.00 35.25 ? 94  HIS A ND1 1 
ATOM 648  C CD2 . HIS A 1 94  ? 4.002   -16.559 -8.426  1.00 34.96 ? 94  HIS A CD2 1 
ATOM 649  C CE1 . HIS A 1 94  ? 3.696   -14.921 -6.999  1.00 32.15 ? 94  HIS A CE1 1 
ATOM 650  N NE2 . HIS A 1 94  ? 4.541   -15.866 -7.368  1.00 31.86 ? 94  HIS A NE2 1 
ATOM 651  N N   . LYS A 1 95  ? 0.771   -13.723 -10.784 1.00 43.52 ? 95  LYS A N   1 
ATOM 652  C CA  . LYS A 1 95  ? 0.520   -12.298 -10.623 1.00 37.41 ? 95  LYS A CA  1 
ATOM 653  C C   . LYS A 1 95  ? 0.473   -11.943 -9.141  1.00 33.43 ? 95  LYS A C   1 
ATOM 654  O O   . LYS A 1 95  ? -0.103  -12.679 -8.333  1.00 38.48 ? 95  LYS A O   1 
ATOM 655  C CB  . LYS A 1 95  ? -0.793  -11.895 -11.300 1.00 36.77 ? 95  LYS A CB  1 
ATOM 656  C CG  . LYS A 1 95  ? -0.940  -12.394 -12.730 1.00 40.20 ? 95  LYS A CG  1 
ATOM 657  C CD  . LYS A 1 95  ? -0.185  -11.503 -13.703 1.00 46.22 ? 95  LYS A CD  1 
ATOM 658  C CE  . LYS A 1 95  ? -0.971  -11.303 -14.991 1.00 52.58 ? 95  LYS A CE  1 
ATOM 659  N NZ  . LYS A 1 95  ? -2.295  -10.656 -14.742 1.00 55.70 ? 95  LYS A NZ  1 
ATOM 660  N N   . ALA A 1 96  ? 1.093   -10.820 -8.787  1.00 31.85 ? 96  ALA A N   1 
ATOM 661  C CA  . ALA A 1 96  ? 1.137   -10.339 -7.413  1.00 32.40 ? 96  ALA A CA  1 
ATOM 662  C C   . ALA A 1 96  ? 0.726   -8.872  -7.374  1.00 36.69 ? 96  ALA A C   1 
ATOM 663  O O   . ALA A 1 96  ? 0.638   -8.200  -8.406  1.00 37.46 ? 96  ALA A O   1 
ATOM 664  C CB  . ALA A 1 96  ? 2.530   -10.514 -6.794  1.00 20.50 ? 96  ALA A CB  1 
ATOM 665  N N   . VAL A 1 97  ? 0.489   -8.377  -6.161  1.00 33.43 ? 97  VAL A N   1 
ATOM 666  C CA  . VAL A 1 97  ? 0.024   -7.014  -5.924  1.00 30.89 ? 97  VAL A CA  1 
ATOM 667  C C   . VAL A 1 97  ? 1.123   -6.240  -5.210  1.00 34.30 ? 97  VAL A C   1 
ATOM 668  O O   . VAL A 1 97  ? 1.605   -6.666  -4.152  1.00 37.94 ? 97  VAL A O   1 
ATOM 669  C CB  . VAL A 1 97  ? -1.277  -7.005  -5.098  1.00 28.63 ? 97  VAL A CB  1 
ATOM 670  C CG1 . VAL A 1 97  ? -1.585  -5.605  -4.580  1.00 29.03 ? 97  VAL A CG1 1 
ATOM 671  C CG2 . VAL A 1 97  ? -2.436  -7.534  -5.924  1.00 28.97 ? 97  VAL A CG2 1 
ATOM 672  N N   . LYS A 1 98  ? 1.514   -5.100  -5.779  1.00 34.97 ? 98  LYS A N   1 
ATOM 673  C CA  . LYS A 1 98  ? 2.468   -4.201  -5.139  1.00 40.76 ? 98  LYS A CA  1 
ATOM 674  C C   . LYS A 1 98  ? 1.817   -2.850  -4.886  1.00 34.33 ? 98  LYS A C   1 
ATOM 675  O O   . LYS A 1 98  ? 1.080   -2.332  -5.732  1.00 37.07 ? 98  LYS A O   1 
ATOM 676  C CB  . LYS A 1 98  ? 3.736   -4.008  -5.987  1.00 38.66 ? 98  LYS A CB  1 
ATOM 677  C CG  . LYS A 1 98  ? 4.720   -5.168  -5.937  1.00 47.09 ? 98  LYS A CG  1 
ATOM 678  C CD  . LYS A 1 98  ? 5.538   -5.171  -4.654  1.00 56.27 ? 98  LYS A CD  1 
ATOM 679  C CE  . LYS A 1 98  ? 6.360   -6.447  -4.532  1.00 48.49 ? 98  LYS A CE  1 
ATOM 680  N NZ  . LYS A 1 98  ? 5.487   -7.646  -4.365  1.00 52.70 ? 98  LYS A NZ  1 
ATOM 681  N N   . ILE A 1 99  ? 2.088   -2.287  -3.716  1.00 29.50 ? 99  ILE A N   1 
ATOM 682  C CA  . ILE A 1 99  ? 1.691   -0.925  -3.390  1.00 32.24 ? 99  ILE A CA  1 
ATOM 683  C C   . ILE A 1 99  ? 2.934   -0.054  -3.387  1.00 28.27 ? 99  ILE A C   1 
ATOM 684  O O   . ILE A 1 99  ? 4.021   -0.488  -2.993  1.00 27.13 ? 99  ILE A O   1 
ATOM 685  C CB  . ILE A 1 99  ? 0.962   -0.836  -2.032  1.00 29.78 ? 99  ILE A CB  1 
ATOM 686  C CG1 . ILE A 1 99  ? 1.878   -1.308  -0.900  1.00 23.78 ? 99  ILE A CG1 1 
ATOM 687  C CG2 . ILE A 1 99  ? -0.315  -1.648  -2.070  1.00 28.90 ? 99  ILE A CG2 1 
ATOM 688  C CD1 . ILE A 1 99  ? 1.344   -1.019  0.477   1.00 25.58 ? 99  ILE A CD1 1 
ATOM 689  N N   . ARG A 1 100 ? 2.775   1.186   -3.836  1.00 34.30 ? 100 ARG A N   1 
ATOM 690  C CA  . ARG A 1 100 ? 3.871   2.143   -3.842  1.00 38.78 ? 100 ARG A CA  1 
ATOM 691  C C   . ARG A 1 100 ? 3.415   3.427   -3.172  1.00 26.72 ? 100 ARG A C   1 
ATOM 692  O O   . ARG A 1 100 ? 2.376   3.986   -3.541  1.00 24.16 ? 100 ARG A O   1 
ATOM 693  C CB  . ARG A 1 100 ? 4.358   2.430   -5.268  1.00 38.99 ? 100 ARG A CB  1 
ATOM 694  C CG  . ARG A 1 100 ? 5.595   3.321   -5.330  1.00 43.31 ? 100 ARG A CG  1 
ATOM 695  C CD  . ARG A 1 100 ? 6.210   3.348   -6.731  1.00 54.59 ? 100 ARG A CD  1 
ATOM 696  N NE  . ARG A 1 100 ? 5.420   4.134   -7.679  1.00 57.91 ? 100 ARG A NE  1 
ATOM 697  C CZ  . ARG A 1 100 ? 5.463   5.460   -7.773  1.00 58.48 ? 100 ARG A CZ  1 
ATOM 698  N NH1 . ARG A 1 100 ? 6.258   6.160   -6.969  1.00 47.93 ? 100 ARG A NH1 1 
ATOM 699  N NH2 . ARG A 1 100 ? 4.707   6.088   -8.667  1.00 49.02 ? 100 ARG A NH2 1 
ATOM 700  N N   . ALA A 1 101 ? 4.181   3.883   -2.184  1.00 25.14 ? 101 ALA A N   1 
ATOM 701  C CA  . ALA A 1 101 ? 3.917   5.185   -1.586  1.00 35.04 ? 101 ALA A CA  1 
ATOM 702  C C   . ALA A 1 101 ? 4.132   6.279   -2.622  1.00 38.53 ? 101 ALA A C   1 
ATOM 703  O O   . ALA A 1 101 ? 5.196   6.367   -3.241  1.00 41.15 ? 101 ALA A O   1 
ATOM 704  C CB  . ALA A 1 101 ? 4.818   5.421   -0.375  1.00 27.57 ? 101 ALA A CB  1 
ATOM 705  N N   . LEU A 1 102 ? 3.110   7.098   -2.826  1.00 33.22 ? 102 LEU A N   1 
ATOM 706  C CA  . LEU A 1 102 ? 3.207   8.179   -3.788  1.00 29.66 ? 102 LEU A CA  1 
ATOM 707  C C   . LEU A 1 102 ? 3.659   9.455   -3.087  1.00 37.54 ? 102 LEU A C   1 
ATOM 708  O O   . LEU A 1 102 ? 4.005   9.468   -1.901  1.00 35.71 ? 102 LEU A O   1 
ATOM 709  C CB  . LEU A 1 102 ? 1.881   8.391   -4.507  1.00 28.99 ? 102 LEU A CB  1 
ATOM 710  C CG  . LEU A 1 102 ? 1.435   7.303   -5.477  1.00 27.58 ? 102 LEU A CG  1 
ATOM 711  C CD1 . LEU A 1 102 ? 0.093   7.667   -6.082  1.00 25.34 ? 102 LEU A CD1 1 
ATOM 712  C CD2 . LEU A 1 102 ? 2.462   7.110   -6.560  1.00 31.04 ? 102 LEU A CD2 1 
ATOM 713  N N   . LYS A 1 103 ? 3.637   10.536  -3.835  1.00 42.09 ? 103 LYS A N   1 
ATOM 714  C CA  . LYS A 1 103 ? 4.124   11.862  -3.491  1.00 41.01 ? 103 LYS A CA  1 
ATOM 715  C C   . LYS A 1 103 ? 3.573   12.335  -2.141  1.00 39.09 ? 103 LYS A C   1 
ATOM 716  O O   . LYS A 1 103 ? 4.371   12.631  -1.241  1.00 32.96 ? 103 LYS A O   1 
ATOM 717  C CB  . LYS A 1 103 ? 3.789   12.824  -4.642  1.00 39.34 ? 103 LYS A CB  1 
ATOM 718  C CG  . LYS A 1 103 ? 4.406   12.440  -6.021  1.00 51.79 ? 103 LYS A CG  1 
ATOM 719  C CD  . LYS A 1 103 ? 3.783   11.197  -6.714  1.00 39.72 ? 103 LYS A CD  1 
ATOM 720  C CE  . LYS A 1 103 ? 2.410   11.470  -7.319  1.00 38.13 ? 103 LYS A CE  1 
ATOM 721  N NZ  . LYS A 1 103 ? 2.139   10.582  -8.489  1.00 42.27 ? 103 LYS A NZ  1 
ATOM 722  N N   . PRO A 1 104 ? 2.244   12.389  -1.931  1.00 38.30 ? 104 PRO A N   1 
ATOM 723  C CA  . PRO A 1 104 ? 1.736   12.875  -0.632  1.00 33.25 ? 104 PRO A CA  1 
ATOM 724  C C   . PRO A 1 104 ? 2.087   11.987  0.553   1.00 36.83 ? 104 PRO A C   1 
ATOM 725  O O   . PRO A 1 104 ? 2.053   12.472  1.692   1.00 34.72 ? 104 PRO A O   1 
ATOM 726  C CB  . PRO A 1 104 ? 0.215   12.927  -0.838  1.00 24.42 ? 104 PRO A CB  1 
ATOM 727  C CG  . PRO A 1 104 ? 0.015   12.891  -2.301  1.00 28.70 ? 104 PRO A CG  1 
ATOM 728  C CD  . PRO A 1 104 ? 1.129   12.059  -2.835  1.00 33.58 ? 104 PRO A CD  1 
ATOM 729  N N   . VAL A 1 105 ? 2.403   10.709  0.338   1.00 34.41 ? 105 VAL A N   1 
ATOM 730  C CA  . VAL A 1 105 ? 2.751   9.847   1.462   1.00 35.42 ? 105 VAL A CA  1 
ATOM 731  C C   . VAL A 1 105 ? 4.187   10.095  1.898   1.00 37.84 ? 105 VAL A C   1 
ATOM 732  O O   . VAL A 1 105 ? 4.496   10.070  3.095   1.00 40.05 ? 105 VAL A O   1 
ATOM 733  C CB  . VAL A 1 105 ? 2.503   8.368   1.109   1.00 36.84 ? 105 VAL A CB  1 
ATOM 734  C CG1 . VAL A 1 105 ? 3.052   7.454   2.190   1.00 28.42 ? 105 VAL A CG1 1 
ATOM 735  C CG2 . VAL A 1 105 ? 1.018   8.113   0.939   1.00 31.52 ? 105 VAL A CG2 1 
ATOM 736  N N   . HIS A 1 106 ? 5.083   10.349  0.942   1.00 41.60 ? 106 HIS A N   1 
ATOM 737  C CA  . HIS A 1 106 ? 6.447   10.729  1.295   1.00 45.44 ? 106 HIS A CA  1 
ATOM 738  C C   . HIS A 1 106 ? 6.460   12.044  2.057   1.00 42.37 ? 106 HIS A C   1 
ATOM 739  O O   . HIS A 1 106 ? 7.121   12.171  3.094   1.00 40.58 ? 106 HIS A O   1 
ATOM 740  C CB  . HIS A 1 106 ? 7.306   10.830  0.037   1.00 41.96 ? 106 HIS A CB  1 
ATOM 741  C CG  . HIS A 1 106 ? 7.529   9.515   -0.642  1.00 52.42 ? 106 HIS A CG  1 
ATOM 742  N ND1 . HIS A 1 106 ? 7.680   9.397   -2.007  1.00 53.74 ? 106 HIS A ND1 1 
ATOM 743  C CD2 . HIS A 1 106 ? 7.620   8.261   -0.142  1.00 52.81 ? 106 HIS A CD2 1 
ATOM 744  C CE1 . HIS A 1 106 ? 7.855   8.126   -2.319  1.00 51.55 ? 106 HIS A CE1 1 
ATOM 745  N NE2 . HIS A 1 106 ? 7.823   7.415   -1.206  1.00 50.56 ? 106 HIS A NE2 1 
ATOM 746  N N   . ASP A 1 107 ? 5.716   13.028  1.566   1.00 45.03 ? 107 ASP A N   1 
ATOM 747  C CA  . ASP A 1 107 ? 5.649   14.353  2.165   1.00 52.71 ? 107 ASP A CA  1 
ATOM 748  C C   . ASP A 1 107 ? 4.747   14.406  3.395   1.00 49.40 ? 107 ASP A C   1 
ATOM 749  O O   . ASP A 1 107 ? 4.454   15.502  3.888   1.00 54.45 ? 107 ASP A O   1 
ATOM 750  C CB  . ASP A 1 107 ? 5.194   15.365  1.107   1.00 53.79 ? 107 ASP A CB  1 
ATOM 751  C CG  . ASP A 1 107 ? 6.123   15.390  -0.103  1.00 58.73 ? 107 ASP A CG  1 
ATOM 752  O OD1 . ASP A 1 107 ? 7.294   14.972  0.046   1.00 62.97 ? 107 ASP A OD1 1 
ATOM 753  O OD2 . ASP A 1 107 ? 5.695   15.824  -1.195  1.00 43.70 ? 107 ASP A OD2 1 
ATOM 754  N N   . MET A 1 108 ? 4.313   13.254  3.905   1.00 48.60 ? 108 MET A N   1 
ATOM 755  C CA  . MET A 1 108 ? 3.441   13.230  5.071   1.00 44.24 ? 108 MET A CA  1 
ATOM 756  C C   . MET A 1 108 ? 4.137   13.738  6.326   1.00 40.58 ? 108 MET A C   1 
ATOM 757  O O   . MET A 1 108 ? 3.458   14.130  7.280   1.00 44.13 ? 108 MET A O   1 
ATOM 758  C CB  . MET A 1 108 ? 2.922   11.811  5.303   1.00 45.63 ? 108 MET A CB  1 
ATOM 759  C CG  . MET A 1 108 ? 1.630   11.739  6.090   1.00 43.16 ? 108 MET A CG  1 
ATOM 760  S SD  . MET A 1 108 ? 0.670   10.276  5.677   1.00 46.57 ? 108 MET A SD  1 
ATOM 761  C CE  . MET A 1 108 ? -0.264  10.833  4.258   1.00 30.60 ? 108 MET A CE  1 
ATOM 762  N N   . LEU A 1 109 ? 5.466   13.747  6.350   1.00 46.51 ? 109 LEU A N   1 
ATOM 763  C CA  . LEU A 1 109 ? 6.181   14.256  7.512   1.00 52.86 ? 109 LEU A CA  1 
ATOM 764  C C   . LEU A 1 109 ? 6.541   15.731  7.387   1.00 58.28 ? 109 LEU A C   1 
ATOM 765  O O   . LEU A 1 109 ? 6.885   16.356  8.399   1.00 54.30 ? 109 LEU A O   1 
ATOM 766  C CB  . LEU A 1 109 ? 7.445   13.426  7.757   1.00 53.93 ? 109 LEU A CB  1 
ATOM 767  C CG  . LEU A 1 109 ? 7.167   12.014  8.285   1.00 46.28 ? 109 LEU A CG  1 
ATOM 768  C CD1 . LEU A 1 109 ? 8.459   11.290  8.613   1.00 38.46 ? 109 LEU A CD1 1 
ATOM 769  C CD2 . LEU A 1 109 ? 6.251   12.053  9.501   1.00 34.88 ? 109 LEU A CD2 1 
ATOM 770  N N   . ASN A 1 110 ? 6.460   16.298  6.186   1.00 51.87 ? 110 ASN A N   1 
ATOM 771  C CA  . ASN A 1 110 ? 6.672   17.725  5.989   1.00 47.39 ? 110 ASN A CA  1 
ATOM 772  C C   . ASN A 1 110 ? 5.624   18.527  6.758   1.00 54.89 ? 110 ASN A C   1 
ATOM 773  O O   . ASN A 1 110 ? 4.428   18.451  6.465   1.00 53.53 ? 110 ASN A O   1 
ATOM 774  C CB  . ASN A 1 110 ? 6.626   18.091  4.499   1.00 59.32 ? 110 ASN A CB  1 
ATOM 775  C CG  . ASN A 1 110 ? 7.472   17.161  3.631   1.00 68.91 ? 110 ASN A CG  1 
ATOM 776  O OD1 . ASN A 1 110 ? 8.258   16.353  4.136   1.00 59.55 ? 110 ASN A OD1 1 
ATOM 777  N ND2 . ASN A 1 110 ? 7.328   17.293  2.313   1.00 55.82 ? 110 ASN A ND2 1 
ATOM 778  N N   . LYS B 1 12  ? -6.514  -1.498  -19.344 1.00 55.27 ? 12  LYS B N   1 
ATOM 779  C CA  . LYS B 1 12  ? -7.442  -0.732  -18.517 1.00 52.91 ? 12  LYS B CA  1 
ATOM 780  C C   . LYS B 1 12  ? -6.698  0.360   -17.733 1.00 51.62 ? 12  LYS B C   1 
ATOM 781  O O   . LYS B 1 12  ? -5.662  0.093   -17.112 1.00 40.61 ? 12  LYS B O   1 
ATOM 782  C CB  . LYS B 1 12  ? -8.204  -1.669  -17.577 1.00 52.43 ? 12  LYS B CB  1 
ATOM 783  C CG  . LYS B 1 12  ? -9.440  -2.308  -18.221 1.00 53.74 ? 12  LYS B CG  1 
ATOM 784  C CD  . LYS B 1 12  ? -9.631  -3.763  -17.791 1.00 54.01 ? 12  LYS B CD  1 
ATOM 785  C CE  . LYS B 1 12  ? -11.107 -4.177  -17.785 1.00 59.83 ? 12  LYS B CE  1 
ATOM 786  N NZ  . LYS B 1 12  ? -11.321 -5.600  -18.205 1.00 49.72 ? 12  LYS B NZ  1 
ATOM 787  N N   . PRO B 1 13  ? -7.224  1.585   -17.768 1.00 56.94 ? 13  PRO B N   1 
ATOM 788  C CA  . PRO B 1 13  ? -6.477  2.737   -17.247 1.00 47.26 ? 13  PRO B CA  1 
ATOM 789  C C   . PRO B 1 13  ? -6.584  2.882   -15.735 1.00 38.06 ? 13  PRO B C   1 
ATOM 790  O O   . PRO B 1 13  ? -7.532  2.425   -15.097 1.00 38.52 ? 13  PRO B O   1 
ATOM 791  C CB  . PRO B 1 13  ? -7.139  3.924   -17.951 1.00 48.76 ? 13  PRO B CB  1 
ATOM 792  C CG  . PRO B 1 13  ? -8.566  3.478   -18.138 1.00 48.93 ? 13  PRO B CG  1 
ATOM 793  C CD  . PRO B 1 13  ? -8.526  1.978   -18.340 1.00 49.44 ? 13  PRO B CD  1 
ATOM 794  N N   . THR B 1 14  ? -5.590  3.564   -15.171 1.00 28.30 ? 14  THR B N   1 
ATOM 795  C CA  . THR B 1 14  ? -5.544  3.768   -13.731 1.00 27.00 ? 14  THR B CA  1 
ATOM 796  C C   . THR B 1 14  ? -6.761  4.548   -13.253 1.00 33.95 ? 14  THR B C   1 
ATOM 797  O O   . THR B 1 14  ? -7.205  5.498   -13.899 1.00 47.62 ? 14  THR B O   1 
ATOM 798  C CB  . THR B 1 14  ? -4.258  4.501   -13.344 1.00 27.86 ? 14  THR B CB  1 
ATOM 799  O OG1 . THR B 1 14  ? -3.122  3.748   -13.793 1.00 31.19 ? 14  THR B OG1 1 
ATOM 800  C CG2 . THR B 1 14  ? -4.169  4.684   -11.830 1.00 24.87 ? 14  THR B CG2 1 
ATOM 801  N N   . ILE B 1 15  ? -7.321  4.123   -12.124 1.00 35.83 ? 15  ILE B N   1 
ATOM 802  C CA  . ILE B 1 15  ? -8.433  4.821   -11.493 1.00 26.74 ? 15  ILE B CA  1 
ATOM 803  C C   . ILE B 1 15  ? -7.853  5.910   -10.606 1.00 29.68 ? 15  ILE B C   1 
ATOM 804  O O   . ILE B 1 15  ? -7.096  5.621   -9.673  1.00 31.20 ? 15  ILE B O   1 
ATOM 805  C CB  . ILE B 1 15  ? -9.307  3.857   -10.679 1.00 29.81 ? 15  ILE B CB  1 
ATOM 806  C CG1 . ILE B 1 15  ? -10.157 2.993   -11.611 1.00 25.51 ? 15  ILE B CG1 1 
ATOM 807  C CG2 . ILE B 1 15  ? -10.169 4.625   -9.679  1.00 29.51 ? 15  ILE B CG2 1 
ATOM 808  C CD1 . ILE B 1 15  ? -10.849 1.846   -10.905 1.00 30.24 ? 15  ILE B CD1 1 
ATOM 809  N N   . THR B 1 16  ? -8.182  7.161   -10.910 1.00 38.09 ? 16  THR B N   1 
ATOM 810  C CA  . THR B 1 16  ? -7.613  8.273   -10.165 1.00 39.24 ? 16  THR B CA  1 
ATOM 811  C C   . THR B 1 16  ? -8.180  8.300   -8.752  1.00 33.91 ? 16  THR B C   1 
ATOM 812  O O   . THR B 1 16  ? -9.293  7.832   -8.495  1.00 33.14 ? 16  THR B O   1 
ATOM 813  C CB  . THR B 1 16  ? -7.883  9.599   -10.889 1.00 36.79 ? 16  THR B CB  1 
ATOM 814  O OG1 . THR B 1 16  ? -7.278  9.557   -12.184 1.00 41.26 ? 16  THR B OG1 1 
ATOM 815  C CG2 . THR B 1 16  ? -7.303  10.789  -10.130 1.00 32.21 ? 16  THR B CG2 1 
ATOM 816  N N   . LYS B 1 17  ? -7.374  8.824   -7.826  1.00 25.96 ? 17  LYS B N   1 
ATOM 817  C CA  . LYS B 1 17  ? -7.838  9.094   -6.473  1.00 24.68 ? 17  LYS B CA  1 
ATOM 818  C C   . LYS B 1 17  ? -9.202  9.769   -6.462  1.00 30.49 ? 17  LYS B C   1 
ATOM 819  O O   . LYS B 1 17  ? -9.993  9.553   -5.538  1.00 43.86 ? 17  LYS B O   1 
ATOM 820  C CB  . LYS B 1 17  ? -6.801  9.955   -5.749  1.00 25.25 ? 17  LYS B CB  1 
ATOM 821  C CG  . LYS B 1 17  ? -7.062  10.177  -4.283  1.00 35.90 ? 17  LYS B CG  1 
ATOM 822  C CD  . LYS B 1 17  ? -6.166  11.282  -3.730  1.00 40.26 ? 17  LYS B CD  1 
ATOM 823  C CE  . LYS B 1 17  ? -4.735  11.134  -4.225  1.00 46.83 ? 17  LYS B CE  1 
ATOM 824  N NZ  . LYS B 1 17  ? -3.834  12.174  -3.655  1.00 51.69 ? 17  LYS B NZ  1 
ATOM 825  N N   . GLN B 1 18  ? -9.530  10.441  -7.545  1.00 34.12 ? 18  GLN B N   1 
ATOM 826  C CA  . GLN B 1 18  ? -10.773 11.228  -7.681  1.00 34.37 ? 18  GLN B CA  1 
ATOM 827  C C   . GLN B 1 18  ? -11.812 10.386  -8.370  1.00 33.51 ? 18  GLN B C   1 
ATOM 828  O O   . GLN B 1 18  ? -12.937 10.624  -8.216  1.00 37.86 ? 18  GLN B O   1 
ATOM 829  C CB  . GLN B 1 18  ? -10.518 12.430  -8.580  1.00 40.04 ? 18  GLN B CB  1 
ATOM 830  C CG  . GLN B 1 18  ? -9.989  13.639  -7.845  1.00 37.66 ? 18  GLN B CG  1 
ATOM 831  C CD  . GLN B 1 18  ? -11.024 14.264  -6.950  1.00 54.91 ? 18  GLN B CD  1 
ATOM 832  O OE1 . GLN B 1 18  ? -12.206 14.298  -7.255  1.00 52.40 ? 18  GLN B OE1 1 
ATOM 833  N NE2 . GLN B 1 18  ? -10.582 14.759  -5.817  1.00 47.37 ? 18  GLN B NE2 1 
ATOM 834  N N   . GLU B 1 19  ? -11.384 9.542   -9.255  1.00 36.03 ? 19  GLU B N   1 
ATOM 835  C CA  . GLU B 1 19  ? -12.317 8.612   -9.885  1.00 38.57 ? 19  GLU B CA  1 
ATOM 836  C C   . GLU B 1 19  ? -12.787 7.551   -8.896  1.00 36.21 ? 19  GLU B C   1 
ATOM 837  O O   . GLU B 1 19  ? -13.936 7.096   -8.973  1.00 33.13 ? 19  GLU B O   1 
ATOM 838  C CB  . GLU B 1 19  ? -11.669 7.957   -11.107 1.00 37.15 ? 19  GLU B CB  1 
ATOM 839  C CG  . GLU B 1 19  ? -11.135 8.942   -12.135 1.00 39.90 ? 19  GLU B CG  1 
ATOM 840  C CD  . GLU B 1 19  ? -10.317 8.281   -13.240 1.00 49.69 ? 19  GLU B CD  1 
ATOM 841  O OE1 . GLU B 1 19  ? -10.385 7.039   -13.397 1.00 47.87 ? 19  GLU B OE1 1 
ATOM 842  O OE2 . GLU B 1 19  ? -9.607  9.014   -13.961 1.00 50.27 ? 19  GLU B OE2 1 
ATOM 843  N N   . LEU B 1 20  ? -11.914 7.146   -7.967  1.00 33.24 ? 20  LEU B N   1 
ATOM 844  C CA  . LEU B 1 20  ? -12.310 6.210   -6.920  1.00 31.36 ? 20  LEU B CA  1 
ATOM 845  C C   . LEU B 1 20  ? -13.470 6.764   -6.109  1.00 33.11 ? 20  LEU B C   1 
ATOM 846  O O   . LEU B 1 20  ? -14.426 6.046   -5.796  1.00 29.37 ? 20  LEU B O   1 
ATOM 847  C CB  . LEU B 1 20  ? -11.120 5.916   -6.008  1.00 30.35 ? 20  LEU B CB  1 
ATOM 848  C CG  . LEU B 1 20  ? -11.410 5.056   -4.778  1.00 27.71 ? 20  LEU B CG  1 
ATOM 849  C CD1 . LEU B 1 20  ? -11.599 3.605   -5.192  1.00 27.76 ? 20  LEU B CD1 1 
ATOM 850  C CD2 . LEU B 1 20  ? -10.294 5.191   -3.750  1.00 31.87 ? 20  LEU B CD2 1 
ATOM 851  N N   . TYR B 1 21  ? -13.390 8.050   -5.755  1.00 32.20 ? 21  TYR B N   1 
ATOM 852  C CA  . TYR B 1 21  ? -14.451 8.696   -4.993  1.00 26.09 ? 21  TYR B CA  1 
ATOM 853  C C   . TYR B 1 21  ? -15.797 8.536   -5.679  1.00 29.67 ? 21  TYR B C   1 
ATOM 854  O O   . TYR B 1 21  ? -16.803 8.217   -5.039  1.00 35.89 ? 21  TYR B O   1 
ATOM 855  C CB  . TYR B 1 21  ? -14.129 10.173  -4.816  1.00 24.43 ? 21  TYR B CB  1 
ATOM 856  C CG  . TYR B 1 21  ? -12.879 10.456  -4.026  1.00 29.05 ? 21  TYR B CG  1 
ATOM 857  C CD1 . TYR B 1 21  ? -12.430 9.578   -3.048  1.00 28.98 ? 21  TYR B CD1 1 
ATOM 858  C CD2 . TYR B 1 21  ? -12.161 11.619  -4.238  1.00 34.40 ? 21  TYR B CD2 1 
ATOM 859  C CE1 . TYR B 1 21  ? -11.287 9.854   -2.313  1.00 33.52 ? 21  TYR B CE1 1 
ATOM 860  C CE2 . TYR B 1 21  ? -11.023 11.903  -3.513  1.00 33.15 ? 21  TYR B CE2 1 
ATOM 861  C CZ  . TYR B 1 21  ? -10.589 11.021  -2.552  1.00 31.17 ? 21  TYR B CZ  1 
ATOM 862  O OH  . TYR B 1 21  ? -9.452  11.315  -1.835  1.00 31.77 ? 21  TYR B OH  1 
ATOM 863  N N   . SER B 1 22  ? -15.829 8.761   -6.990  1.00 33.52 ? 22  SER B N   1 
ATOM 864  C CA  . SER B 1 22  ? -17.084 8.661   -7.722  1.00 37.23 ? 22  SER B CA  1 
ATOM 865  C C   . SER B 1 22  ? -17.634 7.241   -7.668  1.00 36.62 ? 22  SER B C   1 
ATOM 866  O O   . SER B 1 22  ? -18.844 7.039   -7.500  1.00 34.37 ? 22  SER B O   1 
ATOM 867  C CB  . SER B 1 22  ? -16.872 9.116   -9.165  1.00 36.35 ? 22  SER B CB  1 
ATOM 868  O OG  . SER B 1 22  ? -17.727 8.418   -10.051 1.00 46.64 ? 22  SER B OG  1 
ATOM 869  N N   . LEU B 1 23  ? -16.757 6.244   -7.791  1.00 35.27 ? 23  LEU B N   1 
ATOM 870  C CA  . LEU B 1 23  ? -17.205 4.856   -7.752  1.00 35.92 ? 23  LEU B CA  1 
ATOM 871  C C   . LEU B 1 23  ? -17.717 4.477   -6.369  1.00 36.22 ? 23  LEU B C   1 
ATOM 872  O O   . LEU B 1 23  ? -18.744 3.797   -6.248  1.00 35.94 ? 23  LEU B O   1 
ATOM 873  C CB  . LEU B 1 23  ? -16.068 3.935   -8.176  1.00 36.95 ? 23  LEU B CB  1 
ATOM 874  C CG  . LEU B 1 23  ? -15.622 4.085   -9.625  1.00 25.55 ? 23  LEU B CG  1 
ATOM 875  C CD1 . LEU B 1 23  ? -14.270 3.433   -9.810  1.00 16.70 ? 23  LEU B CD1 1 
ATOM 876  C CD2 . LEU B 1 23  ? -16.657 3.463   -10.539 1.00 22.74 ? 23  LEU B CD2 1 
ATOM 877  N N   . VAL B 1 24  ? -17.013 4.905   -5.316  1.00 31.45 ? 24  VAL B N   1 
ATOM 878  C CA  . VAL B 1 24  ? -17.485 4.662   -3.956  1.00 31.88 ? 24  VAL B CA  1 
ATOM 879  C C   . VAL B 1 24  ? -18.807 5.380   -3.716  1.00 36.22 ? 24  VAL B C   1 
ATOM 880  O O   . VAL B 1 24  ? -19.731 4.824   -3.111  1.00 38.54 ? 24  VAL B O   1 
ATOM 881  C CB  . VAL B 1 24  ? -16.417 5.088   -2.931  1.00 31.80 ? 24  VAL B CB  1 
ATOM 882  C CG1 . VAL B 1 24  ? -16.980 5.015   -1.520  1.00 27.63 ? 24  VAL B CG1 1 
ATOM 883  C CG2 . VAL B 1 24  ? -15.179 4.219   -3.057  1.00 25.40 ? 24  VAL B CG2 1 
ATOM 884  N N   . ALA B 1 25  ? -18.921 6.623   -4.196  1.00 35.00 ? 25  ALA B N   1 
ATOM 885  C CA  . ALA B 1 25  ? -20.165 7.372   -4.038  1.00 32.16 ? 25  ALA B CA  1 
ATOM 886  C C   . ALA B 1 25  ? -21.340 6.672   -4.708  1.00 34.70 ? 25  ALA B C   1 
ATOM 887  O O   . ALA B 1 25  ? -22.466 6.727   -4.201  1.00 37.12 ? 25  ALA B O   1 
ATOM 888  C CB  . ALA B 1 25  ? -20.007 8.783   -4.599  1.00 32.55 ? 25  ALA B CB  1 
ATOM 889  N N   . ALA B 1 26  ? -21.108 6.010   -5.842  1.00 32.56 ? 26  ALA B N   1 
ATOM 890  C CA  . ALA B 1 26  ? -22.198 5.301   -6.504  1.00 33.91 ? 26  ALA B CA  1 
ATOM 891  C C   . ALA B 1 26  ? -22.519 3.985   -5.806  1.00 43.91 ? 26  ALA B C   1 
ATOM 892  O O   . ALA B 1 26  ? -23.695 3.661   -5.603  1.00 43.82 ? 26  ALA B O   1 
ATOM 893  C CB  . ALA B 1 26  ? -21.856 5.059   -7.973  1.00 27.27 ? 26  ALA B CB  1 
ATOM 894  N N   . ASP B 1 27  ? -21.495 3.211   -5.435  1.00 41.21 ? 27  ASP B N   1 
ATOM 895  C CA  . ASP B 1 27  ? -21.748 1.924   -4.794  1.00 42.08 ? 27  ASP B CA  1 
ATOM 896  C C   . ASP B 1 27  ? -22.449 2.109   -3.456  1.00 48.03 ? 27  ASP B C   1 
ATOM 897  O O   . ASP B 1 27  ? -23.338 1.327   -3.098  1.00 56.23 ? 27  ASP B O   1 
ATOM 898  C CB  . ASP B 1 27  ? -20.440 1.153   -4.612  1.00 31.68 ? 27  ASP B CB  1 
ATOM 899  C CG  . ASP B 1 27  ? -20.666 -0.315  -4.297  1.00 39.06 ? 27  ASP B CG  1 
ATOM 900  O OD1 . ASP B 1 27  ? -21.673 -0.887  -4.766  1.00 50.51 ? 27  ASP B OD1 1 
ATOM 901  O OD2 . ASP B 1 27  ? -19.832 -0.902  -3.580  1.00 44.05 ? 27  ASP B OD2 1 
ATOM 902  N N   . THR B 1 28  ? -22.073 3.147   -2.710  1.00 42.04 ? 28  THR B N   1 
ATOM 903  C CA  . THR B 1 28  ? -22.646 3.398   -1.397  1.00 38.04 ? 28  THR B CA  1 
ATOM 904  C C   . THR B 1 28  ? -23.914 4.239   -1.447  1.00 36.71 ? 28  THR B C   1 
ATOM 905  O O   . THR B 1 28  ? -24.629 4.304   -0.443  1.00 38.35 ? 28  THR B O   1 
ATOM 906  C CB  . THR B 1 28  ? -21.621 4.093   -0.494  1.00 29.72 ? 28  THR B CB  1 
ATOM 907  O OG1 . THR B 1 28  ? -21.271 5.365   -1.057  1.00 40.84 ? 28  THR B OG1 1 
ATOM 908  C CG2 . THR B 1 28  ? -20.374 3.249   -0.353  1.00 27.93 ? 28  THR B CG2 1 
ATOM 909  N N   . GLN B 1 29  ? -24.215 4.860   -2.589  1.00 36.35 ? 29  GLN B N   1 
ATOM 910  C CA  . GLN B 1 29  ? -25.292 5.840   -2.728  1.00 35.80 ? 29  GLN B CA  1 
ATOM 911  C C   . GLN B 1 29  ? -25.096 7.043   -1.826  1.00 35.42 ? 29  GLN B C   1 
ATOM 912  O O   . GLN B 1 29  ? -26.065 7.711   -1.456  1.00 45.61 ? 29  GLN B O   1 
ATOM 913  C CB  . GLN B 1 29  ? -26.665 5.227   -2.462  1.00 32.16 ? 29  GLN B CB  1 
ATOM 914  C CG  . GLN B 1 29  ? -26.824 3.845   -3.005  1.00 40.52 ? 29  GLN B CG  1 
ATOM 915  C CD  . GLN B 1 29  ? -28.243 3.568   -3.380  1.00 44.97 ? 29  GLN B CD  1 
ATOM 916  O OE1 . GLN B 1 29  ? -28.844 4.302   -4.167  1.00 53.06 ? 29  GLN B OE1 1 
ATOM 917  N NE2 . GLN B 1 29  ? -28.804 2.513   -2.806  1.00 40.07 ? 29  GLN B NE2 1 
ATOM 918  N N   . LEU B 1 30  ? -23.860 7.325   -1.452  1.00 33.56 ? 30  LEU B N   1 
ATOM 919  C CA  . LEU B 1 30  ? -23.548 8.559   -0.762  1.00 28.95 ? 30  LEU B CA  1 
ATOM 920  C C   . LEU B 1 30  ? -23.114 9.602   -1.779  1.00 25.96 ? 30  LEU B C   1 
ATOM 921  O O   . LEU B 1 30  ? -22.698 9.282   -2.893  1.00 30.40 ? 30  LEU B O   1 
ATOM 922  C CB  . LEU B 1 30  ? -22.455 8.340   0.284   1.00 29.17 ? 30  LEU B CB  1 
ATOM 923  C CG  . LEU B 1 30  ? -22.904 7.719   1.614   1.00 34.98 ? 30  LEU B CG  1 
ATOM 924  C CD1 . LEU B 1 30  ? -24.045 8.505   2.184   1.00 30.64 ? 30  LEU B CD1 1 
ATOM 925  C CD2 . LEU B 1 30  ? -23.323 6.282   1.493   1.00 34.95 ? 30  LEU B CD2 1 
ATOM 926  N N   . ASN B 1 31  ? -23.251 10.862  -1.402  1.00 27.56 ? 31  ASN B N   1 
ATOM 927  C CA  . ASN B 1 31  ? -22.733 11.916  -2.253  1.00 25.36 ? 31  ASN B CA  1 
ATOM 928  C C   . ASN B 1 31  ? -21.211 11.912  -2.195  1.00 28.65 ? 31  ASN B C   1 
ATOM 929  O O   . ASN B 1 31  ? -20.608 11.600  -1.166  1.00 31.38 ? 31  ASN B O   1 
ATOM 930  C CB  . ASN B 1 31  ? -23.291 13.273  -1.826  1.00 27.32 ? 31  ASN B CB  1 
ATOM 931  C CG  . ASN B 1 31  ? -24.679 13.532  -2.382  1.00 35.95 ? 31  ASN B CG  1 
ATOM 932  O OD1 . ASN B 1 31  ? -25.213 12.735  -3.162  1.00 39.62 ? 31  ASN B OD1 1 
ATOM 933  N ND2 . ASN B 1 31  ? -25.270 14.656  -1.987  1.00 38.24 ? 31  ASN B ND2 1 
ATOM 934  N N   . LYS B 1 32  ? -20.591 12.244  -3.328  1.00 31.80 ? 32  LYS B N   1 
ATOM 935  C CA  . LYS B 1 32  ? -19.134 12.228  -3.404  1.00 24.84 ? 32  LYS B CA  1 
ATOM 936  C C   . LYS B 1 32  ? -18.513 13.126  -2.341  1.00 24.68 ? 32  LYS B C   1 
ATOM 937  O O   . LYS B 1 32  ? -17.481 12.783  -1.752  1.00 28.78 ? 32  LYS B O   1 
ATOM 938  C CB  . LYS B 1 32  ? -18.687 12.644  -4.806  1.00 29.65 ? 32  LYS B CB  1 
ATOM 939  C CG  . LYS B 1 32  ? -17.180 12.743  -5.002  1.00 38.42 ? 32  LYS B CG  1 
ATOM 940  C CD  . LYS B 1 32  ? -16.855 13.327  -6.369  1.00 39.82 ? 32  LYS B CD  1 
ATOM 941  C CE  . LYS B 1 32  ? -15.358 13.413  -6.606  1.00 44.52 ? 32  LYS B CE  1 
ATOM 942  N NZ  . LYS B 1 32  ? -15.005 14.507  -7.550  1.00 49.45 ? 32  LYS B NZ  1 
ATOM 943  N N   . ALA B 1 33  ? -19.135 14.273  -2.064  1.00 25.18 ? 33  ALA B N   1 
ATOM 944  C CA  . ALA B 1 33  ? -18.585 15.172  -1.054  1.00 26.64 ? 33  ALA B CA  1 
ATOM 945  C C   . ALA B 1 33  ? -18.576 14.524  0.322   1.00 28.93 ? 33  ALA B C   1 
ATOM 946  O O   . ALA B 1 33  ? -17.690 14.806  1.137   1.00 23.18 ? 33  ALA B O   1 
ATOM 947  C CB  . ALA B 1 33  ? -19.371 16.481  -1.024  1.00 22.88 ? 33  ALA B CB  1 
ATOM 948  N N   . LEU B 1 34  ? -19.546 13.650  0.601   1.00 31.62 ? 34  LEU B N   1 
ATOM 949  C CA  . LEU B 1 34  ? -19.518 12.917  1.862   1.00 30.00 ? 34  LEU B CA  1 
ATOM 950  C C   . LEU B 1 34  ? -18.398 11.884  1.869   1.00 30.48 ? 34  LEU B C   1 
ATOM 951  O O   . LEU B 1 34  ? -17.738 11.680  2.897   1.00 26.52 ? 34  LEU B O   1 
ATOM 952  C CB  . LEU B 1 34  ? -20.868 12.251  2.117   1.00 28.08 ? 34  LEU B CB  1 
ATOM 953  C CG  . LEU B 1 34  ? -21.029 11.802  3.570   1.00 28.56 ? 34  LEU B CG  1 
ATOM 954  C CD1 . LEU B 1 34  ? -21.114 13.008  4.490   1.00 37.45 ? 34  LEU B CD1 1 
ATOM 955  C CD2 . LEU B 1 34  ? -22.238 10.939  3.743   1.00 25.14 ? 34  LEU B CD2 1 
ATOM 956  N N   . ILE B 1 35  ? -18.172 11.222  0.733   1.00 27.05 ? 35  ILE B N   1 
ATOM 957  C CA  . ILE B 1 35  ? -17.051 10.296  0.611   1.00 21.12 ? 35  ILE B CA  1 
ATOM 958  C C   . ILE B 1 35  ? -15.734 11.018  0.858   1.00 30.10 ? 35  ILE B C   1 
ATOM 959  O O   . ILE B 1 35  ? -14.854 10.518  1.572   1.00 24.00 ? 35  ILE B O   1 
ATOM 960  C CB  . ILE B 1 35  ? -17.069 9.638   -0.777  1.00 23.79 ? 35  ILE B CB  1 
ATOM 961  C CG1 . ILE B 1 35  ? -18.402 8.930   -1.011  1.00 31.56 ? 35  ILE B CG1 1 
ATOM 962  C CG2 . ILE B 1 35  ? -15.887 8.706   -0.931  1.00 25.27 ? 35  ILE B CG2 1 
ATOM 963  C CD1 . ILE B 1 35  ? -18.725 7.893   0.022   1.00 28.81 ? 35  ILE B CD1 1 
ATOM 964  N N   . GLU B 1 36  ? -15.578 12.211  0.271   1.00 32.72 ? 36  GLU B N   1 
ATOM 965  C CA  . GLU B 1 36  ? -14.302 12.917  0.338   1.00 27.55 ? 36  GLU B CA  1 
ATOM 966  C C   . GLU B 1 36  ? -13.980 13.358  1.758   1.00 24.51 ? 36  GLU B C   1 
ATOM 967  O O   . GLU B 1 36  ? -12.811 13.341  2.167   1.00 22.13 ? 36  GLU B O   1 
ATOM 968  C CB  . GLU B 1 36  ? -14.318 14.118  -0.603  1.00 31.16 ? 36  GLU B CB  1 
ATOM 969  C CG  . GLU B 1 36  ? -14.339 13.756  -2.080  1.00 33.86 ? 36  GLU B CG  1 
ATOM 970  C CD  . GLU B 1 36  ? -14.485 14.976  -2.972  1.00 43.13 ? 36  GLU B CD  1 
ATOM 971  O OE1 . GLU B 1 36  ? -14.126 14.888  -4.162  1.00 42.92 ? 36  GLU B OE1 1 
ATOM 972  O OE2 . GLU B 1 36  ? -14.958 16.025  -2.481  1.00 44.32 ? 36  GLU B OE2 1 
ATOM 973  N N   . ARG B 1 37  ? -15.001 13.753  2.527   1.00 26.84 ? 37  ARG B N   1 
ATOM 974  C CA  . ARG B 1 37  ? -14.760 14.183  3.901   1.00 28.04 ? 37  ARG B CA  1 
ATOM 975  C C   . ARG B 1 37  ? -14.234 13.045  4.760   1.00 29.34 ? 37  ARG B C   1 
ATOM 976  O O   . ARG B 1 37  ? -13.426 13.274  5.667   1.00 30.79 ? 37  ARG B O   1 
ATOM 977  C CB  . ARG B 1 37  ? -16.037 14.754  4.519   1.00 32.60 ? 37  ARG B CB  1 
ATOM 978  C CG  . ARG B 1 37  ? -15.807 15.432  5.865   1.00 41.96 ? 37  ARG B CG  1 
ATOM 979  C CD  . ARG B 1 37  ? -17.061 15.430  6.707   1.00 44.21 ? 37  ARG B CD  1 
ATOM 980  N NE  . ARG B 1 37  ? -18.229 15.774  5.904   1.00 60.94 ? 37  ARG B NE  1 
ATOM 981  C CZ  . ARG B 1 37  ? -19.486 15.636  6.312   1.00 67.01 ? 37  ARG B CZ  1 
ATOM 982  N NH1 . ARG B 1 37  ? -19.748 15.158  7.522   1.00 54.79 ? 37  ARG B NH1 1 
ATOM 983  N NH2 . ARG B 1 37  ? -20.482 15.979  5.506   1.00 68.56 ? 37  ARG B NH2 1 
ATOM 984  N N   . ILE B 1 38  ? -14.672 11.815  4.485   1.00 28.65 ? 38  ILE B N   1 
ATOM 985  C CA  . ILE B 1 38  ? -14.208 10.672  5.261   1.00 21.82 ? 38  ILE B CA  1 
ATOM 986  C C   . ILE B 1 38  ? -12.721 10.442  5.030   1.00 20.95 ? 38  ILE B C   1 
ATOM 987  O O   . ILE B 1 38  ? -11.936 10.373  5.981   1.00 21.09 ? 38  ILE B O   1 
ATOM 988  C CB  . ILE B 1 38  ? -15.040 9.427   4.919   1.00 23.39 ? 38  ILE B CB  1 
ATOM 989  C CG1 . ILE B 1 38  ? -16.506 9.676   5.273   1.00 23.57 ? 38  ILE B CG1 1 
ATOM 990  C CG2 . ILE B 1 38  ? -14.501 8.201   5.646   1.00 27.16 ? 38  ILE B CG2 1 
ATOM 991  C CD1 . ILE B 1 38  ? -17.451 8.606   4.785   1.00 28.70 ? 38  ILE B CD1 1 
ATOM 992  N N   . PHE B 1 39  ? -12.305 10.342  3.764   1.00 23.06 ? 39  PHE B N   1 
ATOM 993  C CA  . PHE B 1 39  ? -10.893 10.101  3.479   1.00 21.69 ? 39  PHE B CA  1 
ATOM 994  C C   . PHE B 1 39  ? -10.024 11.274  3.903   1.00 22.71 ? 39  PHE B C   1 
ATOM 995  O O   . PHE B 1 39  ? -8.881  11.073  4.333   1.00 24.44 ? 39  PHE B O   1 
ATOM 996  C CB  . PHE B 1 39  ? -10.701 9.796   2.000   1.00 20.25 ? 39  PHE B CB  1 
ATOM 997  C CG  . PHE B 1 39  ? -11.241 8.457   1.596   1.00 34.29 ? 39  PHE B CG  1 
ATOM 998  C CD1 . PHE B 1 39  ? -10.617 7.290   2.013   1.00 31.19 ? 39  PHE B CD1 1 
ATOM 999  C CD2 . PHE B 1 39  ? -12.384 8.361   0.820   1.00 27.93 ? 39  PHE B CD2 1 
ATOM 1000 C CE1 . PHE B 1 39  ? -11.111 6.055   1.644   1.00 26.53 ? 39  PHE B CE1 1 
ATOM 1001 C CE2 . PHE B 1 39  ? -12.885 7.125   0.453   1.00 24.66 ? 39  PHE B CE2 1 
ATOM 1002 C CZ  . PHE B 1 39  ? -12.246 5.973   0.863   1.00 27.09 ? 39  PHE B CZ  1 
ATOM 1003 N N   . THR B 1 40  ? -10.537 12.498  3.792   1.00 18.54 ? 40  THR B N   1 
ATOM 1004 C CA  . THR B 1 40  ? -9.792  13.634  4.310   1.00 19.54 ? 40  THR B CA  1 
ATOM 1005 C C   . THR B 1 40  ? -9.514  13.460  5.791   1.00 20.29 ? 40  THR B C   1 
ATOM 1006 O O   . THR B 1 40  ? -8.396  13.710  6.256   1.00 23.25 ? 40  THR B O   1 
ATOM 1007 C CB  . THR B 1 40  ? -10.555 14.930  4.054   1.00 24.37 ? 40  THR B CB  1 
ATOM 1008 O OG1 . THR B 1 40  ? -10.632 15.168  2.642   1.00 24.53 ? 40  THR B OG1 1 
ATOM 1009 C CG2 . THR B 1 40  ? -9.850  16.092  4.732   1.00 11.99 ? 40  THR B CG2 1 
ATOM 1010 N N   . SER B 1 41  ? -10.520 13.011  6.546   1.00 24.08 ? 41  SER B N   1 
ATOM 1011 C CA  . SER B 1 41  ? -10.339 12.766  7.973   1.00 23.82 ? 41  SER B CA  1 
ATOM 1012 C C   . SER B 1 41  ? -9.369  11.619  8.219   1.00 19.20 ? 41  SER B C   1 
ATOM 1013 O O   . SER B 1 41  ? -8.576  11.657  9.165   1.00 20.95 ? 41  SER B O   1 
ATOM 1014 C CB  . SER B 1 41  ? -11.690 12.473  8.624   1.00 23.46 ? 41  SER B CB  1 
ATOM 1015 O OG  . SER B 1 41  ? -11.584 12.431  10.035  1.00 24.84 ? 41  SER B OG  1 
ATOM 1016 N N   . GLN B 1 42  ? -9.421  10.587  7.379   1.00 21.80 ? 42  GLN B N   1 
ATOM 1017 C CA  . GLN B 1 42  ? -8.477  9.487   7.510   1.00 20.39 ? 42  GLN B CA  1 
ATOM 1018 C C   . GLN B 1 42  ? -7.048  9.960   7.273   1.00 24.14 ? 42  GLN B C   1 
ATOM 1019 O O   . GLN B 1 42  ? -6.125  9.555   7.992   1.00 23.58 ? 42  GLN B O   1 
ATOM 1020 C CB  . GLN B 1 42  ? -8.853  8.369   6.542   1.00 19.10 ? 42  GLN B CB  1 
ATOM 1021 C CG  . GLN B 1 42  ? -7.864  7.219   6.503   1.00 18.67 ? 42  GLN B CG  1 
ATOM 1022 C CD  . GLN B 1 42  ? -8.099  6.308   5.318   1.00 28.59 ? 42  GLN B CD  1 
ATOM 1023 O OE1 . GLN B 1 42  ? -8.411  5.132   5.484   1.00 30.85 ? 42  GLN B OE1 1 
ATOM 1024 N NE2 . GLN B 1 42  ? -7.958  6.852   4.108   1.00 30.60 ? 42  GLN B NE2 1 
ATOM 1025 N N   . GLN B 1 43  ? -6.846  10.834  6.279   1.00 23.44 ? 43  GLN B N   1 
ATOM 1026 C CA  . GLN B 1 43  ? -5.509  11.357  6.002   1.00 18.98 ? 43  GLN B CA  1 
ATOM 1027 C C   . GLN B 1 43  ? -4.948  12.111  7.197   1.00 18.10 ? 43  GLN B C   1 
ATOM 1028 O O   . GLN B 1 43  ? -3.811  11.873  7.614   1.00 22.70 ? 43  GLN B O   1 
ATOM 1029 C CB  . GLN B 1 43  ? -5.547  12.265  4.781   1.00 22.43 ? 43  GLN B CB  1 
ATOM 1030 C CG  . GLN B 1 43  ? -4.238  12.355  4.051   1.00 29.00 ? 43  GLN B CG  1 
ATOM 1031 C CD  . GLN B 1 43  ? -4.414  12.812  2.618   1.00 44.10 ? 43  GLN B CD  1 
ATOM 1032 O OE1 . GLN B 1 43  ? -5.434  12.532  1.978   1.00 39.88 ? 43  GLN B OE1 1 
ATOM 1033 N NE2 . GLN B 1 43  ? -3.408  13.501  2.096   1.00 40.25 ? 43  GLN B NE2 1 
ATOM 1034 N N   . LYS B 1 44  ? -5.734  13.021  7.767   1.00 14.82 ? 44  LYS B N   1 
ATOM 1035 C CA  . LYS B 1 44  ? -5.245  13.825  8.880   1.00 23.08 ? 44  LYS B CA  1 
ATOM 1036 C C   . LYS B 1 44  ? -5.026  13.000  10.143  1.00 27.45 ? 44  LYS B C   1 
ATOM 1037 O O   . LYS B 1 44  ? -4.299  13.445  11.039  1.00 29.65 ? 44  LYS B O   1 
ATOM 1038 C CB  . LYS B 1 44  ? -6.213  14.983  9.142   1.00 21.54 ? 44  LYS B CB  1 
ATOM 1039 C CG  . LYS B 1 44  ? -6.532  15.767  7.877   1.00 28.04 ? 44  LYS B CG  1 
ATOM 1040 C CD  . LYS B 1 44  ? -6.991  17.189  8.160   1.00 34.34 ? 44  LYS B CD  1 
ATOM 1041 C CE  . LYS B 1 44  ? -8.472  17.353  7.856   1.00 37.46 ? 44  LYS B CE  1 
ATOM 1042 N NZ  . LYS B 1 44  ? -8.877  18.775  7.655   1.00 32.92 ? 44  LYS B NZ  1 
ATOM 1043 N N   . ILE B 1 45  ? -5.626  11.810  10.234  1.00 25.19 ? 45  ILE B N   1 
ATOM 1044 C CA  . ILE B 1 45  ? -5.370  10.932  11.372  1.00 24.32 ? 45  ILE B CA  1 
ATOM 1045 C C   . ILE B 1 45  ? -4.084  10.141  11.158  1.00 23.42 ? 45  ILE B C   1 
ATOM 1046 O O   . ILE B 1 45  ? -3.256  10.026  12.072  1.00 20.26 ? 45  ILE B O   1 
ATOM 1047 C CB  . ILE B 1 45  ? -6.584  10.014  11.612  1.00 26.90 ? 45  ILE B CB  1 
ATOM 1048 C CG1 . ILE B 1 45  ? -7.776  10.841  12.093  1.00 23.61 ? 45  ILE B CG1 1 
ATOM 1049 C CG2 . ILE B 1 45  ? -6.255  8.909   12.615  1.00 22.88 ? 45  ILE B CG2 1 
ATOM 1050 C CD1 . ILE B 1 45  ? -9.073  10.087  12.091  1.00 23.80 ? 45  ILE B CD1 1 
ATOM 1051 N N   . ILE B 1 46  ? -3.894  9.592   9.952   1.00 23.37 ? 46  ILE B N   1 
ATOM 1052 C CA  . ILE B 1 46  ? -2.611  8.980   9.601   1.00 21.99 ? 46  ILE B CA  1 
ATOM 1053 C C   . ILE B 1 46  ? -1.489  9.979   9.828   1.00 28.59 ? 46  ILE B C   1 
ATOM 1054 O O   . ILE B 1 46  ? -0.517  9.703   10.542  1.00 31.29 ? 46  ILE B O   1 
ATOM 1055 C CB  . ILE B 1 46  ? -2.615  8.490   8.142   1.00 17.87 ? 46  ILE B CB  1 
ATOM 1056 C CG1 . ILE B 1 46  ? -3.763  7.517   7.872   1.00 18.59 ? 46  ILE B CG1 1 
ATOM 1057 C CG2 . ILE B 1 46  ? -1.296  7.837   7.801   1.00 17.05 ? 46  ILE B CG2 1 
ATOM 1058 C CD1 . ILE B 1 46  ? -3.948  7.207   6.398   1.00 17.07 ? 46  ILE B CD1 1 
ATOM 1059 N N   . GLN B 1 47  ? -1.627  11.166  9.227   1.00 25.85 ? 47  GLN B N   1 
ATOM 1060 C CA  . GLN B 1 47  ? -0.577  12.176  9.283   1.00 19.25 ? 47  GLN B CA  1 
ATOM 1061 C C   . GLN B 1 47  ? -0.270  12.575  10.715  1.00 20.86 ? 47  GLN B C   1 
ATOM 1062 O O   . GLN B 1 47  ? 0.897   12.733  11.083  1.00 25.49 ? 47  GLN B O   1 
ATOM 1063 C CB  . GLN B 1 47  ? -0.992  13.394  8.464   1.00 26.47 ? 47  GLN B CB  1 
ATOM 1064 C CG  . GLN B 1 47  ? -0.048  14.577  8.545   1.00 26.58 ? 47  GLN B CG  1 
ATOM 1065 C CD  . GLN B 1 47  ? -0.173  15.472  7.337   1.00 36.46 ? 47  GLN B CD  1 
ATOM 1066 O OE1 . GLN B 1 47  ? -1.050  15.270  6.495   1.00 39.22 ? 47  GLN B OE1 1 
ATOM 1067 N NE2 . GLN B 1 47  ? 0.704   16.467  7.237   1.00 47.81 ? 47  GLN B NE2 1 
ATOM 1068 N N   . ASN B 1 48  ? -1.299  12.727  11.546  1.00 21.12 ? 48  ASN B N   1 
ATOM 1069 C CA  . ASN B 1 48  ? -1.049  13.149  12.917  1.00 23.83 ? 48  ASN B CA  1 
ATOM 1070 C C   . ASN B 1 48  ? -0.408  12.042  13.744  1.00 32.39 ? 48  ASN B C   1 
ATOM 1071 O O   . ASN B 1 48  ? 0.420   12.326  14.618  1.00 33.49 ? 48  ASN B O   1 
ATOM 1072 C CB  . ASN B 1 48  ? -2.346  13.605  13.576  1.00 27.55 ? 48  ASN B CB  1 
ATOM 1073 C CG  . ASN B 1 48  ? -2.125  14.130  14.971  1.00 30.56 ? 48  ASN B CG  1 
ATOM 1074 O OD1 . ASN B 1 48  ? -2.344  13.424  15.956  1.00 32.04 ? 48  ASN B OD1 1 
ATOM 1075 N ND2 . ASN B 1 48  ? -1.663  15.372  15.066  1.00 35.21 ? 48  ASN B ND2 1 
ATOM 1076 N N   . ALA B 1 49  ? -0.776  10.783  13.494  1.00 28.69 ? 49  ALA B N   1 
ATOM 1077 C CA  . ALA B 1 49  ? -0.227  9.694   14.292  1.00 24.24 ? 49  ALA B CA  1 
ATOM 1078 C C   . ALA B 1 49  ? 1.234   9.442   13.947  1.00 29.69 ? 49  ALA B C   1 
ATOM 1079 O O   . ALA B 1 49  ? 2.065   9.263   14.843  1.00 36.16 ? 49  ALA B O   1 
ATOM 1080 C CB  . ALA B 1 49  ? -1.055  8.430   14.092  1.00 30.99 ? 49  ALA B CB  1 
ATOM 1081 N N   . LEU B 1 50  ? 1.566   9.422   12.654  1.00 28.05 ? 50  LEU B N   1 
ATOM 1082 C CA  . LEU B 1 50  ? 2.956   9.234   12.250  1.00 29.24 ? 50  LEU B CA  1 
ATOM 1083 C C   . LEU B 1 50  ? 3.849   10.334  12.813  1.00 34.59 ? 50  LEU B C   1 
ATOM 1084 O O   . LEU B 1 50  ? 4.971   10.066  13.253  1.00 36.68 ? 50  LEU B O   1 
ATOM 1085 C CB  . LEU B 1 50  ? 3.055   9.188   10.727  1.00 23.21 ? 50  LEU B CB  1 
ATOM 1086 C CG  . LEU B 1 50  ? 2.307   8.024   10.086  1.00 21.38 ? 50  LEU B CG  1 
ATOM 1087 C CD1 . LEU B 1 50  ? 2.374   8.089   8.573   1.00 20.74 ? 50  LEU B CD1 1 
ATOM 1088 C CD2 . LEU B 1 50  ? 2.885   6.724   10.603  1.00 26.29 ? 50  LEU B CD2 1 
ATOM 1089 N N   . LYS B 1 51  ? 3.361   11.580  12.817  1.00 35.84 ? 51  LYS B N   1 
ATOM 1090 C CA  . LYS B 1 51  ? 4.095   12.698  13.399  1.00 33.42 ? 51  LYS B CA  1 
ATOM 1091 C C   . LYS B 1 51  ? 4.180   12.617  14.915  1.00 36.67 ? 51  LYS B C   1 
ATOM 1092 O O   . LYS B 1 51  ? 4.862   13.446  15.527  1.00 41.21 ? 51  LYS B O   1 
ATOM 1093 C CB  . LYS B 1 51  ? 3.455   14.024  12.991  1.00 32.59 ? 51  LYS B CB  1 
ATOM 1094 C CG  . LYS B 1 51  ? 3.556   14.327  11.510  1.00 31.31 ? 51  LYS B CG  1 
ATOM 1095 C CD  . LYS B 1 51  ? 2.937   15.675  11.169  1.00 30.92 ? 51  LYS B CD  1 
ATOM 1096 C CE  . LYS B 1 51  ? 3.960   16.621  10.551  1.00 48.68 ? 51  LYS B CE  1 
ATOM 1097 N NZ  . LYS B 1 51  ? 3.355   17.542  9.541   1.00 54.48 ? 51  LYS B NZ  1 
ATOM 1098 N N   . HIS B 1 52  ? 3.495   11.656  15.529  1.00 34.95 ? 52  HIS B N   1 
ATOM 1099 C CA  . HIS B 1 52  ? 3.702   11.298  16.923  1.00 34.56 ? 52  HIS B CA  1 
ATOM 1100 C C   . HIS B 1 52  ? 4.390   9.939   17.036  1.00 42.28 ? 52  HIS B C   1 
ATOM 1101 O O   . HIS B 1 52  ? 4.269   9.262   18.060  1.00 44.54 ? 52  HIS B O   1 
ATOM 1102 C CB  . HIS B 1 52  ? 2.371   11.315  17.681  1.00 38.42 ? 52  HIS B CB  1 
ATOM 1103 C CG  . HIS B 1 52  ? 1.820   12.693  17.909  1.00 44.74 ? 52  HIS B CG  1 
ATOM 1104 N ND1 . HIS B 1 52  ? 1.888   13.691  16.960  1.00 47.83 ? 52  HIS B ND1 1 
ATOM 1105 C CD2 . HIS B 1 52  ? 1.191   13.235  18.979  1.00 43.01 ? 52  HIS B CD2 1 
ATOM 1106 C CE1 . HIS B 1 52  ? 1.329   14.789  17.436  1.00 50.44 ? 52  HIS B CE1 1 
ATOM 1107 N NE2 . HIS B 1 52  ? 0.898   14.539  18.660  1.00 51.71 ? 52  HIS B NE2 1 
ATOM 1108 N N   . ASN B 1 53  ? 5.107   9.534   15.985  1.00 40.77 ? 53  ASN B N   1 
ATOM 1109 C CA  . ASN B 1 53  ? 5.789   8.237   15.902  1.00 50.53 ? 53  ASN B CA  1 
ATOM 1110 C C   . ASN B 1 53  ? 4.889   7.092   16.358  1.00 50.81 ? 53  ASN B C   1 
ATOM 1111 O O   . ASN B 1 53  ? 5.310   6.184   17.080  1.00 51.56 ? 53  ASN B O   1 
ATOM 1112 C CB  . ASN B 1 53  ? 7.106   8.238   16.678  1.00 55.84 ? 53  ASN B CB  1 
ATOM 1113 C CG  . ASN B 1 53  ? 8.177   7.407   15.992  1.00 63.09 ? 53  ASN B CG  1 
ATOM 1114 O OD1 . ASN B 1 53  ? 8.497   6.297   16.422  1.00 63.02 ? 53  ASN B OD1 1 
ATOM 1115 N ND2 . ASN B 1 53  ? 8.711   7.931   14.894  1.00 69.31 ? 53  ASN B ND2 1 
ATOM 1116 N N   . GLN B 1 54  ? 3.633   7.145   15.929  1.00 50.18 ? 54  GLN B N   1 
ATOM 1117 C CA  . GLN B 1 54  ? 2.639   6.120   16.206  1.00 43.46 ? 54  GLN B CA  1 
ATOM 1118 C C   . GLN B 1 54  ? 2.280   5.409   14.906  1.00 40.54 ? 54  GLN B C   1 
ATOM 1119 O O   . GLN B 1 54  ? 2.104   6.052   13.868  1.00 42.29 ? 54  GLN B O   1 
ATOM 1120 C CB  . GLN B 1 54  ? 1.395   6.748   16.842  1.00 45.91 ? 54  GLN B CB  1 
ATOM 1121 C CG  . GLN B 1 54  ? 0.291   5.779   17.216  1.00 52.50 ? 54  GLN B CG  1 
ATOM 1122 C CD  . GLN B 1 54  ? -0.756  6.407   18.129  1.00 54.32 ? 54  GLN B CD  1 
ATOM 1123 O OE1 . GLN B 1 54  ? -0.940  7.626   18.138  1.00 45.93 ? 54  GLN B OE1 1 
ATOM 1124 N NE2 . GLN B 1 54  ? -1.440  5.573   18.908  1.00 49.80 ? 54  GLN B NE2 1 
ATOM 1125 N N   . GLU B 1 55  ? 2.193   4.086   14.956  1.00 40.79 ? 55  GLU B N   1 
ATOM 1126 C CA  . GLU B 1 55  ? 1.874   3.306   13.768  1.00 35.79 ? 55  GLU B CA  1 
ATOM 1127 C C   . GLU B 1 55  ? 0.363   3.211   13.597  1.00 33.67 ? 55  GLU B C   1 
ATOM 1128 O O   . GLU B 1 55  ? -0.398  3.323   14.562  1.00 34.42 ? 55  GLU B O   1 
ATOM 1129 C CB  . GLU B 1 55  ? 2.494   1.910   13.861  1.00 34.47 ? 55  GLU B CB  1 
ATOM 1130 C CG  . GLU B 1 55  ? 3.947   1.934   14.290  1.00 43.02 ? 55  GLU B CG  1 
ATOM 1131 C CD  . GLU B 1 55  ? 4.709   0.691   13.885  1.00 52.93 ? 55  GLU B CD  1 
ATOM 1132 O OE1 . GLU B 1 55  ? 4.829   0.430   12.668  1.00 45.57 ? 55  GLU B OE1 1 
ATOM 1133 O OE2 . GLU B 1 55  ? 5.200   -0.018  14.786  1.00 66.14 ? 55  GLU B OE2 1 
ATOM 1134 N N   . VAL B 1 56  ? -0.071  3.019   12.353  1.00 25.25 ? 56  VAL B N   1 
ATOM 1135 C CA  . VAL B 1 56  ? -1.494  3.010   12.029  1.00 33.35 ? 56  VAL B CA  1 
ATOM 1136 C C   . VAL B 1 56  ? -1.747  2.013   10.904  1.00 30.42 ? 56  VAL B C   1 
ATOM 1137 O O   . VAL B 1 56  ? -0.946  1.893   9.971   1.00 24.79 ? 56  VAL B O   1 
ATOM 1138 C CB  . VAL B 1 56  ? -1.998  4.425   11.650  1.00 26.63 ? 56  VAL B CB  1 
ATOM 1139 C CG1 . VAL B 1 56  ? -1.082  5.076   10.641  1.00 27.29 ? 56  VAL B CG1 1 
ATOM 1140 C CG2 . VAL B 1 56  ? -3.409  4.369   11.110  1.00 29.78 ? 56  VAL B CG2 1 
ATOM 1141 N N   . ILE B 1 57  ? -2.865  1.290   11.003  1.00 26.55 ? 57  ILE B N   1 
ATOM 1142 C CA  . ILE B 1 57  ? -3.289  0.325   9.992   1.00 25.33 ? 57  ILE B CA  1 
ATOM 1143 C C   . ILE B 1 57  ? -4.579  0.828   9.358   1.00 21.13 ? 57  ILE B C   1 
ATOM 1144 O O   . ILE B 1 57  ? -5.516  1.220   10.064  1.00 23.99 ? 57  ILE B O   1 
ATOM 1145 C CB  . ILE B 1 57  ? -3.477  -1.074  10.603  1.00 27.94 ? 57  ILE B CB  1 
ATOM 1146 C CG1 . ILE B 1 57  ? -2.248  -1.454  11.431  1.00 36.02 ? 57  ILE B CG1 1 
ATOM 1147 C CG2 . ILE B 1 57  ? -3.717  -2.103  9.522   1.00 21.48 ? 57  ILE B CG2 1 
ATOM 1148 C CD1 . ILE B 1 57  ? -2.251  -2.881  11.913  1.00 29.44 ? 57  ILE B CD1 1 
ATOM 1149 N N   . ILE B 1 58  ? -4.625  0.832   8.031   1.00 16.86 ? 58  ILE B N   1 
ATOM 1150 C CA  . ILE B 1 58  ? -5.795  1.366   7.337   1.00 24.23 ? 58  ILE B CA  1 
ATOM 1151 C C   . ILE B 1 58  ? -6.337  0.293   6.396   1.00 23.64 ? 58  ILE B C   1 
ATOM 1152 O O   . ILE B 1 58  ? -5.574  -0.552  5.918   1.00 23.27 ? 58  ILE B O   1 
ATOM 1153 C CB  . ILE B 1 58  ? -5.469  2.660   6.563   1.00 23.37 ? 58  ILE B CB  1 
ATOM 1154 C CG1 . ILE B 1 58  ? -4.508  2.375   5.414   1.00 18.99 ? 58  ILE B CG1 1 
ATOM 1155 C CG2 . ILE B 1 58  ? -4.915  3.753   7.492   1.00 20.47 ? 58  ILE B CG2 1 
ATOM 1156 C CD1 . ILE B 1 58  ? -4.582  3.379   4.323   1.00 17.36 ? 58  ILE B CD1 1 
ATOM 1157 N N   . PRO B 1 59  ? -7.648  0.283   6.117   1.00 27.50 ? 59  PRO B N   1 
ATOM 1158 C CA  . PRO B 1 59  ? -8.135  -0.644  5.095   1.00 24.89 ? 59  PRO B CA  1 
ATOM 1159 C C   . PRO B 1 59  ? -7.615  -0.244  3.736   1.00 27.47 ? 59  PRO B C   1 
ATOM 1160 O O   . PRO B 1 59  ? -7.389  0.942   3.457   1.00 29.53 ? 59  PRO B O   1 
ATOM 1161 C CB  . PRO B 1 59  ? -9.673  -0.460  5.189   1.00 23.70 ? 59  PRO B CB  1 
ATOM 1162 C CG  . PRO B 1 59  ? -9.919  0.308   6.439   1.00 24.33 ? 59  PRO B CG  1 
ATOM 1163 C CD  . PRO B 1 59  ? -8.706  1.128   6.670   1.00 22.65 ? 59  PRO B CD  1 
ATOM 1164 N N   . PRO B 1 60  ? -7.406  -1.215  2.840   1.00 27.11 ? 60  PRO B N   1 
ATOM 1165 C CA  . PRO B 1 60  ? -7.686  -2.638  3.036   1.00 26.39 ? 60  PRO B CA  1 
ATOM 1166 C C   . PRO B 1 60  ? -6.498  -3.456  3.527   1.00 31.92 ? 60  PRO B C   1 
ATOM 1167 O O   . PRO B 1 60  ? -6.267  -4.528  2.974   1.00 37.42 ? 60  PRO B O   1 
ATOM 1168 C CB  . PRO B 1 60  ? -8.084  -3.104  1.638   1.00 24.18 ? 60  PRO B CB  1 
ATOM 1169 C CG  . PRO B 1 60  ? -7.348  -2.174  0.698   1.00 26.80 ? 60  PRO B CG  1 
ATOM 1170 C CD  . PRO B 1 60  ? -6.975  -0.923  1.461   1.00 23.54 ? 60  PRO B CD  1 
ATOM 1171 N N   . GLY B 1 61  ? -5.783  -2.998  4.554   1.00 30.73 ? 61  GLY B N   1 
ATOM 1172 C CA  . GLY B 1 61  ? -4.642  -3.761  5.025   1.00 24.72 ? 61  GLY B CA  1 
ATOM 1173 C C   . GLY B 1 61  ? -3.272  -3.248  4.630   1.00 28.01 ? 61  GLY B C   1 
ATOM 1174 O O   . GLY B 1 61  ? -2.477  -3.981  4.032   1.00 33.84 ? 61  GLY B O   1 
ATOM 1175 N N   . ILE B 1 62  ? -3.008  -1.973  4.908   1.00 27.36 ? 62  ILE B N   1 
ATOM 1176 C CA  . ILE B 1 62  ? -1.699  -1.362  4.713   1.00 23.43 ? 62  ILE B CA  1 
ATOM 1177 C C   . ILE B 1 62  ? -1.236  -0.794  6.049   1.00 25.63 ? 62  ILE B C   1 
ATOM 1178 O O   . ILE B 1 62  ? -2.009  -0.113  6.735   1.00 27.58 ? 62  ILE B O   1 
ATOM 1179 C CB  . ILE B 1 62  ? -1.752  -0.268  3.631   1.00 19.03 ? 62  ILE B CB  1 
ATOM 1180 C CG1 . ILE B 1 62  ? -2.082  -0.902  2.279   1.00 20.75 ? 62  ILE B CG1 1 
ATOM 1181 C CG2 . ILE B 1 62  ? -0.435  0.476   3.557   1.00 23.81 ? 62  ILE B CG2 1 
ATOM 1182 C CD1 . ILE B 1 62  ? -2.554  0.079   1.233   1.00 26.50 ? 62  ILE B CD1 1 
ATOM 1183 N N   . LYS B 1 63  ? 0.015   -1.083  6.427   1.00 23.72 ? 63  LYS B N   1 
ATOM 1184 C CA  . LYS B 1 63  ? 0.580   -0.589  7.682   1.00 28.97 ? 63  LYS B CA  1 
ATOM 1185 C C   . LYS B 1 63  ? 1.515   0.585   7.416   1.00 33.38 ? 63  LYS B C   1 
ATOM 1186 O O   . LYS B 1 63  ? 2.356   0.525   6.511   1.00 31.72 ? 63  LYS B O   1 
ATOM 1187 C CB  . LYS B 1 63  ? 1.336   -1.684  8.442   1.00 28.39 ? 63  LYS B CB  1 
ATOM 1188 C CG  . LYS B 1 63  ? 1.663   -1.283  9.891   1.00 33.68 ? 63  LYS B CG  1 
ATOM 1189 C CD  . LYS B 1 63  ? 2.543   -2.293  10.634  1.00 44.25 ? 63  LYS B CD  1 
ATOM 1190 C CE  . LYS B 1 63  ? 2.550   -2.017  12.147  1.00 49.32 ? 63  LYS B CE  1 
ATOM 1191 N NZ  . LYS B 1 63  ? 3.502   -2.875  12.925  1.00 47.73 ? 63  LYS B NZ  1 
ATOM 1192 N N   . PHE B 1 64  ? 1.370   1.641   8.219   1.00 31.89 ? 64  PHE B N   1 
ATOM 1193 C CA  . PHE B 1 64  ? 2.175   2.853   8.107   1.00 28.50 ? 64  PHE B CA  1 
ATOM 1194 C C   . PHE B 1 64  ? 3.203   2.889   9.224   1.00 30.86 ? 64  PHE B C   1 
ATOM 1195 O O   . PHE B 1 64  ? 2.844   2.816   10.405  1.00 33.68 ? 64  PHE B O   1 
ATOM 1196 C CB  . PHE B 1 64  ? 1.302   4.110   8.171   1.00 24.46 ? 64  PHE B CB  1 
ATOM 1197 C CG  . PHE B 1 64  ? 0.552   4.392   6.899   1.00 25.50 ? 64  PHE B CG  1 
ATOM 1198 C CD1 . PHE B 1 64  ? -0.580  3.665   6.575   1.00 23.15 ? 64  PHE B CD1 1 
ATOM 1199 C CD2 . PHE B 1 64  ? 0.984   5.376   6.027   1.00 22.66 ? 64  PHE B CD2 1 
ATOM 1200 C CE1 . PHE B 1 64  ? -1.268  3.915   5.409   1.00 23.82 ? 64  PHE B CE1 1 
ATOM 1201 C CE2 . PHE B 1 64  ? 0.306   5.628   4.854   1.00 24.06 ? 64  PHE B CE2 1 
ATOM 1202 C CZ  . PHE B 1 64  ? -0.824  4.897   4.544   1.00 26.77 ? 64  PHE B CZ  1 
ATOM 1203 N N   . THR B 1 65  ? 4.473   3.017   8.850   1.00 34.03 ? 65  THR B N   1 
ATOM 1204 C CA  . THR B 1 65  ? 5.572   3.081   9.800   1.00 33.91 ? 65  THR B CA  1 
ATOM 1205 C C   . THR B 1 65  ? 6.429   4.304   9.504   1.00 36.43 ? 65  THR B C   1 
ATOM 1206 O O   . THR B 1 65  ? 6.555   4.733   8.351   1.00 36.37 ? 65  THR B O   1 
ATOM 1207 C CB  . THR B 1 65  ? 6.428   1.802   9.741   1.00 31.98 ? 65  THR B CB  1 
ATOM 1208 O OG1 . THR B 1 65  ? 5.584   0.658   9.914   1.00 39.35 ? 65  THR B OG1 1 
ATOM 1209 C CG2 . THR B 1 65  ? 7.492   1.797   10.826  1.00 39.90 ? 65  THR B CG2 1 
ATOM 1210 N N   . VAL B 1 66  ? 7.002   4.878   10.557  1.00 34.17 ? 66  VAL B N   1 
ATOM 1211 C CA  . VAL B 1 66  ? 8.048   5.884   10.425  1.00 37.16 ? 66  VAL B CA  1 
ATOM 1212 C C   . VAL B 1 66  ? 9.380   5.209   10.714  1.00 35.76 ? 66  VAL B C   1 
ATOM 1213 O O   . VAL B 1 66  ? 9.573   4.634   11.793  1.00 36.30 ? 66  VAL B O   1 
ATOM 1214 C CB  . VAL B 1 66  ? 7.818   7.077   11.363  1.00 44.17 ? 66  VAL B CB  1 
ATOM 1215 C CG1 . VAL B 1 66  ? 8.941   8.095   11.197  1.00 42.17 ? 66  VAL B CG1 1 
ATOM 1216 C CG2 . VAL B 1 66  ? 6.478   7.717   11.075  1.00 42.37 ? 66  VAL B CG2 1 
ATOM 1217 N N   . VAL B 1 67  ? 10.295  5.274   9.750   1.00 38.59 ? 67  VAL B N   1 
ATOM 1218 C CA  . VAL B 1 67  ? 11.639  4.734   9.900   1.00 37.77 ? 67  VAL B CA  1 
ATOM 1219 C C   . VAL B 1 67  ? 12.645  5.869   9.783   1.00 35.88 ? 67  VAL B C   1 
ATOM 1220 O O   . VAL B 1 67  ? 12.385  6.893   9.142   1.00 36.26 ? 67  VAL B O   1 
ATOM 1221 C CB  . VAL B 1 67  ? 11.940  3.650   8.849   1.00 33.10 ? 67  VAL B CB  1 
ATOM 1222 C CG1 . VAL B 1 67  ? 11.002  2.480   9.020   1.00 35.13 ? 67  VAL B CG1 1 
ATOM 1223 C CG2 . VAL B 1 67  ? 11.828  4.238   7.454   1.00 26.08 ? 67  VAL B CG2 1 
ATOM 1224 N N   . THR B 1 68  ? 13.804  5.676   10.404  1.00 36.82 ? 68  THR B N   1 
ATOM 1225 C CA  . THR B 1 68  ? 14.939  6.568   10.211  1.00 39.10 ? 68  THR B CA  1 
ATOM 1226 C C   . THR B 1 68  ? 15.797  6.015   9.079   1.00 38.41 ? 68  THR B C   1 
ATOM 1227 O O   . THR B 1 68  ? 16.342  4.911   9.189   1.00 39.56 ? 68  THR B O   1 
ATOM 1228 C CB  . THR B 1 68  ? 15.762  6.710   11.491  1.00 37.04 ? 68  THR B CB  1 
ATOM 1229 O OG1 . THR B 1 68  ? 14.893  6.692   12.630  1.00 48.33 ? 68  THR B OG1 1 
ATOM 1230 C CG2 . THR B 1 68  ? 16.532  8.018   11.477  1.00 38.66 ? 68  THR B CG2 1 
ATOM 1231 N N   . VAL B 1 69  ? 15.900  6.768   7.992   1.00 37.87 ? 69  VAL B N   1 
ATOM 1232 C CA  . VAL B 1 69  ? 16.660  6.345   6.823   1.00 36.51 ? 69  VAL B CA  1 
ATOM 1233 C C   . VAL B 1 69  ? 18.068  6.915   6.930   1.00 43.69 ? 69  VAL B C   1 
ATOM 1234 O O   . VAL B 1 69  ? 18.251  8.136   7.000   1.00 40.81 ? 69  VAL B O   1 
ATOM 1235 C CB  . VAL B 1 69  ? 15.985  6.797   5.522   1.00 34.97 ? 69  VAL B CB  1 
ATOM 1236 C CG1 . VAL B 1 69  ? 16.860  6.457   4.330   1.00 36.94 ? 69  VAL B CG1 1 
ATOM 1237 C CG2 . VAL B 1 69  ? 14.628  6.153   5.385   1.00 40.71 ? 69  VAL B CG2 1 
ATOM 1238 N N   . LYS B 1 70  ? 19.081  6.080   6.772   1.00 47.77 ? 70  LYS B N   1 
ATOM 1239 C CA  . LYS B 1 70  ? 20.480  6.560   6.855   1.00 41.29 ? 70  LYS B CA  1 
ATOM 1240 C C   . LYS B 1 70  ? 20.860  7.395   5.643   1.00 42.52 ? 70  LYS B C   1 
ATOM 1241 O O   . LYS B 1 70  ? 20.203  7.364   4.616   1.00 37.64 ? 70  LYS B O   1 
ATOM 1242 C CB  . LYS B 1 70  ? 21.460  5.387   6.909   1.00 45.60 ? 70  LYS B CB  1 
ATOM 1243 C CG  . LYS B 1 70  ? 21.586  4.699   8.260   1.00 50.20 ? 70  LYS B CG  1 
ATOM 1244 C CD  . LYS B 1 70  ? 22.907  4.026   8.502   1.00 51.38 ? 70  LYS B CD  1 
ATOM 1245 C CE  . LYS B 1 70  ? 23.228  2.967   7.477   1.00 52.91 ? 70  LYS B CE  1 
ATOM 1246 N NZ  . LYS B 1 70  ? 23.779  1.742   8.105   1.00 56.15 ? 70  LYS B NZ  1 
ATOM 1247 N N   . ALA B 1 71  ? 21.965  8.100   5.792   1.00 43.33 ? 71  ALA B N   1 
ATOM 1248 C CA  . ALA B 1 71  ? 22.495  8.909   4.693   1.00 36.34 ? 71  ALA B CA  1 
ATOM 1249 C C   . ALA B 1 71  ? 23.102  7.945   3.700   1.00 38.47 ? 71  ALA B C   1 
ATOM 1250 O O   . ALA B 1 71  ? 23.658  6.966   4.119   1.00 37.82 ? 71  ALA B O   1 
ATOM 1251 C CB  . ALA B 1 71  ? 23.548  9.806   5.228   1.00 29.76 ? 71  ALA B CB  1 
ATOM 1252 N N   . LYS B 1 72  ? 22.937  8.232   2.429   1.00 32.69 ? 72  LYS B N   1 
ATOM 1253 C CA  . LYS B 1 72  ? 23.509  7.399   1.373   1.00 36.82 ? 72  LYS B CA  1 
ATOM 1254 C C   . LYS B 1 72  ? 24.318  8.353   0.515   1.00 44.37 ? 72  LYS B C   1 
ATOM 1255 O O   . LYS B 1 72  ? 23.812  9.400   0.238   1.00 44.31 ? 72  LYS B O   1 
ATOM 1256 C CB  . LYS B 1 72  ? 22.404  6.783   0.516   1.00 50.05 ? 72  LYS B CB  1 
ATOM 1257 C CG  . LYS B 1 72  ? 21.294  6.033   1.235   1.00 55.85 ? 72  LYS B CG  1 
ATOM 1258 C CD  . LYS B 1 72  ? 19.903  6.542   0.882   1.00 59.93 ? 72  LYS B CD  1 
ATOM 1259 C CE  . LYS B 1 72  ? 18.826  5.478   0.768   1.00 73.39 ? 72  LYS B CE  1 
ATOM 1260 N NZ  . LYS B 1 72  ? 18.616  4.728   2.024   1.00 70.47 ? 72  LYS B NZ  1 
ATOM 1261 N N   . PRO B 1 73  ? 25.557  8.047   0.101   1.00 44.56 ? 73  PRO B N   1 
ATOM 1262 C CA  . PRO B 1 73  ? 26.318  8.947   -0.737  1.00 40.88 ? 73  PRO B CA  1 
ATOM 1263 C C   . PRO B 1 73  ? 25.924  8.869   -2.207  1.00 36.47 ? 73  PRO B C   1 
ATOM 1264 O O   . PRO B 1 73  ? 25.353  7.946   -2.573  1.00 43.18 ? 73  PRO B O   1 
ATOM 1265 C CB  . PRO B 1 73  ? 27.694  8.327   -0.596  1.00 35.69 ? 73  PRO B CB  1 
ATOM 1266 C CG  . PRO B 1 73  ? 27.382  6.894   -0.564  1.00 35.90 ? 73  PRO B CG  1 
ATOM 1267 C CD  . PRO B 1 73  ? 26.285  6.861   0.458   1.00 39.60 ? 73  PRO B CD  1 
ATOM 1268 N N   . ALA B 1 74  ? 26.255  9.876   -2.985  1.00 34.24 ? 74  ALA B N   1 
ATOM 1269 C CA  . ALA B 1 74  ? 25.944  9.867   -4.419  1.00 35.24 ? 74  ALA B CA  1 
ATOM 1270 C C   . ALA B 1 74  ? 26.766  8.822   -5.191  1.00 35.79 ? 74  ALA B C   1 
ATOM 1271 O O   . ALA B 1 74  ? 27.835  8.396   -4.754  1.00 41.86 ? 74  ALA B O   1 
ATOM 1272 C CB  . ALA B 1 74  ? 26.159  11.257  -5.005  1.00 39.02 ? 74  ALA B CB  1 
ATOM 1273 N N   . ARG B 1 75  ? 26.160  8.243   -6.217  1.00 42.24 ? 75  ARG B N   1 
ATOM 1274 C CA  . ARG B 1 75  ? 26.769  7.121   -6.967  1.00 37.29 ? 75  ARG B CA  1 
ATOM 1275 C C   . ARG B 1 75  ? 26.420  7.213   -8.441  1.00 34.28 ? 75  ARG B C   1 
ATOM 1276 O O   . ARG B 1 75  ? 25.502  7.860   -8.770  1.00 39.09 ? 75  ARG B O   1 
ATOM 1277 C CB  . ARG B 1 75  ? 26.161  5.803   -6.511  1.00 34.20 ? 75  ARG B CB  1 
ATOM 1278 C CG  . ARG B 1 75  ? 26.542  5.368   -5.116  1.00 30.11 ? 75  ARG B CG  1 
ATOM 1279 C CD  . ARG B 1 75  ? 27.566  4.291   -5.230  1.00 36.75 ? 75  ARG B CD  1 
ATOM 1280 N NE  . ARG B 1 75  ? 27.017  2.984   -5.044  1.00 55.99 ? 75  ARG B NE  1 
ATOM 1281 C CZ  . ARG B 1 75  ? 27.692  1.895   -5.275  1.00 46.84 ? 75  ARG B CZ  1 
ATOM 1282 N NH1 . ARG B 1 75  ? 28.933  1.994   -5.682  1.00 39.46 ? 75  ARG B NH1 1 
ATOM 1283 N NH2 . ARG B 1 75  ? 27.139  0.714   -5.132  1.00 49.74 ? 75  ARG B NH2 1 
ATOM 1284 N N   . GLN B 1 76  ? 27.133  6.478   -9.259  1.00 28.99 ? 76  GLN B N   1 
ATOM 1285 C CA  . GLN B 1 76  ? 27.000  6.521   -10.707 1.00 35.63 ? 76  GLN B CA  1 
ATOM 1286 C C   . GLN B 1 76  ? 26.558  5.158   -11.217 1.00 36.76 ? 76  GLN B C   1 
ATOM 1287 O O   . GLN B 1 76  ? 27.294  4.174   -11.098 1.00 38.83 ? 76  GLN B O   1 
ATOM 1288 C CB  . GLN B 1 76  ? 28.309  6.949   -11.368 1.00 33.95 ? 76  GLN B CB  1 
ATOM 1289 C CG  . GLN B 1 76  ? 28.255  6.896   -12.893 1.00 40.72 ? 76  GLN B CG  1 
ATOM 1290 C CD  . GLN B 1 76  ? 28.848  8.132   -13.545 1.00 53.50 ? 76  GLN B CD  1 
ATOM 1291 O OE1 . GLN B 1 76  ? 30.068  8.309   -13.571 1.00 58.88 ? 76  GLN B OE1 1 
ATOM 1292 N NE2 . GLN B 1 76  ? 27.985  8.995   -14.075 1.00 55.11 ? 76  GLN B NE2 1 
ATOM 1293 N N   . GLY B 1 77  ? 25.367  5.118   -11.815 1.00 34.88 ? 77  GLY B N   1 
ATOM 1294 C CA  . GLY B 1 77  ? 24.819  3.908   -12.376 1.00 30.29 ? 77  GLY B CA  1 
ATOM 1295 C C   . GLY B 1 77  ? 24.936  3.861   -13.889 1.00 43.85 ? 77  GLY B C   1 
ATOM 1296 O O   . GLY B 1 77  ? 25.412  4.787   -14.540 1.00 48.87 ? 77  GLY B O   1 
ATOM 1297 N N   . HIS B 1 78  ? 24.481  2.743   -14.454 1.00 36.12 ? 78  HIS B N   1 
ATOM 1298 C CA  . HIS B 1 78  ? 24.563  2.553   -15.894 1.00 38.40 ? 78  HIS B CA  1 
ATOM 1299 C C   . HIS B 1 78  ? 23.312  1.856   -16.400 1.00 40.95 ? 78  HIS B C   1 
ATOM 1300 O O   . HIS B 1 78  ? 22.853  0.873   -15.810 1.00 40.15 ? 78  HIS B O   1 
ATOM 1301 C CB  . HIS B 1 78  ? 25.818  1.754   -16.274 1.00 43.01 ? 78  HIS B CB  1 
ATOM 1302 C CG  . HIS B 1 78  ? 27.097  2.405   -15.844 1.00 50.11 ? 78  HIS B CG  1 
ATOM 1303 N ND1 . HIS B 1 78  ? 27.560  2.349   -14.547 1.00 49.63 ? 78  HIS B ND1 1 
ATOM 1304 C CD2 . HIS B 1 78  ? 28.001  3.139   -16.535 1.00 42.52 ? 78  HIS B CD2 1 
ATOM 1305 C CE1 . HIS B 1 78  ? 28.697  3.016   -14.459 1.00 45.70 ? 78  HIS B CE1 1 
ATOM 1306 N NE2 . HIS B 1 78  ? 28.987  3.504   -15.652 1.00 46.35 ? 78  HIS B NE2 1 
ATOM 1307 N N   . ASN B 1 79  ? 22.761  2.390   -17.480 1.00 40.67 ? 79  ASN B N   1 
ATOM 1308 C CA  . ASN B 1 79  ? 21.709  1.759   -18.258 1.00 38.40 ? 79  ASN B CA  1 
ATOM 1309 C C   . ASN B 1 79  ? 22.251  0.439   -18.782 1.00 43.10 ? 79  ASN B C   1 
ATOM 1310 O O   . ASN B 1 79  ? 23.128  0.433   -19.655 1.00 40.49 ? 79  ASN B O   1 
ATOM 1311 C CB  . ASN B 1 79  ? 21.282  2.670   -19.408 1.00 49.51 ? 79  ASN B CB  1 
ATOM 1312 C CG  . ASN B 1 79  ? 19.953  2.277   -20.007 1.00 48.34 ? 79  ASN B CG  1 
ATOM 1313 O OD1 . ASN B 1 79  ? 19.217  1.472   -19.438 1.00 56.29 ? 79  ASN B OD1 1 
ATOM 1314 N ND2 . ASN B 1 79  ? 19.635  2.848   -21.164 1.00 39.51 ? 79  ASN B ND2 1 
ATOM 1315 N N   . PRO B 1 80  ? 21.762  -0.694  -18.277 1.00 49.27 ? 80  PRO B N   1 
ATOM 1316 C CA  . PRO B 1 80  ? 22.397  -1.976  -18.615 1.00 44.36 ? 80  PRO B CA  1 
ATOM 1317 C C   . PRO B 1 80  ? 22.382  -2.291  -20.098 1.00 35.31 ? 80  PRO B C   1 
ATOM 1318 O O   . PRO B 1 80  ? 23.234  -3.060  -20.556 1.00 35.02 ? 80  PRO B O   1 
ATOM 1319 C CB  . PRO B 1 80  ? 21.579  -2.998  -17.812 1.00 43.89 ? 80  PRO B CB  1 
ATOM 1320 C CG  . PRO B 1 80  ? 20.262  -2.333  -17.582 1.00 51.56 ? 80  PRO B CG  1 
ATOM 1321 C CD  . PRO B 1 80  ? 20.545  -0.864  -17.466 1.00 45.47 ? 80  PRO B CD  1 
ATOM 1322 N N   . ALA B 1 81  ? 21.467  -1.707  -20.869 1.00 35.83 ? 81  ALA B N   1 
ATOM 1323 C CA  . ALA B 1 81  ? 21.358  -2.037  -22.282 1.00 38.48 ? 81  ALA B CA  1 
ATOM 1324 C C   . ALA B 1 81  ? 22.094  -1.069  -23.199 1.00 42.12 ? 81  ALA B C   1 
ATOM 1325 O O   . ALA B 1 81  ? 22.324  -1.407  -24.366 1.00 44.38 ? 81  ALA B O   1 
ATOM 1326 C CB  . ALA B 1 81  ? 19.885  -2.105  -22.700 1.00 44.13 ? 81  ALA B CB  1 
ATOM 1327 N N   . THR B 1 82  ? 22.467  0.116   -22.716 1.00 43.54 ? 82  THR B N   1 
ATOM 1328 C CA  . THR B 1 82  ? 23.196  1.075   -23.541 1.00 45.13 ? 82  THR B CA  1 
ATOM 1329 C C   . THR B 1 82  ? 24.489  1.577   -22.924 1.00 38.84 ? 82  THR B C   1 
ATOM 1330 O O   . THR B 1 82  ? 25.313  2.141   -23.654 1.00 36.57 ? 82  THR B O   1 
ATOM 1331 C CB  . THR B 1 82  ? 22.319  2.293   -23.869 1.00 44.01 ? 82  THR B CB  1 
ATOM 1332 O OG1 . THR B 1 82  ? 21.617  2.714   -22.691 1.00 46.19 ? 82  THR B OG1 1 
ATOM 1333 C CG2 . THR B 1 82  ? 21.326  1.955   -24.972 1.00 38.77 ? 82  THR B CG2 1 
ATOM 1334 N N   . GLY B 1 83  ? 24.701  1.403   -21.623 1.00 34.82 ? 83  GLY B N   1 
ATOM 1335 C CA  . GLY B 1 83  ? 25.872  1.944   -20.974 1.00 35.44 ? 83  GLY B CA  1 
ATOM 1336 C C   . GLY B 1 83  ? 25.806  3.421   -20.663 1.00 39.64 ? 83  GLY B C   1 
ATOM 1337 O O   . GLY B 1 83  ? 26.792  3.970   -20.153 1.00 37.53 ? 83  GLY B O   1 
ATOM 1338 N N   . GLU B 1 84  ? 24.693  4.087   -20.971 1.00 40.30 ? 84  GLU B N   1 
ATOM 1339 C CA  . GLU B 1 84  ? 24.484  5.474   -20.593 1.00 32.70 ? 84  GLU B CA  1 
ATOM 1340 C C   . GLU B 1 84  ? 24.664  5.629   -19.084 1.00 38.25 ? 84  GLU B C   1 
ATOM 1341 O O   . GLU B 1 84  ? 23.993  4.927   -18.311 1.00 36.70 ? 84  GLU B O   1 
ATOM 1342 C CB  . GLU B 1 84  ? 23.089  5.930   -21.014 1.00 33.31 ? 84  GLU B CB  1 
ATOM 1343 C CG  . GLU B 1 84  ? 22.566  7.184   -20.315 1.00 36.19 ? 84  GLU B CG  1 
ATOM 1344 C CD  . GLU B 1 84  ? 21.090  7.433   -20.596 1.00 39.50 ? 84  GLU B CD  1 
ATOM 1345 O OE1 . GLU B 1 84  ? 20.392  6.469   -20.981 1.00 42.50 ? 84  GLU B OE1 1 
ATOM 1346 O OE2 . GLU B 1 84  ? 20.635  8.592   -20.454 1.00 30.34 ? 84  GLU B OE2 1 
ATOM 1347 N N   . PRO B 1 85  ? 25.566  6.491   -18.629 1.00 40.18 ? 85  PRO B N   1 
ATOM 1348 C CA  . PRO B 1 85  ? 25.704  6.702   -17.187 1.00 41.46 ? 85  PRO B CA  1 
ATOM 1349 C C   . PRO B 1 85  ? 24.525  7.492   -16.647 1.00 37.34 ? 85  PRO B C   1 
ATOM 1350 O O   . PRO B 1 85  ? 23.961  8.355   -17.326 1.00 37.62 ? 85  PRO B O   1 
ATOM 1351 C CB  . PRO B 1 85  ? 27.015  7.487   -17.062 1.00 38.97 ? 85  PRO B CB  1 
ATOM 1352 C CG  . PRO B 1 85  ? 27.162  8.179   -18.372 1.00 41.87 ? 85  PRO B CG  1 
ATOM 1353 C CD  . PRO B 1 85  ? 26.537  7.278   -19.408 1.00 41.38 ? 85  PRO B CD  1 
ATOM 1354 N N   . ILE B 1 86  ? 24.139  7.173   -15.414 1.00 37.30 ? 86  ILE B N   1 
ATOM 1355 C CA  . ILE B 1 86  ? 23.007  7.818   -14.755 1.00 42.75 ? 86  ILE B CA  1 
ATOM 1356 C C   . ILE B 1 86  ? 23.407  8.068   -13.307 1.00 41.32 ? 86  ILE B C   1 
ATOM 1357 O O   . ILE B 1 86  ? 23.534  7.121   -12.521 1.00 41.47 ? 86  ILE B O   1 
ATOM 1358 C CB  . ILE B 1 86  ? 21.719  6.979   -14.834 1.00 39.49 ? 86  ILE B CB  1 
ATOM 1359 C CG1 . ILE B 1 86  ? 21.247  6.861   -16.286 1.00 38.05 ? 86  ILE B CG1 1 
ATOM 1360 C CG2 . ILE B 1 86  ? 20.615  7.603   -13.986 1.00 35.34 ? 86  ILE B CG2 1 
ATOM 1361 C CD1 . ILE B 1 86  ? 20.240  5.760   -16.521 1.00 38.15 ? 86  ILE B CD1 1 
ATOM 1362 N N   . GLN B 1 87  ? 23.616  9.330   -12.954 1.00 40.86 ? 87  GLN B N   1 
ATOM 1363 C CA  . GLN B 1 87  ? 24.033  9.681   -11.605 1.00 46.02 ? 87  GLN B CA  1 
ATOM 1364 C C   . GLN B 1 87  ? 22.854  9.584   -10.641 1.00 40.66 ? 87  GLN B C   1 
ATOM 1365 O O   . GLN B 1 87  ? 21.716  9.899   -10.998 1.00 40.49 ? 87  GLN B O   1 
ATOM 1366 C CB  . GLN B 1 87  ? 24.627  11.091  -11.599 1.00 45.94 ? 87  GLN B CB  1 
ATOM 1367 C CG  . GLN B 1 87  ? 25.015  11.613  -10.226 1.00 52.03 ? 87  GLN B CG  1 
ATOM 1368 C CD  . GLN B 1 87  ? 26.483  11.405  -9.909  1.00 58.23 ? 87  GLN B CD  1 
ATOM 1369 O OE1 . GLN B 1 87  ? 27.158  10.585  -10.533 1.00 58.76 ? 87  GLN B OE1 1 
ATOM 1370 N NE2 . GLN B 1 87  ? 26.985  12.149  -8.930  1.00 61.39 ? 87  GLN B NE2 1 
ATOM 1371 N N   . ILE B 1 88  ? 23.125  9.132   -9.419  1.00 37.76 ? 88  ILE B N   1 
ATOM 1372 C CA  . ILE B 1 88  ? 22.133  9.090   -8.349  1.00 37.99 ? 88  ILE B CA  1 
ATOM 1373 C C   . ILE B 1 88  ? 22.600  10.013  -7.232  1.00 39.79 ? 88  ILE B C   1 
ATOM 1374 O O   . ILE B 1 88  ? 23.686  9.819   -6.673  1.00 43.82 ? 88  ILE B O   1 
ATOM 1375 C CB  . ILE B 1 88  ? 21.909  7.667   -7.817  1.00 42.43 ? 88  ILE B CB  1 
ATOM 1376 C CG1 . ILE B 1 88  ? 21.615  6.704   -8.961  1.00 43.22 ? 88  ILE B CG1 1 
ATOM 1377 C CG2 . ILE B 1 88  ? 20.754  7.641   -6.831  1.00 39.27 ? 88  ILE B CG2 1 
ATOM 1378 C CD1 . ILE B 1 88  ? 21.133  5.361   -8.477  1.00 44.66 ? 88  ILE B CD1 1 
ATOM 1379 N N   . LYS B 1 89  ? 21.767  10.994  -6.895  1.00 43.32 ? 89  LYS B N   1 
ATOM 1380 C CA  . LYS B 1 89  ? 22.115  12.034  -5.936  1.00 42.32 ? 89  LYS B CA  1 
ATOM 1381 C C   . LYS B 1 89  ? 22.176  11.477  -4.515  1.00 46.44 ? 89  LYS B C   1 
ATOM 1382 O O   . LYS B 1 89  ? 21.554  10.459  -4.197  1.00 45.00 ? 89  LYS B O   1 
ATOM 1383 C CB  . LYS B 1 89  ? 21.085  13.163  -6.019  1.00 53.36 ? 89  LYS B CB  1 
ATOM 1384 C CG  . LYS B 1 89  ? 20.597  13.436  -7.448  1.00 55.10 ? 89  LYS B CG  1 
ATOM 1385 C CD  . LYS B 1 89  ? 19.310  14.259  -7.484  1.00 56.13 ? 89  LYS B CD  1 
ATOM 1386 C CE  . LYS B 1 89  ? 18.428  13.866  -8.670  1.00 49.55 ? 89  LYS B CE  1 
ATOM 1387 N NZ  . LYS B 1 89  ? 16.987  13.743  -8.310  1.00 53.43 ? 89  LYS B NZ  1 
ATOM 1388 N N   . ALA B 1 90  ? 22.930  12.163  -3.653  1.00 45.87 ? 90  ALA B N   1 
ATOM 1389 C CA  . ALA B 1 90  ? 23.103  11.729  -2.269  1.00 46.68 ? 90  ALA B CA  1 
ATOM 1390 C C   . ALA B 1 90  ? 21.876  12.077  -1.432  1.00 48.39 ? 90  ALA B C   1 
ATOM 1391 O O   . ALA B 1 90  ? 21.373  13.203  -1.487  1.00 58.20 ? 90  ALA B O   1 
ATOM 1392 C CB  . ALA B 1 90  ? 24.349  12.366  -1.658  1.00 34.03 ? 90  ALA B CB  1 
ATOM 1393 N N   . LYS B 1 91  ? 21.396  11.096  -0.645  1.00 37.94 ? 91  LYS B N   1 
ATOM 1394 C CA  . LYS B 1 91  ? 20.267  11.230  0.274   1.00 39.62 ? 91  LYS B CA  1 
ATOM 1395 C C   . LYS B 1 91  ? 20.780  11.511  1.678   1.00 37.61 ? 91  LYS B C   1 
ATOM 1396 O O   . LYS B 1 91  ? 21.623  10.755  2.181   1.00 44.53 ? 91  LYS B O   1 
ATOM 1397 C CB  . LYS B 1 91  ? 19.423  9.952   0.283   1.00 52.79 ? 91  LYS B CB  1 
ATOM 1398 C CG  . LYS B 1 91  ? 18.669  9.628   -1.019  1.00 59.05 ? 91  LYS B CG  1 
ATOM 1399 C CD  . LYS B 1 91  ? 17.872  8.307   -0.903  1.00 67.42 ? 91  LYS B CD  1 
ATOM 1400 C CE  . LYS B 1 91  ? 17.084  7.972   -2.190  1.00 71.70 ? 91  LYS B CE  1 
ATOM 1401 N NZ  . LYS B 1 91  ? 16.299  6.678   -2.158  1.00 82.28 ? 91  LYS B NZ  1 
ATOM 1402 N N   . PRO B 1 92  ? 20.324  12.562  2.347   1.00 37.64 ? 92  PRO B N   1 
ATOM 1403 C CA  . PRO B 1 92  ? 20.746  12.804  3.730   1.00 37.38 ? 92  PRO B CA  1 
ATOM 1404 C C   . PRO B 1 92  ? 20.015  11.884  4.699   1.00 37.98 ? 92  PRO B C   1 
ATOM 1405 O O   . PRO B 1 92  ? 19.041  11.214  4.357   1.00 48.56 ? 92  PRO B O   1 
ATOM 1406 C CB  . PRO B 1 92  ? 20.361  14.269  3.976   1.00 36.86 ? 92  PRO B CB  1 
ATOM 1407 C CG  . PRO B 1 92  ? 20.015  14.826  2.620   1.00 45.10 ? 92  PRO B CG  1 
ATOM 1408 C CD  . PRO B 1 92  ? 19.508  13.669  1.829   1.00 42.10 ? 92  PRO B CD  1 
ATOM 1409 N N   . GLU B 1 93  ? 20.509  11.864  5.932   1.00 36.45 ? 93  GLU B N   1 
ATOM 1410 C CA  . GLU B 1 93  ? 19.799  11.169  6.998   1.00 39.15 ? 93  GLU B CA  1 
ATOM 1411 C C   . GLU B 1 93  ? 18.447  11.827  7.212   1.00 49.02 ? 93  GLU B C   1 
ATOM 1412 O O   . GLU B 1 93  ? 18.374  12.996  7.603   1.00 51.95 ? 93  GLU B O   1 
ATOM 1413 C CB  . GLU B 1 93  ? 20.615  11.197  8.288   1.00 37.03 ? 93  GLU B CB  1 
ATOM 1414 C CG  . GLU B 1 93  ? 20.047  10.317  9.389   1.00 49.15 ? 93  GLU B CG  1 
ATOM 1415 C CD  . GLU B 1 93  ? 19.574  11.111  10.596  1.00 60.89 ? 93  GLU B CD  1 
ATOM 1416 O OE1 . GLU B 1 93  ? 18.368  11.031  10.932  1.00 48.50 ? 93  GLU B OE1 1 
ATOM 1417 O OE2 . GLU B 1 93  ? 20.413  11.810  11.211  1.00 57.20 ? 93  GLU B OE2 1 
ATOM 1418 N N   . HIS B 1 94  ? 17.373  11.090  6.940   1.00 48.79 ? 94  HIS B N   1 
ATOM 1419 C CA  . HIS B 1 94  ? 16.038  11.643  7.092   1.00 43.77 ? 94  HIS B CA  1 
ATOM 1420 C C   . HIS B 1 94  ? 15.102  10.600  7.680   1.00 38.78 ? 94  HIS B C   1 
ATOM 1421 O O   . HIS B 1 94  ? 15.356  9.395   7.618   1.00 42.64 ? 94  HIS B O   1 
ATOM 1422 C CB  . HIS B 1 94  ? 15.482  12.162  5.757   1.00 42.34 ? 94  HIS B CB  1 
ATOM 1423 C CG  . HIS B 1 94  ? 15.459  11.140  4.660   1.00 46.37 ? 94  HIS B CG  1 
ATOM 1424 N ND1 . HIS B 1 94  ? 14.682  10.003  4.713   1.00 41.62 ? 94  HIS B ND1 1 
ATOM 1425 C CD2 . HIS B 1 94  ? 16.097  11.104  3.465   1.00 47.56 ? 94  HIS B CD2 1 
ATOM 1426 C CE1 . HIS B 1 94  ? 14.849  9.305   3.603   1.00 44.03 ? 94  HIS B CE1 1 
ATOM 1427 N NE2 . HIS B 1 94  ? 15.705  9.950   2.832   1.00 47.81 ? 94  HIS B NE2 1 
ATOM 1428 N N   . LYS B 1 95  ? 14.020  11.089  8.277   1.00 38.59 ? 95  LYS B N   1 
ATOM 1429 C CA  . LYS B 1 95  ? 12.893  10.240  8.628   1.00 36.80 ? 95  LYS B CA  1 
ATOM 1430 C C   . LYS B 1 95  ? 12.018  10.025  7.399   1.00 35.64 ? 95  LYS B C   1 
ATOM 1431 O O   . LYS B 1 95  ? 11.826  10.940  6.591   1.00 36.60 ? 95  LYS B O   1 
ATOM 1432 C CB  . LYS B 1 95  ? 12.079  10.877  9.753   1.00 26.41 ? 95  LYS B CB  1 
ATOM 1433 C CG  . LYS B 1 95  ? 12.858  11.113  11.033  1.00 28.44 ? 95  LYS B CG  1 
ATOM 1434 C CD  . LYS B 1 95  ? 13.021  9.818   11.806  1.00 40.70 ? 95  LYS B CD  1 
ATOM 1435 C CE  . LYS B 1 95  ? 13.541  10.062  13.211  1.00 42.32 ? 95  LYS B CE  1 
ATOM 1436 N NZ  . LYS B 1 95  ? 13.914  8.770   13.858  1.00 40.54 ? 95  LYS B NZ  1 
ATOM 1437 N N   . ALA B 1 96  ? 11.492  8.812   7.245   1.00 33.42 ? 96  ALA B N   1 
ATOM 1438 C CA  . ALA B 1 96  ? 10.649  8.509   6.097   1.00 27.54 ? 96  ALA B CA  1 
ATOM 1439 C C   . ALA B 1 96  ? 9.404   7.754   6.539   1.00 27.29 ? 96  ALA B C   1 
ATOM 1440 O O   . ALA B 1 96  ? 9.377   7.096   7.583   1.00 29.90 ? 96  ALA B O   1 
ATOM 1441 C CB  . ALA B 1 96  ? 11.397  7.697   5.038   1.00 29.12 ? 96  ALA B CB  1 
ATOM 1442 N N   . VAL B 1 97  ? 8.364   7.874   5.722   1.00 29.19 ? 97  VAL B N   1 
ATOM 1443 C CA  . VAL B 1 97  ? 7.148   7.086   5.875   1.00 32.61 ? 97  VAL B CA  1 
ATOM 1444 C C   . VAL B 1 97  ? 7.316   5.812   5.058   1.00 30.63 ? 97  VAL B C   1 
ATOM 1445 O O   . VAL B 1 97  ? 7.579   5.871   3.850   1.00 28.84 ? 97  VAL B O   1 
ATOM 1446 C CB  . VAL B 1 97  ? 5.910   7.873   5.417   1.00 30.20 ? 97  VAL B CB  1 
ATOM 1447 C CG1 . VAL B 1 97  ? 4.692   6.964   5.354   1.00 34.34 ? 97  VAL B CG1 1 
ATOM 1448 C CG2 . VAL B 1 97  ? 5.647   9.047   6.343   1.00 29.65 ? 97  VAL B CG2 1 
ATOM 1449 N N   . LYS B 1 98  ? 7.179   4.661   5.713   1.00 23.50 ? 98  LYS B N   1 
ATOM 1450 C CA  . LYS B 1 98  ? 7.216   3.375   5.033   1.00 28.63 ? 98  LYS B CA  1 
ATOM 1451 C C   . LYS B 1 98  ? 5.858   2.704   5.163   1.00 31.54 ? 98  LYS B C   1 
ATOM 1452 O O   . LYS B 1 98  ? 5.237   2.741   6.232   1.00 28.09 ? 98  LYS B O   1 
ATOM 1453 C CB  . LYS B 1 98  ? 8.320   2.469   5.597   1.00 31.11 ? 98  LYS B CB  1 
ATOM 1454 C CG  . LYS B 1 98  ? 9.617   2.444   4.760   1.00 41.08 ? 98  LYS B CG  1 
ATOM 1455 C CD  . LYS B 1 98  ? 9.947   3.811   4.148   1.00 40.16 ? 98  LYS B CD  1 
ATOM 1456 C CE  . LYS B 1 98  ? 10.898  3.715   2.957   1.00 27.55 ? 98  LYS B CE  1 
ATOM 1457 N NZ  . LYS B 1 98  ? 10.673  4.844   1.994   1.00 28.02 ? 98  LYS B NZ  1 
ATOM 1458 N N   . ILE B 1 99  ? 5.395   2.107   4.064   1.00 28.19 ? 99  ILE B N   1 
ATOM 1459 C CA  . ILE B 1 99  ? 4.130   1.381   4.028   1.00 26.03 ? 99  ILE B CA  1 
ATOM 1460 C C   . ILE B 1 99  ? 4.406   -0.070  3.655   1.00 27.50 ? 99  ILE B C   1 
ATOM 1461 O O   . ILE B 1 99  ? 5.171   -0.345  2.722   1.00 29.76 ? 99  ILE B O   1 
ATOM 1462 C CB  . ILE B 1 99  ? 3.125   2.018   3.048   1.00 23.89 ? 99  ILE B CB  1 
ATOM 1463 C CG1 . ILE B 1 99  ? 3.684   2.057   1.628   1.00 22.31 ? 99  ILE B CG1 1 
ATOM 1464 C CG2 . ILE B 1 99  ? 2.756   3.414   3.498   1.00 28.19 ? 99  ILE B CG2 1 
ATOM 1465 C CD1 . ILE B 1 99  ? 2.695   2.561   0.621   1.00 21.57 ? 99  ILE B CD1 1 
ATOM 1466 N N   . ARG B 1 100 ? 3.784   -0.994  4.382   1.00 31.25 ? 100 ARG B N   1 
ATOM 1467 C CA  . ARG B 1 100 ? 3.890   -2.420  4.103   1.00 31.21 ? 100 ARG B CA  1 
ATOM 1468 C C   . ARG B 1 100 ? 2.506   -2.987  3.812   1.00 28.46 ? 100 ARG B C   1 
ATOM 1469 O O   . ARG B 1 100 ? 1.532   -2.654  4.495   1.00 28.13 ? 100 ARG B O   1 
ATOM 1470 C CB  . ARG B 1 100 ? 4.531   -3.170  5.279   1.00 35.51 ? 100 ARG B CB  1 
ATOM 1471 C CG  . ARG B 1 100 ? 5.060   -4.553  4.927   1.00 40.46 ? 100 ARG B CG  1 
ATOM 1472 C CD  . ARG B 1 100 ? 5.872   -5.138  6.071   1.00 48.05 ? 100 ARG B CD  1 
ATOM 1473 N NE  . ARG B 1 100 ? 5.027   -5.515  7.201   1.00 56.17 ? 100 ARG B NE  1 
ATOM 1474 C CZ  . ARG B 1 100 ? 4.518   -6.729  7.383   1.00 58.79 ? 100 ARG B CZ  1 
ATOM 1475 N NH1 . ARG B 1 100 ? 4.770   -7.697  6.509   1.00 57.53 ? 100 ARG B NH1 1 
ATOM 1476 N NH2 . ARG B 1 100 ? 3.759   -6.979  8.442   1.00 51.75 ? 100 ARG B NH2 1 
ATOM 1477 N N   . ALA B 1 101 ? 2.422   -3.833  2.787   1.00 28.00 ? 101 ALA B N   1 
ATOM 1478 C CA  . ALA B 1 101 ? 1.168   -4.493  2.452   1.00 24.87 ? 101 ALA B CA  1 
ATOM 1479 C C   . ALA B 1 101 ? 0.985   -5.722  3.326   1.00 30.32 ? 101 ALA B C   1 
ATOM 1480 O O   . ALA B 1 101 ? 1.912   -6.520  3.494   1.00 37.49 ? 101 ALA B O   1 
ATOM 1481 C CB  . ALA B 1 101 ? 1.133   -4.890  0.976   1.00 24.13 ? 101 ALA B CB  1 
ATOM 1482 N N   . LEU B 1 102 ? -0.213  -5.869  3.880   1.00 30.51 ? 102 LEU B N   1 
ATOM 1483 C CA  . LEU B 1 102 ? -0.555  -7.000  4.722   1.00 27.70 ? 102 LEU B CA  1 
ATOM 1484 C C   . LEU B 1 102 ? -1.265  -8.068  3.898   1.00 29.36 ? 102 LEU B C   1 
ATOM 1485 O O   . LEU B 1 102 ? -1.424  -7.952  2.681   1.00 29.25 ? 102 LEU B O   1 
ATOM 1486 C CB  . LEU B 1 102 ? -1.414  -6.544  5.902   1.00 25.17 ? 102 LEU B CB  1 
ATOM 1487 C CG  . LEU B 1 102 ? -0.783  -5.421  6.726   1.00 20.48 ? 102 LEU B CG  1 
ATOM 1488 C CD1 . LEU B 1 102 ? -1.697  -4.960  7.842   1.00 19.03 ? 102 LEU B CD1 1 
ATOM 1489 C CD2 . LEU B 1 102 ? 0.556   -5.856  7.278   1.00 28.61 ? 102 LEU B CD2 1 
ATOM 1490 N N   . LYS B 1 103 ? -1.702  -9.120  4.593   1.00 34.06 ? 103 LYS B N   1 
ATOM 1491 C CA  . LYS B 1 103 ? -2.258  -10.301 3.932   1.00 28.41 ? 103 LYS B CA  1 
ATOM 1492 C C   . LYS B 1 103 ? -3.448  -9.993  3.032   1.00 25.13 ? 103 LYS B C   1 
ATOM 1493 O O   . LYS B 1 103 ? -3.479  -10.508 1.899   1.00 25.69 ? 103 LYS B O   1 
ATOM 1494 C CB  . LYS B 1 103 ? -2.626  -11.345 4.991   1.00 31.64 ? 103 LYS B CB  1 
ATOM 1495 C CG  . LYS B 1 103 ? -1.677  -12.525 5.068   1.00 41.15 ? 103 LYS B CG  1 
ATOM 1496 C CD  . LYS B 1 103 ? -2.290  -13.661 5.869   1.00 38.88 ? 103 LYS B CD  1 
ATOM 1497 C CE  . LYS B 1 103 ? -3.643  -14.047 5.307   1.00 36.22 ? 103 LYS B CE  1 
ATOM 1498 N NZ  . LYS B 1 103 ? -3.520  -14.746 3.993   1.00 44.22 ? 103 LYS B NZ  1 
ATOM 1499 N N   . PRO B 1 104 ? -4.451  -9.208  3.450   1.00 20.85 ? 104 PRO B N   1 
ATOM 1500 C CA  . PRO B 1 104 ? -5.594  -8.967  2.552   1.00 23.56 ? 104 PRO B CA  1 
ATOM 1501 C C   . PRO B 1 104 ? -5.201  -8.365  1.217   1.00 30.17 ? 104 PRO B C   1 
ATOM 1502 O O   . PRO B 1 104 ? -5.798  -8.702  0.186   1.00 32.99 ? 104 PRO B O   1 
ATOM 1503 C CB  . PRO B 1 104 ? -6.481  -8.008  3.360   1.00 17.00 ? 104 PRO B CB  1 
ATOM 1504 C CG  . PRO B 1 104 ? -6.105  -8.225  4.763   1.00 19.31 ? 104 PRO B CG  1 
ATOM 1505 C CD  . PRO B 1 104 ? -4.651  -8.573  4.765   1.00 23.77 ? 104 PRO B CD  1 
ATOM 1506 N N   . VAL B 1 105 ? -4.213  -7.470  1.210   1.00 26.09 ? 105 VAL B N   1 
ATOM 1507 C CA  . VAL B 1 105 ? -3.778  -6.866  -0.042  1.00 24.49 ? 105 VAL B CA  1 
ATOM 1508 C C   . VAL B 1 105 ? -3.006  -7.881  -0.873  1.00 22.40 ? 105 VAL B C   1 
ATOM 1509 O O   . VAL B 1 105 ? -3.263  -8.047  -2.071  1.00 25.24 ? 105 VAL B O   1 
ATOM 1510 C CB  . VAL B 1 105 ? -2.960  -5.592  0.238   1.00 26.07 ? 105 VAL B CB  1 
ATOM 1511 C CG1 . VAL B 1 105 ? -2.351  -5.028  -1.044  1.00 19.70 ? 105 VAL B CG1 1 
ATOM 1512 C CG2 . VAL B 1 105 ? -3.852  -4.545  0.891   1.00 22.91 ? 105 VAL B CG2 1 
ATOM 1513 N N   . HIS B 1 106 ? -2.074  -8.603  -0.245  1.00 24.19 ? 106 HIS B N   1 
ATOM 1514 C CA  . HIS B 1 106 ? -1.319  -9.622  -0.969  1.00 29.58 ? 106 HIS B CA  1 
ATOM 1515 C C   . HIS B 1 106 ? -2.205  -10.756 -1.473  1.00 28.82 ? 106 HIS B C   1 
ATOM 1516 O O   . HIS B 1 106 ? -1.795  -11.489 -2.379  1.00 26.13 ? 106 HIS B O   1 
ATOM 1517 C CB  . HIS B 1 106 ? -0.199  -10.174 -0.084  1.00 28.62 ? 106 HIS B CB  1 
ATOM 1518 C CG  . HIS B 1 106 ? 1.059   -9.358  -0.131  1.00 46.65 ? 106 HIS B CG  1 
ATOM 1519 N ND1 . HIS B 1 106 ? 1.618   -8.779  0.991   1.00 36.72 ? 106 HIS B ND1 1 
ATOM 1520 C CD2 . HIS B 1 106 ? 1.854   -9.009  -1.172  1.00 44.10 ? 106 HIS B CD2 1 
ATOM 1521 C CE1 . HIS B 1 106 ? 2.708   -8.118  0.645   1.00 39.00 ? 106 HIS B CE1 1 
ATOM 1522 N NE2 . HIS B 1 106 ? 2.873   -8.239  -0.662  1.00 54.00 ? 106 HIS B NE2 1 
ATOM 1523 N N   . ASP B 1 107 ? -3.414  -10.899 -0.928  1.00 29.06 ? 107 ASP B N   1 
ATOM 1524 C CA  . ASP B 1 107 ? -4.347  -11.936 -1.339  1.00 31.00 ? 107 ASP B CA  1 
ATOM 1525 C C   . ASP B 1 107 ? -5.438  -11.419 -2.275  1.00 29.57 ? 107 ASP B C   1 
ATOM 1526 O O   . ASP B 1 107 ? -6.367  -12.164 -2.599  1.00 34.28 ? 107 ASP B O   1 
ATOM 1527 C CB  . ASP B 1 107 ? -4.977  -12.582 -0.103  1.00 29.24 ? 107 ASP B CB  1 
ATOM 1528 C CG  . ASP B 1 107 ? -3.993  -13.435 0.681   1.00 37.63 ? 107 ASP B CG  1 
ATOM 1529 O OD1 . ASP B 1 107 ? -2.858  -13.651 0.200   1.00 43.02 ? 107 ASP B OD1 1 
ATOM 1530 O OD2 . ASP B 1 107 ? -4.359  -13.892 1.784   1.00 36.31 ? 107 ASP B OD2 1 
ATOM 1531 N N   . MET B 1 108 ? -5.334  -10.169 -2.736  1.00 33.24 ? 108 MET B N   1 
ATOM 1532 C CA  . MET B 1 108 ? -6.442  -9.529  -3.443  1.00 25.98 ? 108 MET B CA  1 
ATOM 1533 C C   . MET B 1 108 ? -6.750  -10.197 -4.776  1.00 31.92 ? 108 MET B C   1 
ATOM 1534 O O   . MET B 1 108 ? -7.885  -10.114 -5.259  1.00 32.76 ? 108 MET B O   1 
ATOM 1535 C CB  . MET B 1 108 ? -6.132  -8.050  -3.662  1.00 25.93 ? 108 MET B CB  1 
ATOM 1536 C CG  . MET B 1 108 ? -7.330  -7.130  -3.555  1.00 27.14 ? 108 MET B CG  1 
ATOM 1537 S SD  . MET B 1 108 ? -6.871  -5.570  -2.782  1.00 23.18 ? 108 MET B SD  1 
ATOM 1538 C CE  . MET B 1 108 ? -8.489  -4.890  -2.419  1.00 19.29 ? 108 MET B CE  1 
ATOM 1539 N N   . LEU B 1 109 ? -5.766  -10.848 -5.394  1.00 33.26 ? 109 LEU B N   1 
ATOM 1540 C CA  . LEU B 1 109 ? -6.016  -11.502 -6.672  1.00 30.93 ? 109 LEU B CA  1 
ATOM 1541 C C   . LEU B 1 109 ? -6.614  -12.891 -6.512  1.00 37.11 ? 109 LEU B C   1 
ATOM 1542 O O   . LEU B 1 109 ? -7.172  -13.424 -7.477  1.00 39.61 ? 109 LEU B O   1 
ATOM 1543 C CB  . LEU B 1 109 ? -4.723  -11.584 -7.477  1.00 32.20 ? 109 LEU B CB  1 
ATOM 1544 C CG  . LEU B 1 109 ? -4.138  -10.229 -7.849  1.00 27.38 ? 109 LEU B CG  1 
ATOM 1545 C CD1 . LEU B 1 109 ? -2.867  -10.403 -8.658  1.00 28.73 ? 109 LEU B CD1 1 
ATOM 1546 C CD2 . LEU B 1 109 ? -5.174  -9.420  -8.614  1.00 31.21 ? 109 LEU B CD2 1 
ATOM 1547 N N   . ASN B 1 110 ? -6.511  -13.483 -5.325  1.00 46.42 ? 110 ASN B N   1 
ATOM 1548 C CA  . ASN B 1 110 ? -7.078  -14.801 -5.052  1.00 43.15 ? 110 ASN B CA  1 
ATOM 1549 C C   . ASN B 1 110 ? -8.593  -14.783 -5.181  1.00 39.52 ? 110 ASN B C   1 
ATOM 1550 O O   . ASN B 1 110 ? -9.178  -15.719 -5.718  1.00 42.96 ? 110 ASN B O   1 
ATOM 1551 C CB  . ASN B 1 110 ? -6.692  -15.278 -3.652  1.00 35.79 ? 110 ASN B CB  1 
ATOM 1552 C CG  . ASN B 1 110 ? -5.281  -15.815 -3.590  1.00 45.86 ? 110 ASN B CG  1 
ATOM 1553 O OD1 . ASN B 1 110 ? -4.810  -16.464 -4.524  1.00 50.71 ? 110 ASN B OD1 1 
ATOM 1554 N ND2 . ASN B 1 110 ? -4.593  -15.543 -2.484  1.00 40.69 ? 110 ASN B ND2 1 
# 
